data_1SJY
# 
_entry.id   1SJY 
# 
_audit_conform.dict_name       mmcif_pdbx.dic 
_audit_conform.dict_version    5.386 
_audit_conform.dict_location   http://mmcif.pdb.org/dictionaries/ascii/mmcif_pdbx.dic 
# 
loop_
_database_2.database_id 
_database_2.database_code 
_database_2.pdbx_database_accession 
_database_2.pdbx_DOI 
PDB   1SJY         pdb_00001sjy 10.2210/pdb1sjy/pdb 
RCSB  RCSB021774   ?            ?                   
WWPDB D_1000021774 ?            ?                   
# 
loop_
_pdbx_audit_revision_history.ordinal 
_pdbx_audit_revision_history.data_content_type 
_pdbx_audit_revision_history.major_revision 
_pdbx_audit_revision_history.minor_revision 
_pdbx_audit_revision_history.revision_date 
1 'Structure model' 1 0 2004-05-11 
2 'Structure model' 1 1 2008-04-29 
3 'Structure model' 1 2 2011-07-13 
4 'Structure model' 1 3 2024-02-14 
# 
_pdbx_audit_revision_details.ordinal             1 
_pdbx_audit_revision_details.revision_ordinal    1 
_pdbx_audit_revision_details.data_content_type   'Structure model' 
_pdbx_audit_revision_details.provider            repository 
_pdbx_audit_revision_details.type                'Initial release' 
_pdbx_audit_revision_details.description         ? 
_pdbx_audit_revision_details.details             ? 
# 
loop_
_pdbx_audit_revision_group.ordinal 
_pdbx_audit_revision_group.revision_ordinal 
_pdbx_audit_revision_group.data_content_type 
_pdbx_audit_revision_group.group 
1 2 'Structure model' 'Version format compliance' 
2 3 'Structure model' 'Version format compliance' 
3 4 'Structure model' 'Data collection'           
4 4 'Structure model' 'Database references'       
# 
loop_
_pdbx_audit_revision_category.ordinal 
_pdbx_audit_revision_category.revision_ordinal 
_pdbx_audit_revision_category.data_content_type 
_pdbx_audit_revision_category.category 
1 4 'Structure model' chem_comp_atom 
2 4 'Structure model' chem_comp_bond 
3 4 'Structure model' database_2     
# 
loop_
_pdbx_audit_revision_item.ordinal 
_pdbx_audit_revision_item.revision_ordinal 
_pdbx_audit_revision_item.data_content_type 
_pdbx_audit_revision_item.item 
1 4 'Structure model' '_database_2.pdbx_DOI'                
2 4 'Structure model' '_database_2.pdbx_database_accession' 
# 
_pdbx_database_status.status_code                     REL 
_pdbx_database_status.entry_id                        1SJY 
_pdbx_database_status.recvd_initial_deposition_date   2004-03-04 
_pdbx_database_status.deposit_site                    RCSB 
_pdbx_database_status.process_site                    RCSB 
_pdbx_database_status.SG_entry                        Y 
_pdbx_database_status.status_code_sf                  REL 
_pdbx_database_status.status_code_mr                  ? 
_pdbx_database_status.pdb_format_compatible           Y 
_pdbx_database_status.status_code_cs                  ? 
_pdbx_database_status.status_code_nmr_data            ? 
_pdbx_database_status.methods_development_category    ? 
# 
_pdbx_database_related.db_name        TargetDB 
_pdbx_database_related.db_id          BSGCAIR30561 
_pdbx_database_related.details        . 
_pdbx_database_related.content_type   unspecified 
# 
loop_
_audit_author.name 
_audit_author.pdbx_ordinal 
'Ranatunga, W.'                              1  
'Hill, E.E.'                                 2  
'Mooster, J.L.'                              3  
'Holbrook, E.L.'                             4  
'Schulze-Gahmen, U.'                         5  
'Xu, W.'                                     6  
'Bessman, M.J.'                              7  
'Brenner, S.E.'                              8  
'Holbrook, S.R.'                             9  
'Berkeley Structural Genomics Center (BSGC)' 10 
# 
_citation.id                        primary 
_citation.title                     
'Structural Studies of the Nudix Hydrolase DR1025 From Deinococcus radiodurans and its Ligand Complexes.' 
_citation.journal_abbrev            J.Mol.Biol. 
_citation.journal_volume            339 
_citation.page_first                103 
_citation.page_last                 116 
_citation.year                      2004 
_citation.journal_id_ASTM           JMOBAK 
_citation.country                   UK 
_citation.journal_id_ISSN           0022-2836 
_citation.journal_id_CSD            0070 
_citation.book_publisher            ? 
_citation.pdbx_database_id_PubMed   15123424 
_citation.pdbx_database_id_DOI      10.1016/j.jmb.2004.01.065 
# 
loop_
_citation_author.citation_id 
_citation_author.name 
_citation_author.ordinal 
_citation_author.identifier_ORCID 
primary 'Ranatunga, W.'      1 ? 
primary 'Hill, E.E.'         2 ? 
primary 'Mooster, J.L.'      3 ? 
primary 'Holbrook, E.L.'     4 ? 
primary 'Schulze-Gahmen, U.' 5 ? 
primary 'Xu, W.'             6 ? 
primary 'Bessman, M.J.'      7 ? 
primary 'Brenner, S.E.'      8 ? 
primary 'Holbrook, S.R.'     9 ? 
# 
loop_
_entity.id 
_entity.type 
_entity.src_method 
_entity.pdbx_description 
_entity.formula_weight 
_entity.pdbx_number_of_molecules 
_entity.pdbx_ec 
_entity.pdbx_mutation 
_entity.pdbx_fragment 
_entity.details 
1 polymer man 'MutT/nudix family protein' 17589.936 1   3.6.1.- ? ? ? 
2 water   nat water                       18.015    102 ?       ? ? ? 
# 
_entity_poly.entity_id                      1 
_entity_poly.type                           'polypeptide(L)' 
_entity_poly.nstd_linkage                   no 
_entity_poly.nstd_monomer                   no 
_entity_poly.pdbx_seq_one_letter_code       
;MEHDERTHVPVELRAAGVVLLNERGDILLVQEKGIPGHPEKAGLWHIPSGAVEDGENPQDAAVREACEETGLRVRPVKFL
GAYLGRFPDGVLILRHVWLAEPEPGQTLAPAFTDEIAEASFVSREDFAQLYAAGQIRMYQTKLFYADALREKGFPALPV
;
_entity_poly.pdbx_seq_one_letter_code_can   
;MEHDERTHVPVELRAAGVVLLNERGDILLVQEKGIPGHPEKAGLWHIPSGAVEDGENPQDAAVREACEETGLRVRPVKFL
GAYLGRFPDGVLILRHVWLAEPEPGQTLAPAFTDEIAEASFVSREDFAQLYAAGQIRMYQTKLFYADALREKGFPALPV
;
_entity_poly.pdbx_strand_id                 A 
_entity_poly.pdbx_target_identifier         BSGCAIR30561 
# 
_pdbx_entity_nonpoly.entity_id   2 
_pdbx_entity_nonpoly.name        water 
_pdbx_entity_nonpoly.comp_id     HOH 
# 
loop_
_entity_poly_seq.entity_id 
_entity_poly_seq.num 
_entity_poly_seq.mon_id 
_entity_poly_seq.hetero 
1 1   MET n 
1 2   GLU n 
1 3   HIS n 
1 4   ASP n 
1 5   GLU n 
1 6   ARG n 
1 7   THR n 
1 8   HIS n 
1 9   VAL n 
1 10  PRO n 
1 11  VAL n 
1 12  GLU n 
1 13  LEU n 
1 14  ARG n 
1 15  ALA n 
1 16  ALA n 
1 17  GLY n 
1 18  VAL n 
1 19  VAL n 
1 20  LEU n 
1 21  LEU n 
1 22  ASN n 
1 23  GLU n 
1 24  ARG n 
1 25  GLY n 
1 26  ASP n 
1 27  ILE n 
1 28  LEU n 
1 29  LEU n 
1 30  VAL n 
1 31  GLN n 
1 32  GLU n 
1 33  LYS n 
1 34  GLY n 
1 35  ILE n 
1 36  PRO n 
1 37  GLY n 
1 38  HIS n 
1 39  PRO n 
1 40  GLU n 
1 41  LYS n 
1 42  ALA n 
1 43  GLY n 
1 44  LEU n 
1 45  TRP n 
1 46  HIS n 
1 47  ILE n 
1 48  PRO n 
1 49  SER n 
1 50  GLY n 
1 51  ALA n 
1 52  VAL n 
1 53  GLU n 
1 54  ASP n 
1 55  GLY n 
1 56  GLU n 
1 57  ASN n 
1 58  PRO n 
1 59  GLN n 
1 60  ASP n 
1 61  ALA n 
1 62  ALA n 
1 63  VAL n 
1 64  ARG n 
1 65  GLU n 
1 66  ALA n 
1 67  CYS n 
1 68  GLU n 
1 69  GLU n 
1 70  THR n 
1 71  GLY n 
1 72  LEU n 
1 73  ARG n 
1 74  VAL n 
1 75  ARG n 
1 76  PRO n 
1 77  VAL n 
1 78  LYS n 
1 79  PHE n 
1 80  LEU n 
1 81  GLY n 
1 82  ALA n 
1 83  TYR n 
1 84  LEU n 
1 85  GLY n 
1 86  ARG n 
1 87  PHE n 
1 88  PRO n 
1 89  ASP n 
1 90  GLY n 
1 91  VAL n 
1 92  LEU n 
1 93  ILE n 
1 94  LEU n 
1 95  ARG n 
1 96  HIS n 
1 97  VAL n 
1 98  TRP n 
1 99  LEU n 
1 100 ALA n 
1 101 GLU n 
1 102 PRO n 
1 103 GLU n 
1 104 PRO n 
1 105 GLY n 
1 106 GLN n 
1 107 THR n 
1 108 LEU n 
1 109 ALA n 
1 110 PRO n 
1 111 ALA n 
1 112 PHE n 
1 113 THR n 
1 114 ASP n 
1 115 GLU n 
1 116 ILE n 
1 117 ALA n 
1 118 GLU n 
1 119 ALA n 
1 120 SER n 
1 121 PHE n 
1 122 VAL n 
1 123 SER n 
1 124 ARG n 
1 125 GLU n 
1 126 ASP n 
1 127 PHE n 
1 128 ALA n 
1 129 GLN n 
1 130 LEU n 
1 131 TYR n 
1 132 ALA n 
1 133 ALA n 
1 134 GLY n 
1 135 GLN n 
1 136 ILE n 
1 137 ARG n 
1 138 MET n 
1 139 TYR n 
1 140 GLN n 
1 141 THR n 
1 142 LYS n 
1 143 LEU n 
1 144 PHE n 
1 145 TYR n 
1 146 ALA n 
1 147 ASP n 
1 148 ALA n 
1 149 LEU n 
1 150 ARG n 
1 151 GLU n 
1 152 LYS n 
1 153 GLY n 
1 154 PHE n 
1 155 PRO n 
1 156 ALA n 
1 157 LEU n 
1 158 PRO n 
1 159 VAL n 
# 
_entity_src_gen.entity_id                          1 
_entity_src_gen.pdbx_src_id                        1 
_entity_src_gen.pdbx_alt_source_flag               sample 
_entity_src_gen.pdbx_seq_type                      ? 
_entity_src_gen.pdbx_beg_seq_num                   ? 
_entity_src_gen.pdbx_end_seq_num                   ? 
_entity_src_gen.gene_src_common_name               ? 
_entity_src_gen.gene_src_genus                     Deinococcus 
_entity_src_gen.pdbx_gene_src_gene                 DR1025 
_entity_src_gen.gene_src_species                   ? 
_entity_src_gen.gene_src_strain                    ? 
_entity_src_gen.gene_src_tissue                    ? 
_entity_src_gen.gene_src_tissue_fraction           ? 
_entity_src_gen.gene_src_details                   ? 
_entity_src_gen.pdbx_gene_src_fragment             ? 
_entity_src_gen.pdbx_gene_src_scientific_name      'Deinococcus radiodurans' 
_entity_src_gen.pdbx_gene_src_ncbi_taxonomy_id     1299 
_entity_src_gen.pdbx_gene_src_variant              ? 
_entity_src_gen.pdbx_gene_src_cell_line            ? 
_entity_src_gen.pdbx_gene_src_atcc                 ? 
_entity_src_gen.pdbx_gene_src_organ                ? 
_entity_src_gen.pdbx_gene_src_organelle            ? 
_entity_src_gen.pdbx_gene_src_cell                 ? 
_entity_src_gen.pdbx_gene_src_cellular_location    ? 
_entity_src_gen.host_org_common_name               ? 
_entity_src_gen.pdbx_host_org_scientific_name      'Escherichia coli' 
_entity_src_gen.pdbx_host_org_ncbi_taxonomy_id     562 
_entity_src_gen.host_org_genus                     Escherichia 
_entity_src_gen.pdbx_host_org_gene                 ? 
_entity_src_gen.pdbx_host_org_organ                ? 
_entity_src_gen.host_org_species                   ? 
_entity_src_gen.pdbx_host_org_tissue               ? 
_entity_src_gen.pdbx_host_org_tissue_fraction      ? 
_entity_src_gen.pdbx_host_org_strain               BL21Tuner 
_entity_src_gen.pdbx_host_org_variant              ? 
_entity_src_gen.pdbx_host_org_cell_line            ? 
_entity_src_gen.pdbx_host_org_atcc                 ? 
_entity_src_gen.pdbx_host_org_culture_collection   ? 
_entity_src_gen.pdbx_host_org_cell                 ? 
_entity_src_gen.pdbx_host_org_organelle            ? 
_entity_src_gen.pdbx_host_org_cellular_location    ? 
_entity_src_gen.pdbx_host_org_vector_type          PLASMID 
_entity_src_gen.pdbx_host_org_vector               ? 
_entity_src_gen.host_org_details                   ? 
_entity_src_gen.expression_system_id               ? 
_entity_src_gen.plasmid_name                       PET24A 
_entity_src_gen.plasmid_details                    ? 
_entity_src_gen.pdbx_description                   ? 
# 
loop_
_chem_comp.id 
_chem_comp.type 
_chem_comp.mon_nstd_flag 
_chem_comp.name 
_chem_comp.pdbx_synonyms 
_chem_comp.formula 
_chem_comp.formula_weight 
ALA 'L-peptide linking' y ALANINE         ? 'C3 H7 N O2'     89.093  
ARG 'L-peptide linking' y ARGININE        ? 'C6 H15 N4 O2 1' 175.209 
ASN 'L-peptide linking' y ASPARAGINE      ? 'C4 H8 N2 O3'    132.118 
ASP 'L-peptide linking' y 'ASPARTIC ACID' ? 'C4 H7 N O4'     133.103 
CYS 'L-peptide linking' y CYSTEINE        ? 'C3 H7 N O2 S'   121.158 
GLN 'L-peptide linking' y GLUTAMINE       ? 'C5 H10 N2 O3'   146.144 
GLU 'L-peptide linking' y 'GLUTAMIC ACID' ? 'C5 H9 N O4'     147.129 
GLY 'peptide linking'   y GLYCINE         ? 'C2 H5 N O2'     75.067  
HIS 'L-peptide linking' y HISTIDINE       ? 'C6 H10 N3 O2 1' 156.162 
HOH non-polymer         . WATER           ? 'H2 O'           18.015  
ILE 'L-peptide linking' y ISOLEUCINE      ? 'C6 H13 N O2'    131.173 
LEU 'L-peptide linking' y LEUCINE         ? 'C6 H13 N O2'    131.173 
LYS 'L-peptide linking' y LYSINE          ? 'C6 H15 N2 O2 1' 147.195 
MET 'L-peptide linking' y METHIONINE      ? 'C5 H11 N O2 S'  149.211 
PHE 'L-peptide linking' y PHENYLALANINE   ? 'C9 H11 N O2'    165.189 
PRO 'L-peptide linking' y PROLINE         ? 'C5 H9 N O2'     115.130 
SER 'L-peptide linking' y SERINE          ? 'C3 H7 N O3'     105.093 
THR 'L-peptide linking' y THREONINE       ? 'C4 H9 N O3'     119.119 
TRP 'L-peptide linking' y TRYPTOPHAN      ? 'C11 H12 N2 O2'  204.225 
TYR 'L-peptide linking' y TYROSINE        ? 'C9 H11 N O3'    181.189 
VAL 'L-peptide linking' y VALINE          ? 'C5 H11 N O2'    117.146 
# 
loop_
_pdbx_poly_seq_scheme.asym_id 
_pdbx_poly_seq_scheme.entity_id 
_pdbx_poly_seq_scheme.seq_id 
_pdbx_poly_seq_scheme.mon_id 
_pdbx_poly_seq_scheme.ndb_seq_num 
_pdbx_poly_seq_scheme.pdb_seq_num 
_pdbx_poly_seq_scheme.auth_seq_num 
_pdbx_poly_seq_scheme.pdb_mon_id 
_pdbx_poly_seq_scheme.auth_mon_id 
_pdbx_poly_seq_scheme.pdb_strand_id 
_pdbx_poly_seq_scheme.pdb_ins_code 
_pdbx_poly_seq_scheme.hetero 
A 1 1   MET 1   1   ?   ?   ?   A . n 
A 1 2   GLU 2   2   2   GLU GLU A . n 
A 1 3   HIS 3   3   3   HIS HIS A . n 
A 1 4   ASP 4   4   4   ASP ASP A . n 
A 1 5   GLU 5   5   5   GLU GLU A . n 
A 1 6   ARG 6   6   6   ARG ARG A . n 
A 1 7   THR 7   7   7   THR THR A . n 
A 1 8   HIS 8   8   8   HIS HIS A . n 
A 1 9   VAL 9   9   9   VAL VAL A . n 
A 1 10  PRO 10  10  10  PRO PRO A . n 
A 1 11  VAL 11  11  11  VAL VAL A . n 
A 1 12  GLU 12  12  12  GLU GLU A . n 
A 1 13  LEU 13  13  13  LEU LEU A . n 
A 1 14  ARG 14  14  14  ARG ARG A . n 
A 1 15  ALA 15  15  15  ALA ALA A . n 
A 1 16  ALA 16  16  16  ALA ALA A . n 
A 1 17  GLY 17  17  17  GLY GLY A . n 
A 1 18  VAL 18  18  18  VAL VAL A . n 
A 1 19  VAL 19  19  19  VAL VAL A . n 
A 1 20  LEU 20  20  20  LEU LEU A . n 
A 1 21  LEU 21  21  21  LEU LEU A . n 
A 1 22  ASN 22  22  22  ASN ASN A . n 
A 1 23  GLU 23  23  23  GLU GLU A . n 
A 1 24  ARG 24  24  24  ARG ARG A . n 
A 1 25  GLY 25  25  25  GLY GLY A . n 
A 1 26  ASP 26  26  26  ASP ASP A . n 
A 1 27  ILE 27  27  27  ILE ILE A . n 
A 1 28  LEU 28  28  28  LEU LEU A . n 
A 1 29  LEU 29  29  29  LEU LEU A . n 
A 1 30  VAL 30  30  30  VAL VAL A . n 
A 1 31  GLN 31  31  31  GLN GLN A . n 
A 1 32  GLU 32  32  32  GLU GLU A . n 
A 1 33  LYS 33  33  33  LYS LYS A . n 
A 1 34  GLY 34  34  34  GLY GLY A . n 
A 1 35  ILE 35  35  35  ILE ILE A . n 
A 1 36  PRO 36  36  ?   ?   ?   A . n 
A 1 37  GLY 37  37  ?   ?   ?   A . n 
A 1 38  HIS 38  38  ?   ?   ?   A . n 
A 1 39  PRO 39  39  ?   ?   ?   A . n 
A 1 40  GLU 40  40  40  GLU GLU A . n 
A 1 41  LYS 41  41  41  LYS LYS A . n 
A 1 42  ALA 42  42  42  ALA ALA A . n 
A 1 43  GLY 43  43  43  GLY GLY A . n 
A 1 44  LEU 44  44  44  LEU LEU A . n 
A 1 45  TRP 45  45  45  TRP TRP A . n 
A 1 46  HIS 46  46  46  HIS HIS A . n 
A 1 47  ILE 47  47  47  ILE ILE A . n 
A 1 48  PRO 48  48  48  PRO PRO A . n 
A 1 49  SER 49  49  49  SER SER A . n 
A 1 50  GLY 50  50  50  GLY GLY A . n 
A 1 51  ALA 51  51  51  ALA ALA A . n 
A 1 52  VAL 52  52  52  VAL VAL A . n 
A 1 53  GLU 53  53  53  GLU GLU A . n 
A 1 54  ASP 54  54  54  ASP ASP A . n 
A 1 55  GLY 55  55  55  GLY GLY A . n 
A 1 56  GLU 56  56  56  GLU GLU A . n 
A 1 57  ASN 57  57  57  ASN ASN A . n 
A 1 58  PRO 58  58  58  PRO PRO A . n 
A 1 59  GLN 59  59  59  GLN GLN A . n 
A 1 60  ASP 60  60  60  ASP ASP A . n 
A 1 61  ALA 61  61  61  ALA ALA A . n 
A 1 62  ALA 62  62  62  ALA ALA A . n 
A 1 63  VAL 63  63  63  VAL VAL A . n 
A 1 64  ARG 64  64  64  ARG ARG A . n 
A 1 65  GLU 65  65  65  GLU GLU A . n 
A 1 66  ALA 66  66  66  ALA ALA A . n 
A 1 67  CYS 67  67  67  CYS CYS A . n 
A 1 68  GLU 68  68  68  GLU GLU A . n 
A 1 69  GLU 69  69  69  GLU GLU A . n 
A 1 70  THR 70  70  70  THR THR A . n 
A 1 71  GLY 71  71  71  GLY GLY A . n 
A 1 72  LEU 72  72  72  LEU LEU A . n 
A 1 73  ARG 73  73  73  ARG ARG A . n 
A 1 74  VAL 74  74  74  VAL VAL A . n 
A 1 75  ARG 75  75  75  ARG ARG A . n 
A 1 76  PRO 76  76  76  PRO PRO A . n 
A 1 77  VAL 77  77  77  VAL VAL A . n 
A 1 78  LYS 78  78  78  LYS LYS A . n 
A 1 79  PHE 79  79  79  PHE PHE A . n 
A 1 80  LEU 80  80  80  LEU LEU A . n 
A 1 81  GLY 81  81  81  GLY GLY A . n 
A 1 82  ALA 82  82  82  ALA ALA A . n 
A 1 83  TYR 83  83  83  TYR TYR A . n 
A 1 84  LEU 84  84  84  LEU LEU A . n 
A 1 85  GLY 85  85  85  GLY GLY A . n 
A 1 86  ARG 86  86  86  ARG ARG A . n 
A 1 87  PHE 87  87  87  PHE PHE A . n 
A 1 88  PRO 88  88  88  PRO PRO A . n 
A 1 89  ASP 89  89  89  ASP ASP A . n 
A 1 90  GLY 90  90  90  GLY GLY A . n 
A 1 91  VAL 91  91  91  VAL VAL A . n 
A 1 92  LEU 92  92  92  LEU LEU A . n 
A 1 93  ILE 93  93  93  ILE ILE A . n 
A 1 94  LEU 94  94  94  LEU LEU A . n 
A 1 95  ARG 95  95  95  ARG ARG A . n 
A 1 96  HIS 96  96  96  HIS HIS A . n 
A 1 97  VAL 97  97  97  VAL VAL A . n 
A 1 98  TRP 98  98  98  TRP TRP A . n 
A 1 99  LEU 99  99  99  LEU LEU A . n 
A 1 100 ALA 100 100 100 ALA ALA A . n 
A 1 101 GLU 101 101 101 GLU GLU A . n 
A 1 102 PRO 102 102 102 PRO PRO A . n 
A 1 103 GLU 103 103 103 GLU GLU A . n 
A 1 104 PRO 104 104 104 PRO PRO A . n 
A 1 105 GLY 105 105 105 GLY GLY A . n 
A 1 106 GLN 106 106 106 GLN GLN A . n 
A 1 107 THR 107 107 107 THR THR A . n 
A 1 108 LEU 108 108 108 LEU LEU A . n 
A 1 109 ALA 109 109 109 ALA ALA A . n 
A 1 110 PRO 110 110 110 PRO PRO A . n 
A 1 111 ALA 111 111 111 ALA ALA A . n 
A 1 112 PHE 112 112 112 PHE PHE A . n 
A 1 113 THR 113 113 113 THR THR A . n 
A 1 114 ASP 114 114 114 ASP ASP A . n 
A 1 115 GLU 115 115 115 GLU GLU A . n 
A 1 116 ILE 116 116 116 ILE ILE A . n 
A 1 117 ALA 117 117 117 ALA ALA A . n 
A 1 118 GLU 118 118 118 GLU GLU A . n 
A 1 119 ALA 119 119 119 ALA ALA A . n 
A 1 120 SER 120 120 120 SER SER A . n 
A 1 121 PHE 121 121 121 PHE PHE A . n 
A 1 122 VAL 122 122 122 VAL VAL A . n 
A 1 123 SER 123 123 123 SER SER A . n 
A 1 124 ARG 124 124 124 ARG ARG A . n 
A 1 125 GLU 125 125 125 GLU GLU A . n 
A 1 126 ASP 126 126 126 ASP ASP A . n 
A 1 127 PHE 127 127 127 PHE PHE A . n 
A 1 128 ALA 128 128 128 ALA ALA A . n 
A 1 129 GLN 129 129 129 GLN GLN A . n 
A 1 130 LEU 130 130 130 LEU LEU A . n 
A 1 131 TYR 131 131 131 TYR TYR A . n 
A 1 132 ALA 132 132 132 ALA ALA A . n 
A 1 133 ALA 133 133 133 ALA ALA A . n 
A 1 134 GLY 134 134 134 GLY GLY A . n 
A 1 135 GLN 135 135 135 GLN GLN A . n 
A 1 136 ILE 136 136 136 ILE ILE A . n 
A 1 137 ARG 137 137 137 ARG ARG A . n 
A 1 138 MET 138 138 138 MET MET A . n 
A 1 139 TYR 139 139 139 TYR TYR A . n 
A 1 140 GLN 140 140 140 GLN GLN A . n 
A 1 141 THR 141 141 141 THR THR A . n 
A 1 142 LYS 142 142 142 LYS LYS A . n 
A 1 143 LEU 143 143 143 LEU LEU A . n 
A 1 144 PHE 144 144 144 PHE PHE A . n 
A 1 145 TYR 145 145 145 TYR TYR A . n 
A 1 146 ALA 146 146 146 ALA ALA A . n 
A 1 147 ASP 147 147 147 ASP ASP A . n 
A 1 148 ALA 148 148 148 ALA ALA A . n 
A 1 149 LEU 149 149 149 LEU LEU A . n 
A 1 150 ARG 150 150 150 ARG ARG A . n 
A 1 151 GLU 151 151 151 GLU GLU A . n 
A 1 152 LYS 152 152 152 LYS LYS A . n 
A 1 153 GLY 153 153 153 GLY GLY A . n 
A 1 154 PHE 154 154 154 PHE PHE A . n 
A 1 155 PRO 155 155 155 PRO PRO A . n 
A 1 156 ALA 156 156 156 ALA ALA A . n 
A 1 157 LEU 157 157 157 LEU LEU A . n 
A 1 158 PRO 158 158 158 PRO PRO A . n 
A 1 159 VAL 159 159 159 VAL VAL A . n 
# 
loop_
_pdbx_nonpoly_scheme.asym_id 
_pdbx_nonpoly_scheme.entity_id 
_pdbx_nonpoly_scheme.mon_id 
_pdbx_nonpoly_scheme.ndb_seq_num 
_pdbx_nonpoly_scheme.pdb_seq_num 
_pdbx_nonpoly_scheme.auth_seq_num 
_pdbx_nonpoly_scheme.pdb_mon_id 
_pdbx_nonpoly_scheme.auth_mon_id 
_pdbx_nonpoly_scheme.pdb_strand_id 
_pdbx_nonpoly_scheme.pdb_ins_code 
B 2 HOH 1   701 701 HOH HOH A . 
B 2 HOH 2   702 702 HOH HOH A . 
B 2 HOH 3   703 703 HOH HOH A . 
B 2 HOH 4   704 704 HOH HOH A . 
B 2 HOH 5   705 705 HOH HOH A . 
B 2 HOH 6   706 706 HOH HOH A . 
B 2 HOH 7   707 707 HOH HOH A . 
B 2 HOH 8   708 708 HOH HOH A . 
B 2 HOH 9   709 709 HOH HOH A . 
B 2 HOH 10  710 710 HOH HOH A . 
B 2 HOH 11  711 711 HOH HOH A . 
B 2 HOH 12  712 712 HOH HOH A . 
B 2 HOH 13  713 713 HOH HOH A . 
B 2 HOH 14  714 714 HOH HOH A . 
B 2 HOH 15  715 715 HOH HOH A . 
B 2 HOH 16  716 716 HOH HOH A . 
B 2 HOH 17  717 717 HOH HOH A . 
B 2 HOH 18  718 718 HOH HOH A . 
B 2 HOH 19  719 719 HOH HOH A . 
B 2 HOH 20  720 720 HOH HOH A . 
B 2 HOH 21  721 721 HOH HOH A . 
B 2 HOH 22  722 722 HOH HOH A . 
B 2 HOH 23  723 723 HOH HOH A . 
B 2 HOH 24  724 724 HOH HOH A . 
B 2 HOH 25  725 725 HOH HOH A . 
B 2 HOH 26  726 726 HOH HOH A . 
B 2 HOH 27  727 727 HOH HOH A . 
B 2 HOH 28  728 728 HOH HOH A . 
B 2 HOH 29  729 729 HOH HOH A . 
B 2 HOH 30  730 730 HOH HOH A . 
B 2 HOH 31  731 731 HOH HOH A . 
B 2 HOH 32  732 732 HOH HOH A . 
B 2 HOH 33  733 733 HOH HOH A . 
B 2 HOH 34  734 734 HOH HOH A . 
B 2 HOH 35  735 735 HOH HOH A . 
B 2 HOH 36  736 736 HOH HOH A . 
B 2 HOH 37  737 737 HOH HOH A . 
B 2 HOH 38  738 738 HOH HOH A . 
B 2 HOH 39  739 739 HOH HOH A . 
B 2 HOH 40  740 740 HOH HOH A . 
B 2 HOH 41  741 741 HOH HOH A . 
B 2 HOH 42  742 742 HOH HOH A . 
B 2 HOH 43  743 743 HOH HOH A . 
B 2 HOH 44  744 744 HOH HOH A . 
B 2 HOH 45  745 745 HOH HOH A . 
B 2 HOH 46  746 746 HOH HOH A . 
B 2 HOH 47  747 747 HOH HOH A . 
B 2 HOH 48  748 748 HOH HOH A . 
B 2 HOH 49  749 749 HOH HOH A . 
B 2 HOH 50  750 750 HOH HOH A . 
B 2 HOH 51  751 751 HOH HOH A . 
B 2 HOH 52  752 752 HOH HOH A . 
B 2 HOH 53  753 753 HOH HOH A . 
B 2 HOH 54  754 754 HOH HOH A . 
B 2 HOH 55  755 755 HOH HOH A . 
B 2 HOH 56  756 756 HOH HOH A . 
B 2 HOH 57  757 757 HOH HOH A . 
B 2 HOH 58  758 758 HOH HOH A . 
B 2 HOH 59  759 759 HOH HOH A . 
B 2 HOH 60  760 760 HOH HOH A . 
B 2 HOH 61  761 761 HOH HOH A . 
B 2 HOH 62  762 762 HOH HOH A . 
B 2 HOH 63  763 763 HOH HOH A . 
B 2 HOH 64  764 764 HOH HOH A . 
B 2 HOH 65  765 765 HOH HOH A . 
B 2 HOH 66  766 766 HOH HOH A . 
B 2 HOH 67  767 767 HOH HOH A . 
B 2 HOH 68  768 768 HOH HOH A . 
B 2 HOH 69  769 769 HOH HOH A . 
B 2 HOH 70  770 770 HOH HOH A . 
B 2 HOH 71  771 771 HOH HOH A . 
B 2 HOH 72  772 772 HOH HOH A . 
B 2 HOH 73  773 773 HOH HOH A . 
B 2 HOH 74  774 774 HOH HOH A . 
B 2 HOH 75  775 775 HOH HOH A . 
B 2 HOH 76  776 776 HOH HOH A . 
B 2 HOH 77  777 777 HOH HOH A . 
B 2 HOH 78  778 778 HOH HOH A . 
B 2 HOH 79  779 779 HOH HOH A . 
B 2 HOH 80  780 780 HOH HOH A . 
B 2 HOH 81  781 781 HOH HOH A . 
B 2 HOH 82  782 782 HOH HOH A . 
B 2 HOH 83  783 783 HOH HOH A . 
B 2 HOH 84  784 784 HOH HOH A . 
B 2 HOH 85  785 785 HOH HOH A . 
B 2 HOH 86  786 786 HOH HOH A . 
B 2 HOH 87  787 787 HOH HOH A . 
B 2 HOH 88  788 788 HOH HOH A . 
B 2 HOH 89  789 789 HOH HOH A . 
B 2 HOH 90  790 790 HOH HOH A . 
B 2 HOH 91  791 791 HOH HOH A . 
B 2 HOH 92  792 792 HOH HOH A . 
B 2 HOH 93  793 793 HOH HOH A . 
B 2 HOH 94  794 794 HOH HOH A . 
B 2 HOH 95  795 795 HOH HOH A . 
B 2 HOH 96  796 796 HOH HOH A . 
B 2 HOH 97  797 797 HOH HOH A . 
B 2 HOH 98  798 798 HOH HOH A . 
B 2 HOH 99  799 799 HOH HOH A . 
B 2 HOH 100 800 800 HOH HOH A . 
B 2 HOH 101 801 801 HOH HOH A . 
B 2 HOH 102 802 802 HOH HOH A . 
# 
loop_
_software.name 
_software.classification 
_software.version 
_software.citation_id 
_software.pdbx_ordinal 
HKL-2000  'data collection' .   ? 1 
SCALEPACK 'data scaling'    .   ? 2 
SOLVE     phasing           .   ? 3 
CNS       refinement        1.1 ? 4 
HKL-2000  'data reduction'  .   ? 5 
CNS       phasing           1.1 ? 6 
# 
_cell.entry_id           1SJY 
_cell.length_a           53.210 
_cell.length_b           53.210 
_cell.length_c           122.516 
_cell.angle_alpha        90.00 
_cell.angle_beta         90.00 
_cell.angle_gamma        90.00 
_cell.Z_PDB              8 
_cell.pdbx_unique_axis   ? 
# 
_symmetry.entry_id                         1SJY 
_symmetry.space_group_name_H-M             'P 41 21 2' 
_symmetry.pdbx_full_space_group_name_H-M   ? 
_symmetry.cell_setting                     ? 
_symmetry.Int_Tables_number                92 
# 
_exptl.entry_id          1SJY 
_exptl.method            'X-RAY DIFFRACTION' 
_exptl.crystals_number   2 
# 
_exptl_crystal.id                    1 
_exptl_crystal.density_meas          ? 
_exptl_crystal.density_percent_sol   50.07 
_exptl_crystal.description           ? 
_exptl_crystal.density_Matthews      2.45 
# 
_exptl_crystal_grow.crystal_id      1 
_exptl_crystal_grow.method          'VAPOR DIFFUSION, HANGING DROP' 
_exptl_crystal_grow.temp            295 
_exptl_crystal_grow.temp_details    K 
_exptl_crystal_grow.pH              4.5 
_exptl_crystal_grow.pdbx_details    'sodium acetate, sodium formate, pH 4.5, VAPOR DIFFUSION, HANGING DROP, temperature 295K' 
_exptl_crystal_grow.pdbx_pH_range   . 
# 
_diffrn.id                     1 
_diffrn.ambient_temp           100.0 
_diffrn.ambient_temp_details   ? 
_diffrn.crystal_id             1 
# 
_diffrn_detector.diffrn_id              1 
_diffrn_detector.detector               CCD 
_diffrn_detector.type                   'ADSC QUANTUM 4' 
_diffrn_detector.pdbx_collection_date   2002-07-01 
_diffrn_detector.details                ? 
# 
_diffrn_radiation.diffrn_id                        1 
_diffrn_radiation.wavelength_id                    1 
_diffrn_radiation.pdbx_monochromatic_or_laue_m_l   M 
_diffrn_radiation.monochromator                    'Si(220), cylindrically bent' 
_diffrn_radiation.pdbx_diffrn_protocol             'SINGLE WAVELENGTH' 
_diffrn_radiation.pdbx_scattering_type             x-ray 
# 
_diffrn_radiation_wavelength.id           1 
_diffrn_radiation_wavelength.wavelength   1.0 
_diffrn_radiation_wavelength.wt           1.0 
# 
_diffrn_source.diffrn_id                   1 
_diffrn_source.source                      SYNCHROTRON 
_diffrn_source.type                        'NSLS BEAMLINE X25' 
_diffrn_source.pdbx_synchrotron_site       NSLS 
_diffrn_source.pdbx_synchrotron_beamline   X25 
_diffrn_source.pdbx_wavelength             ? 
_diffrn_source.pdbx_wavelength_list        1.0 
# 
_reflns.entry_id                     1SJY 
_reflns.observed_criterion_sigma_I   1.0 
_reflns.observed_criterion_sigma_F   1.0 
_reflns.d_resolution_low             100 
_reflns.d_resolution_high            1.39 
_reflns.number_obs                   35334 
_reflns.number_all                   35337 
_reflns.percent_possible_obs         98.4 
_reflns.pdbx_Rmerge_I_obs            0.058 
_reflns.pdbx_Rsym_value              0.058 
_reflns.pdbx_netI_over_sigmaI        56.1 
_reflns.B_iso_Wilson_estimate        ? 
_reflns.pdbx_redundancy              10.6 
_reflns.R_free_details               ? 
_reflns.limit_h_max                  ? 
_reflns.limit_h_min                  ? 
_reflns.limit_k_max                  ? 
_reflns.limit_k_min                  ? 
_reflns.limit_l_max                  ? 
_reflns.limit_l_min                  ? 
_reflns.observed_criterion_F_max     ? 
_reflns.observed_criterion_F_min     ? 
_reflns.pdbx_diffrn_id               1 
_reflns.pdbx_ordinal                 1 
# 
_reflns_shell.d_res_high             1.39 
_reflns_shell.d_res_low              1.44 
_reflns_shell.percent_possible_all   89.5 
_reflns_shell.Rmerge_I_obs           0.344 
_reflns_shell.pdbx_Rsym_value        0.058 
_reflns_shell.meanI_over_sigI_obs    4.4 
_reflns_shell.pdbx_redundancy        3.8 
_reflns_shell.percent_possible_obs   ? 
_reflns_shell.number_unique_all      35874 
_reflns_shell.pdbx_diffrn_id         ? 
_reflns_shell.pdbx_ordinal           1 
# 
_refine.entry_id                                 1SJY 
_refine.ls_number_reflns_obs                     35334 
_refine.ls_number_reflns_all                     35537 
_refine.pdbx_ls_sigma_I                          1.0 
_refine.pdbx_ls_sigma_F                          0.0 
_refine.pdbx_data_cutoff_high_absF               1092.6 
_refine.pdbx_data_cutoff_low_absF                4.3 
_refine.pdbx_data_cutoff_high_rms_absF           ? 
_refine.ls_d_res_low                             100.0 
_refine.ls_d_res_high                            1.39 
_refine.ls_percent_reflns_obs                    98.4 
_refine.ls_R_factor_obs                          0.228 
_refine.ls_R_factor_all                          0.229 
_refine.ls_R_factor_R_work                       0.228 
_refine.ls_R_factor_R_free                       0.242 
_refine.ls_R_factor_R_free_error                 0.004 
_refine.ls_R_factor_R_free_error_details         ? 
_refine.ls_percent_reflns_R_free                 9.9 
_refine.ls_number_reflns_R_free                  3520 
_refine.ls_number_parameters                     ? 
_refine.ls_number_restraints                     ? 
_refine.occupancy_min                            ? 
_refine.occupancy_max                            ? 
_refine.correlation_coeff_Fo_to_Fc               ? 
_refine.correlation_coeff_Fo_to_Fc_free          ? 
_refine.B_iso_mean                               17.75 
_refine.aniso_B[1][1]                            -0.822 
_refine.aniso_B[2][2]                            -0.822 
_refine.aniso_B[3][3]                            1.645 
_refine.aniso_B[1][2]                            0.00000 
_refine.aniso_B[1][3]                            0.00000 
_refine.aniso_B[2][3]                            0.00000 
_refine.solvent_model_details                    'FLAT MODEL' 
_refine.solvent_model_param_ksol                 0.47 
_refine.solvent_model_param_bsol                 50.8 
_refine.pdbx_solvent_vdw_probe_radii             ? 
_refine.pdbx_solvent_ion_probe_radii             ? 
_refine.pdbx_solvent_shrinkage_radii             ? 
_refine.pdbx_ls_cross_valid_method               THROUGHOUT 
_refine.details                                  ? 
_refine.pdbx_starting_model                      ? 
_refine.pdbx_method_to_determine_struct          SAD 
_refine.pdbx_isotropic_thermal_model             RESTRAINED 
_refine.pdbx_stereochemistry_target_values       'ENGH & HUBER' 
_refine.pdbx_stereochem_target_val_spec_case     ? 
_refine.pdbx_R_Free_selection_details            RANDOM 
_refine.pdbx_overall_ESU_R                       ? 
_refine.pdbx_overall_ESU_R_Free                  ? 
_refine.overall_SU_ML                            ? 
_refine.overall_SU_B                             ? 
_refine.ls_redundancy_reflns_obs                 ? 
_refine.B_iso_min                                ? 
_refine.B_iso_max                                ? 
_refine.overall_SU_R_Cruickshank_DPI             ? 
_refine.overall_SU_R_free                        ? 
_refine.pdbx_refine_id                           'X-RAY DIFFRACTION' 
_refine.pdbx_diffrn_id                           1 
_refine.pdbx_TLS_residual_ADP_flag               ? 
_refine.pdbx_overall_phase_error                 ? 
_refine.pdbx_overall_SU_R_free_Cruickshank_DPI   ? 
_refine.pdbx_overall_SU_R_Blow_DPI               ? 
_refine.pdbx_overall_SU_R_free_Blow_DPI          ? 
# 
_refine_analyze.entry_id                        1SJY 
_refine_analyze.Luzzati_coordinate_error_obs    0.18 
_refine_analyze.Luzzati_sigma_a_obs             0.03 
_refine_analyze.Luzzati_d_res_low_obs           5.00 
_refine_analyze.Luzzati_coordinate_error_free   0.19 
_refine_analyze.Luzzati_sigma_a_free            0.06 
_refine_analyze.Luzzati_d_res_low_free          ? 
_refine_analyze.number_disordered_residues      ? 
_refine_analyze.occupancy_sum_hydrogen          ? 
_refine_analyze.occupancy_sum_non_hydrogen      ? 
_refine_analyze.pdbx_Luzzati_d_res_high_obs     ? 
_refine_analyze.pdbx_refine_id                  'X-RAY DIFFRACTION' 
# 
_refine_hist.pdbx_refine_id                   'X-RAY DIFFRACTION' 
_refine_hist.cycle_id                         LAST 
_refine_hist.pdbx_number_atoms_protein        1219 
_refine_hist.pdbx_number_atoms_nucleic_acid   0 
_refine_hist.pdbx_number_atoms_ligand         0 
_refine_hist.number_atoms_solvent             102 
_refine_hist.number_atoms_total               1321 
_refine_hist.d_res_high                       1.39 
_refine_hist.d_res_low                        100.0 
# 
loop_
_refine_ls_restr.type 
_refine_ls_restr.dev_ideal 
_refine_ls_restr.dev_ideal_target 
_refine_ls_restr.weight 
_refine_ls_restr.number 
_refine_ls_restr.pdbx_refine_id 
_refine_ls_restr.pdbx_restraint_function 
c_bond_d           0.004 ? ? ? 'X-RAY DIFFRACTION' ? 
c_angle_deg        1.278 ? ? ? 'X-RAY DIFFRACTION' ? 
c_dihedral_angle_d 23.47 ? ? ? 'X-RAY DIFFRACTION' ? 
c_improper_angle_d 0.750 ? ? ? 'X-RAY DIFFRACTION' ? 
c_mcbond_it        1.115 ? ? ? 'X-RAY DIFFRACTION' ? 
c_mcangle_it       1.790 ? ? ? 'X-RAY DIFFRACTION' ? 
c_scbond_it        1.846 ? ? ? 'X-RAY DIFFRACTION' ? 
c_scangle_it       2.654 ? ? ? 'X-RAY DIFFRACTION' ? 
# 
_refine_ls_shell.pdbx_total_number_of_bins_used   10 
_refine_ls_shell.d_res_high                       1.39 
_refine_ls_shell.d_res_low                        1.44 
_refine_ls_shell.number_reflns_R_work             3 
_refine_ls_shell.R_factor_R_work                  0.281 
_refine_ls_shell.percent_reflns_obs               89.50 
_refine_ls_shell.R_factor_R_free                  0.326 
_refine_ls_shell.R_factor_R_free_error            0. 
_refine_ls_shell.percent_reflns_R_free            10.00 
_refine_ls_shell.number_reflns_R_free             386 
_refine_ls_shell.number_reflns_obs                35874 
_refine_ls_shell.redundancy_reflns_obs            ? 
_refine_ls_shell.number_reflns_all                ? 
_refine_ls_shell.pdbx_refine_id                   'X-RAY DIFFRACTION' 
_refine_ls_shell.R_factor_all                     ? 
# 
loop_
_pdbx_xplor_file.serial_no 
_pdbx_xplor_file.param_file 
_pdbx_xplor_file.topol_file 
_pdbx_xplor_file.pdbx_refine_id 
1 PROTEIN_REP.PARAM PROTEIN.TOP 'X-RAY DIFFRACTION' 
2 WATER_REP.PARAM   ?           'X-RAY DIFFRACTION' 
# 
_struct.entry_id                  1SJY 
_struct.title                     'Crystal Structure of NUDIX HYDROLASE DR1025 FROM DEINOCOCCUS RADIODURANS' 
_struct.pdbx_model_details        ? 
_struct.pdbx_CASP_flag            ? 
_struct.pdbx_model_type_details   ? 
# 
_struct_keywords.entry_id        1SJY 
_struct_keywords.pdbx_keywords   HYDROLASE 
_struct_keywords.text            
;NUDIX FOLD, alpha-beta-alpha sandwich, Structural Genomics, BSGC structure funded by NIH, Protein Structure Initiative, PSI, Berkeley Structural Genomics Center, HYDROLASE
;
# 
loop_
_struct_asym.id 
_struct_asym.pdbx_blank_PDB_chainid_flag 
_struct_asym.pdbx_modified 
_struct_asym.entity_id 
_struct_asym.details 
A N N 1 ? 
B N N 2 ? 
# 
_struct_ref.id                         1 
_struct_ref.db_name                    UNP 
_struct_ref.db_code                    Q9RVK2_DEIRA 
_struct_ref.pdbx_db_accession          Q9RVK2 
_struct_ref.entity_id                  1 
_struct_ref.pdbx_seq_one_letter_code   
;MEHDERTHVPVELRAAGVVLLNERGDILLVQEKGIPGHPEKAGLWHIPSGAVEDGENPQDAAVREACEETGLRVRPVKFL
GAYLGRFPDGVLILRHVWLAEPEPGQTLAPAFTDEIAEASFVSREDFAQLYAAGQIRMYQTKLFYADALREKGFPALPV
;
_struct_ref.pdbx_align_begin           1 
_struct_ref.pdbx_db_isoform            ? 
# 
_struct_ref_seq.align_id                      1 
_struct_ref_seq.ref_id                        1 
_struct_ref_seq.pdbx_PDB_id_code              1SJY 
_struct_ref_seq.pdbx_strand_id                A 
_struct_ref_seq.seq_align_beg                 1 
_struct_ref_seq.pdbx_seq_align_beg_ins_code   ? 
_struct_ref_seq.seq_align_end                 159 
_struct_ref_seq.pdbx_seq_align_end_ins_code   ? 
_struct_ref_seq.pdbx_db_accession             Q9RVK2 
_struct_ref_seq.db_align_beg                  1 
_struct_ref_seq.pdbx_db_align_beg_ins_code    ? 
_struct_ref_seq.db_align_end                  159 
_struct_ref_seq.pdbx_db_align_end_ins_code    ? 
_struct_ref_seq.pdbx_auth_seq_align_beg       1 
_struct_ref_seq.pdbx_auth_seq_align_end       159 
# 
_pdbx_struct_assembly.id                   1 
_pdbx_struct_assembly.details              author_defined_assembly 
_pdbx_struct_assembly.method_details       ? 
_pdbx_struct_assembly.oligomeric_details   dimeric 
_pdbx_struct_assembly.oligomeric_count     2 
# 
_pdbx_struct_assembly_gen.assembly_id       1 
_pdbx_struct_assembly_gen.oper_expression   1,2 
_pdbx_struct_assembly_gen.asym_id_list      A,B 
# 
loop_
_pdbx_struct_oper_list.id 
_pdbx_struct_oper_list.type 
_pdbx_struct_oper_list.name 
_pdbx_struct_oper_list.symmetry_operation 
_pdbx_struct_oper_list.matrix[1][1] 
_pdbx_struct_oper_list.matrix[1][2] 
_pdbx_struct_oper_list.matrix[1][3] 
_pdbx_struct_oper_list.vector[1] 
_pdbx_struct_oper_list.matrix[2][1] 
_pdbx_struct_oper_list.matrix[2][2] 
_pdbx_struct_oper_list.matrix[2][3] 
_pdbx_struct_oper_list.vector[2] 
_pdbx_struct_oper_list.matrix[3][1] 
_pdbx_struct_oper_list.matrix[3][2] 
_pdbx_struct_oper_list.matrix[3][3] 
_pdbx_struct_oper_list.vector[3] 
1 'identity operation'         1_555 x,y,z        1.0000000000  0.0000000000  0.0000000000  0.0000000000  0.0000000000  1.0000000000 0.0000000000 0.0000000000  0.0000000000  0.0000000000 1.0000000000  0.0000000000   
2 'crystal symmetry operation' 8_555 -y,-x,-z+1/2 -0.8086451787 -0.4626856949 -0.3633385786 15.4498919441 -0.4626856949 0.1187491948 0.8785331960 16.8939173994 -0.3633385786 0.8785331960 -0.3101040161 -13.3764011994 
# 
_struct_biol.id                    1 
_struct_biol.details               'The asymmetric unit of a crystal structure contains one biological unit' 
_struct_biol.pdbx_parent_biol_id   ? 
# 
loop_
_struct_conf.conf_type_id 
_struct_conf.id 
_struct_conf.pdbx_PDB_helix_id 
_struct_conf.beg_label_comp_id 
_struct_conf.beg_label_asym_id 
_struct_conf.beg_label_seq_id 
_struct_conf.pdbx_beg_PDB_ins_code 
_struct_conf.end_label_comp_id 
_struct_conf.end_label_asym_id 
_struct_conf.end_label_seq_id 
_struct_conf.pdbx_end_PDB_ins_code 
_struct_conf.beg_auth_comp_id 
_struct_conf.beg_auth_asym_id 
_struct_conf.beg_auth_seq_id 
_struct_conf.end_auth_comp_id 
_struct_conf.end_auth_asym_id 
_struct_conf.end_auth_seq_id 
_struct_conf.pdbx_PDB_helix_class 
_struct_conf.details 
_struct_conf.pdbx_PDB_helix_length 
HELX_P HELX_P1 1 ASN A 57  ? GLY A 71  ? ASN A 57  GLY A 71  1 ? 15 
HELX_P HELX_P2 2 SER A 123 ? ALA A 133 ? SER A 123 ALA A 133 1 ? 11 
HELX_P HELX_P3 3 TYR A 139 ? GLY A 153 ? TYR A 139 GLY A 153 1 ? 15 
# 
_struct_conf_type.id          HELX_P 
_struct_conf_type.criteria    ? 
_struct_conf_type.reference   ? 
# 
loop_
_struct_sheet.id 
_struct_sheet.type 
_struct_sheet.number_strands 
_struct_sheet.details 
A ? 4 ? 
B ? 3 ? 
# 
loop_
_struct_sheet_order.sheet_id 
_struct_sheet_order.range_id_1 
_struct_sheet_order.range_id_2 
_struct_sheet_order.offset 
_struct_sheet_order.sense 
A 1 2 ? anti-parallel 
A 2 3 ? parallel      
A 3 4 ? anti-parallel 
B 1 2 ? anti-parallel 
B 2 3 ? anti-parallel 
# 
loop_
_struct_sheet_range.sheet_id 
_struct_sheet_range.id 
_struct_sheet_range.beg_label_comp_id 
_struct_sheet_range.beg_label_asym_id 
_struct_sheet_range.beg_label_seq_id 
_struct_sheet_range.pdbx_beg_PDB_ins_code 
_struct_sheet_range.end_label_comp_id 
_struct_sheet_range.end_label_asym_id 
_struct_sheet_range.end_label_seq_id 
_struct_sheet_range.pdbx_end_PDB_ins_code 
_struct_sheet_range.beg_auth_comp_id 
_struct_sheet_range.beg_auth_asym_id 
_struct_sheet_range.beg_auth_seq_id 
_struct_sheet_range.end_auth_comp_id 
_struct_sheet_range.end_auth_asym_id 
_struct_sheet_range.end_auth_seq_id 
A 1 SER A 49  ? ALA A 51  ? SER A 49  ALA A 51  
A 2 LEU A 13  ? LEU A 20  ? LEU A 13  LEU A 20  
A 3 LEU A 92  ? PRO A 102 ? LEU A 92  PRO A 102 
A 4 VAL A 74  ? ARG A 86  ? VAL A 74  ARG A 86  
B 1 TRP A 45  ? HIS A 46  ? TRP A 45  HIS A 46  
B 2 ILE A 27  ? GLU A 32  ? ILE A 27  GLU A 32  
B 3 ILE A 116 ? VAL A 122 ? ILE A 116 VAL A 122 
# 
loop_
_pdbx_struct_sheet_hbond.sheet_id 
_pdbx_struct_sheet_hbond.range_id_1 
_pdbx_struct_sheet_hbond.range_id_2 
_pdbx_struct_sheet_hbond.range_1_label_atom_id 
_pdbx_struct_sheet_hbond.range_1_label_comp_id 
_pdbx_struct_sheet_hbond.range_1_label_asym_id 
_pdbx_struct_sheet_hbond.range_1_label_seq_id 
_pdbx_struct_sheet_hbond.range_1_PDB_ins_code 
_pdbx_struct_sheet_hbond.range_1_auth_atom_id 
_pdbx_struct_sheet_hbond.range_1_auth_comp_id 
_pdbx_struct_sheet_hbond.range_1_auth_asym_id 
_pdbx_struct_sheet_hbond.range_1_auth_seq_id 
_pdbx_struct_sheet_hbond.range_2_label_atom_id 
_pdbx_struct_sheet_hbond.range_2_label_comp_id 
_pdbx_struct_sheet_hbond.range_2_label_asym_id 
_pdbx_struct_sheet_hbond.range_2_label_seq_id 
_pdbx_struct_sheet_hbond.range_2_PDB_ins_code 
_pdbx_struct_sheet_hbond.range_2_auth_atom_id 
_pdbx_struct_sheet_hbond.range_2_auth_comp_id 
_pdbx_struct_sheet_hbond.range_2_auth_asym_id 
_pdbx_struct_sheet_hbond.range_2_auth_seq_id 
A 1 2 O GLY A 50 ? O GLY A 50 N ALA A 16  ? N ALA A 16  
A 2 3 N VAL A 19 ? N VAL A 19 O TRP A 98  ? O TRP A 98  
A 3 4 O LEU A 99 ? O LEU A 99 N LYS A 78  ? N LYS A 78  
B 1 2 O HIS A 46 ? O HIS A 46 N VAL A 30  ? N VAL A 30  
B 2 3 N GLN A 31 ? N GLN A 31 O GLU A 118 ? O GLU A 118 
# 
loop_
_pdbx_validate_torsion.id 
_pdbx_validate_torsion.PDB_model_num 
_pdbx_validate_torsion.auth_comp_id 
_pdbx_validate_torsion.auth_asym_id 
_pdbx_validate_torsion.auth_seq_id 
_pdbx_validate_torsion.PDB_ins_code 
_pdbx_validate_torsion.label_alt_id 
_pdbx_validate_torsion.phi 
_pdbx_validate_torsion.psi 
1 1 GLU A 118 ? ? -178.21 -179.39 
2 1 PRO A 158 ? ? -40.26  91.94   
# 
_pdbx_SG_project.id                    1 
_pdbx_SG_project.project_name          'PSI, Protein Structure Initiative' 
_pdbx_SG_project.full_name_of_center   'Berkeley Structural Genomics Center' 
_pdbx_SG_project.initial_of_center     BSGC 
# 
loop_
_pdbx_unobs_or_zero_occ_residues.id 
_pdbx_unobs_or_zero_occ_residues.PDB_model_num 
_pdbx_unobs_or_zero_occ_residues.polymer_flag 
_pdbx_unobs_or_zero_occ_residues.occupancy_flag 
_pdbx_unobs_or_zero_occ_residues.auth_asym_id 
_pdbx_unobs_or_zero_occ_residues.auth_comp_id 
_pdbx_unobs_or_zero_occ_residues.auth_seq_id 
_pdbx_unobs_or_zero_occ_residues.PDB_ins_code 
_pdbx_unobs_or_zero_occ_residues.label_asym_id 
_pdbx_unobs_or_zero_occ_residues.label_comp_id 
_pdbx_unobs_or_zero_occ_residues.label_seq_id 
1 1 Y 1 A MET 1  ? A MET 1  
2 1 Y 1 A PRO 36 ? A PRO 36 
3 1 Y 1 A GLY 37 ? A GLY 37 
4 1 Y 1 A HIS 38 ? A HIS 38 
5 1 Y 1 A PRO 39 ? A PRO 39 
# 
loop_
_chem_comp_atom.comp_id 
_chem_comp_atom.atom_id 
_chem_comp_atom.type_symbol 
_chem_comp_atom.pdbx_aromatic_flag 
_chem_comp_atom.pdbx_stereo_config 
_chem_comp_atom.pdbx_ordinal 
ALA N    N N N 1   
ALA CA   C N S 2   
ALA C    C N N 3   
ALA O    O N N 4   
ALA CB   C N N 5   
ALA OXT  O N N 6   
ALA H    H N N 7   
ALA H2   H N N 8   
ALA HA   H N N 9   
ALA HB1  H N N 10  
ALA HB2  H N N 11  
ALA HB3  H N N 12  
ALA HXT  H N N 13  
ARG N    N N N 14  
ARG CA   C N S 15  
ARG C    C N N 16  
ARG O    O N N 17  
ARG CB   C N N 18  
ARG CG   C N N 19  
ARG CD   C N N 20  
ARG NE   N N N 21  
ARG CZ   C N N 22  
ARG NH1  N N N 23  
ARG NH2  N N N 24  
ARG OXT  O N N 25  
ARG H    H N N 26  
ARG H2   H N N 27  
ARG HA   H N N 28  
ARG HB2  H N N 29  
ARG HB3  H N N 30  
ARG HG2  H N N 31  
ARG HG3  H N N 32  
ARG HD2  H N N 33  
ARG HD3  H N N 34  
ARG HE   H N N 35  
ARG HH11 H N N 36  
ARG HH12 H N N 37  
ARG HH21 H N N 38  
ARG HH22 H N N 39  
ARG HXT  H N N 40  
ASN N    N N N 41  
ASN CA   C N S 42  
ASN C    C N N 43  
ASN O    O N N 44  
ASN CB   C N N 45  
ASN CG   C N N 46  
ASN OD1  O N N 47  
ASN ND2  N N N 48  
ASN OXT  O N N 49  
ASN H    H N N 50  
ASN H2   H N N 51  
ASN HA   H N N 52  
ASN HB2  H N N 53  
ASN HB3  H N N 54  
ASN HD21 H N N 55  
ASN HD22 H N N 56  
ASN HXT  H N N 57  
ASP N    N N N 58  
ASP CA   C N S 59  
ASP C    C N N 60  
ASP O    O N N 61  
ASP CB   C N N 62  
ASP CG   C N N 63  
ASP OD1  O N N 64  
ASP OD2  O N N 65  
ASP OXT  O N N 66  
ASP H    H N N 67  
ASP H2   H N N 68  
ASP HA   H N N 69  
ASP HB2  H N N 70  
ASP HB3  H N N 71  
ASP HD2  H N N 72  
ASP HXT  H N N 73  
CYS N    N N N 74  
CYS CA   C N R 75  
CYS C    C N N 76  
CYS O    O N N 77  
CYS CB   C N N 78  
CYS SG   S N N 79  
CYS OXT  O N N 80  
CYS H    H N N 81  
CYS H2   H N N 82  
CYS HA   H N N 83  
CYS HB2  H N N 84  
CYS HB3  H N N 85  
CYS HG   H N N 86  
CYS HXT  H N N 87  
GLN N    N N N 88  
GLN CA   C N S 89  
GLN C    C N N 90  
GLN O    O N N 91  
GLN CB   C N N 92  
GLN CG   C N N 93  
GLN CD   C N N 94  
GLN OE1  O N N 95  
GLN NE2  N N N 96  
GLN OXT  O N N 97  
GLN H    H N N 98  
GLN H2   H N N 99  
GLN HA   H N N 100 
GLN HB2  H N N 101 
GLN HB3  H N N 102 
GLN HG2  H N N 103 
GLN HG3  H N N 104 
GLN HE21 H N N 105 
GLN HE22 H N N 106 
GLN HXT  H N N 107 
GLU N    N N N 108 
GLU CA   C N S 109 
GLU C    C N N 110 
GLU O    O N N 111 
GLU CB   C N N 112 
GLU CG   C N N 113 
GLU CD   C N N 114 
GLU OE1  O N N 115 
GLU OE2  O N N 116 
GLU OXT  O N N 117 
GLU H    H N N 118 
GLU H2   H N N 119 
GLU HA   H N N 120 
GLU HB2  H N N 121 
GLU HB3  H N N 122 
GLU HG2  H N N 123 
GLU HG3  H N N 124 
GLU HE2  H N N 125 
GLU HXT  H N N 126 
GLY N    N N N 127 
GLY CA   C N N 128 
GLY C    C N N 129 
GLY O    O N N 130 
GLY OXT  O N N 131 
GLY H    H N N 132 
GLY H2   H N N 133 
GLY HA2  H N N 134 
GLY HA3  H N N 135 
GLY HXT  H N N 136 
HIS N    N N N 137 
HIS CA   C N S 138 
HIS C    C N N 139 
HIS O    O N N 140 
HIS CB   C N N 141 
HIS CG   C Y N 142 
HIS ND1  N Y N 143 
HIS CD2  C Y N 144 
HIS CE1  C Y N 145 
HIS NE2  N Y N 146 
HIS OXT  O N N 147 
HIS H    H N N 148 
HIS H2   H N N 149 
HIS HA   H N N 150 
HIS HB2  H N N 151 
HIS HB3  H N N 152 
HIS HD1  H N N 153 
HIS HD2  H N N 154 
HIS HE1  H N N 155 
HIS HE2  H N N 156 
HIS HXT  H N N 157 
HOH O    O N N 158 
HOH H1   H N N 159 
HOH H2   H N N 160 
ILE N    N N N 161 
ILE CA   C N S 162 
ILE C    C N N 163 
ILE O    O N N 164 
ILE CB   C N S 165 
ILE CG1  C N N 166 
ILE CG2  C N N 167 
ILE CD1  C N N 168 
ILE OXT  O N N 169 
ILE H    H N N 170 
ILE H2   H N N 171 
ILE HA   H N N 172 
ILE HB   H N N 173 
ILE HG12 H N N 174 
ILE HG13 H N N 175 
ILE HG21 H N N 176 
ILE HG22 H N N 177 
ILE HG23 H N N 178 
ILE HD11 H N N 179 
ILE HD12 H N N 180 
ILE HD13 H N N 181 
ILE HXT  H N N 182 
LEU N    N N N 183 
LEU CA   C N S 184 
LEU C    C N N 185 
LEU O    O N N 186 
LEU CB   C N N 187 
LEU CG   C N N 188 
LEU CD1  C N N 189 
LEU CD2  C N N 190 
LEU OXT  O N N 191 
LEU H    H N N 192 
LEU H2   H N N 193 
LEU HA   H N N 194 
LEU HB2  H N N 195 
LEU HB3  H N N 196 
LEU HG   H N N 197 
LEU HD11 H N N 198 
LEU HD12 H N N 199 
LEU HD13 H N N 200 
LEU HD21 H N N 201 
LEU HD22 H N N 202 
LEU HD23 H N N 203 
LEU HXT  H N N 204 
LYS N    N N N 205 
LYS CA   C N S 206 
LYS C    C N N 207 
LYS O    O N N 208 
LYS CB   C N N 209 
LYS CG   C N N 210 
LYS CD   C N N 211 
LYS CE   C N N 212 
LYS NZ   N N N 213 
LYS OXT  O N N 214 
LYS H    H N N 215 
LYS H2   H N N 216 
LYS HA   H N N 217 
LYS HB2  H N N 218 
LYS HB3  H N N 219 
LYS HG2  H N N 220 
LYS HG3  H N N 221 
LYS HD2  H N N 222 
LYS HD3  H N N 223 
LYS HE2  H N N 224 
LYS HE3  H N N 225 
LYS HZ1  H N N 226 
LYS HZ2  H N N 227 
LYS HZ3  H N N 228 
LYS HXT  H N N 229 
MET N    N N N 230 
MET CA   C N S 231 
MET C    C N N 232 
MET O    O N N 233 
MET CB   C N N 234 
MET CG   C N N 235 
MET SD   S N N 236 
MET CE   C N N 237 
MET OXT  O N N 238 
MET H    H N N 239 
MET H2   H N N 240 
MET HA   H N N 241 
MET HB2  H N N 242 
MET HB3  H N N 243 
MET HG2  H N N 244 
MET HG3  H N N 245 
MET HE1  H N N 246 
MET HE2  H N N 247 
MET HE3  H N N 248 
MET HXT  H N N 249 
PHE N    N N N 250 
PHE CA   C N S 251 
PHE C    C N N 252 
PHE O    O N N 253 
PHE CB   C N N 254 
PHE CG   C Y N 255 
PHE CD1  C Y N 256 
PHE CD2  C Y N 257 
PHE CE1  C Y N 258 
PHE CE2  C Y N 259 
PHE CZ   C Y N 260 
PHE OXT  O N N 261 
PHE H    H N N 262 
PHE H2   H N N 263 
PHE HA   H N N 264 
PHE HB2  H N N 265 
PHE HB3  H N N 266 
PHE HD1  H N N 267 
PHE HD2  H N N 268 
PHE HE1  H N N 269 
PHE HE2  H N N 270 
PHE HZ   H N N 271 
PHE HXT  H N N 272 
PRO N    N N N 273 
PRO CA   C N S 274 
PRO C    C N N 275 
PRO O    O N N 276 
PRO CB   C N N 277 
PRO CG   C N N 278 
PRO CD   C N N 279 
PRO OXT  O N N 280 
PRO H    H N N 281 
PRO HA   H N N 282 
PRO HB2  H N N 283 
PRO HB3  H N N 284 
PRO HG2  H N N 285 
PRO HG3  H N N 286 
PRO HD2  H N N 287 
PRO HD3  H N N 288 
PRO HXT  H N N 289 
SER N    N N N 290 
SER CA   C N S 291 
SER C    C N N 292 
SER O    O N N 293 
SER CB   C N N 294 
SER OG   O N N 295 
SER OXT  O N N 296 
SER H    H N N 297 
SER H2   H N N 298 
SER HA   H N N 299 
SER HB2  H N N 300 
SER HB3  H N N 301 
SER HG   H N N 302 
SER HXT  H N N 303 
THR N    N N N 304 
THR CA   C N S 305 
THR C    C N N 306 
THR O    O N N 307 
THR CB   C N R 308 
THR OG1  O N N 309 
THR CG2  C N N 310 
THR OXT  O N N 311 
THR H    H N N 312 
THR H2   H N N 313 
THR HA   H N N 314 
THR HB   H N N 315 
THR HG1  H N N 316 
THR HG21 H N N 317 
THR HG22 H N N 318 
THR HG23 H N N 319 
THR HXT  H N N 320 
TRP N    N N N 321 
TRP CA   C N S 322 
TRP C    C N N 323 
TRP O    O N N 324 
TRP CB   C N N 325 
TRP CG   C Y N 326 
TRP CD1  C Y N 327 
TRP CD2  C Y N 328 
TRP NE1  N Y N 329 
TRP CE2  C Y N 330 
TRP CE3  C Y N 331 
TRP CZ2  C Y N 332 
TRP CZ3  C Y N 333 
TRP CH2  C Y N 334 
TRP OXT  O N N 335 
TRP H    H N N 336 
TRP H2   H N N 337 
TRP HA   H N N 338 
TRP HB2  H N N 339 
TRP HB3  H N N 340 
TRP HD1  H N N 341 
TRP HE1  H N N 342 
TRP HE3  H N N 343 
TRP HZ2  H N N 344 
TRP HZ3  H N N 345 
TRP HH2  H N N 346 
TRP HXT  H N N 347 
TYR N    N N N 348 
TYR CA   C N S 349 
TYR C    C N N 350 
TYR O    O N N 351 
TYR CB   C N N 352 
TYR CG   C Y N 353 
TYR CD1  C Y N 354 
TYR CD2  C Y N 355 
TYR CE1  C Y N 356 
TYR CE2  C Y N 357 
TYR CZ   C Y N 358 
TYR OH   O N N 359 
TYR OXT  O N N 360 
TYR H    H N N 361 
TYR H2   H N N 362 
TYR HA   H N N 363 
TYR HB2  H N N 364 
TYR HB3  H N N 365 
TYR HD1  H N N 366 
TYR HD2  H N N 367 
TYR HE1  H N N 368 
TYR HE2  H N N 369 
TYR HH   H N N 370 
TYR HXT  H N N 371 
VAL N    N N N 372 
VAL CA   C N S 373 
VAL C    C N N 374 
VAL O    O N N 375 
VAL CB   C N N 376 
VAL CG1  C N N 377 
VAL CG2  C N N 378 
VAL OXT  O N N 379 
VAL H    H N N 380 
VAL H2   H N N 381 
VAL HA   H N N 382 
VAL HB   H N N 383 
VAL HG11 H N N 384 
VAL HG12 H N N 385 
VAL HG13 H N N 386 
VAL HG21 H N N 387 
VAL HG22 H N N 388 
VAL HG23 H N N 389 
VAL HXT  H N N 390 
# 
loop_
_chem_comp_bond.comp_id 
_chem_comp_bond.atom_id_1 
_chem_comp_bond.atom_id_2 
_chem_comp_bond.value_order 
_chem_comp_bond.pdbx_aromatic_flag 
_chem_comp_bond.pdbx_stereo_config 
_chem_comp_bond.pdbx_ordinal 
ALA N   CA   sing N N 1   
ALA N   H    sing N N 2   
ALA N   H2   sing N N 3   
ALA CA  C    sing N N 4   
ALA CA  CB   sing N N 5   
ALA CA  HA   sing N N 6   
ALA C   O    doub N N 7   
ALA C   OXT  sing N N 8   
ALA CB  HB1  sing N N 9   
ALA CB  HB2  sing N N 10  
ALA CB  HB3  sing N N 11  
ALA OXT HXT  sing N N 12  
ARG N   CA   sing N N 13  
ARG N   H    sing N N 14  
ARG N   H2   sing N N 15  
ARG CA  C    sing N N 16  
ARG CA  CB   sing N N 17  
ARG CA  HA   sing N N 18  
ARG C   O    doub N N 19  
ARG C   OXT  sing N N 20  
ARG CB  CG   sing N N 21  
ARG CB  HB2  sing N N 22  
ARG CB  HB3  sing N N 23  
ARG CG  CD   sing N N 24  
ARG CG  HG2  sing N N 25  
ARG CG  HG3  sing N N 26  
ARG CD  NE   sing N N 27  
ARG CD  HD2  sing N N 28  
ARG CD  HD3  sing N N 29  
ARG NE  CZ   sing N N 30  
ARG NE  HE   sing N N 31  
ARG CZ  NH1  sing N N 32  
ARG CZ  NH2  doub N N 33  
ARG NH1 HH11 sing N N 34  
ARG NH1 HH12 sing N N 35  
ARG NH2 HH21 sing N N 36  
ARG NH2 HH22 sing N N 37  
ARG OXT HXT  sing N N 38  
ASN N   CA   sing N N 39  
ASN N   H    sing N N 40  
ASN N   H2   sing N N 41  
ASN CA  C    sing N N 42  
ASN CA  CB   sing N N 43  
ASN CA  HA   sing N N 44  
ASN C   O    doub N N 45  
ASN C   OXT  sing N N 46  
ASN CB  CG   sing N N 47  
ASN CB  HB2  sing N N 48  
ASN CB  HB3  sing N N 49  
ASN CG  OD1  doub N N 50  
ASN CG  ND2  sing N N 51  
ASN ND2 HD21 sing N N 52  
ASN ND2 HD22 sing N N 53  
ASN OXT HXT  sing N N 54  
ASP N   CA   sing N N 55  
ASP N   H    sing N N 56  
ASP N   H2   sing N N 57  
ASP CA  C    sing N N 58  
ASP CA  CB   sing N N 59  
ASP CA  HA   sing N N 60  
ASP C   O    doub N N 61  
ASP C   OXT  sing N N 62  
ASP CB  CG   sing N N 63  
ASP CB  HB2  sing N N 64  
ASP CB  HB3  sing N N 65  
ASP CG  OD1  doub N N 66  
ASP CG  OD2  sing N N 67  
ASP OD2 HD2  sing N N 68  
ASP OXT HXT  sing N N 69  
CYS N   CA   sing N N 70  
CYS N   H    sing N N 71  
CYS N   H2   sing N N 72  
CYS CA  C    sing N N 73  
CYS CA  CB   sing N N 74  
CYS CA  HA   sing N N 75  
CYS C   O    doub N N 76  
CYS C   OXT  sing N N 77  
CYS CB  SG   sing N N 78  
CYS CB  HB2  sing N N 79  
CYS CB  HB3  sing N N 80  
CYS SG  HG   sing N N 81  
CYS OXT HXT  sing N N 82  
GLN N   CA   sing N N 83  
GLN N   H    sing N N 84  
GLN N   H2   sing N N 85  
GLN CA  C    sing N N 86  
GLN CA  CB   sing N N 87  
GLN CA  HA   sing N N 88  
GLN C   O    doub N N 89  
GLN C   OXT  sing N N 90  
GLN CB  CG   sing N N 91  
GLN CB  HB2  sing N N 92  
GLN CB  HB3  sing N N 93  
GLN CG  CD   sing N N 94  
GLN CG  HG2  sing N N 95  
GLN CG  HG3  sing N N 96  
GLN CD  OE1  doub N N 97  
GLN CD  NE2  sing N N 98  
GLN NE2 HE21 sing N N 99  
GLN NE2 HE22 sing N N 100 
GLN OXT HXT  sing N N 101 
GLU N   CA   sing N N 102 
GLU N   H    sing N N 103 
GLU N   H2   sing N N 104 
GLU CA  C    sing N N 105 
GLU CA  CB   sing N N 106 
GLU CA  HA   sing N N 107 
GLU C   O    doub N N 108 
GLU C   OXT  sing N N 109 
GLU CB  CG   sing N N 110 
GLU CB  HB2  sing N N 111 
GLU CB  HB3  sing N N 112 
GLU CG  CD   sing N N 113 
GLU CG  HG2  sing N N 114 
GLU CG  HG3  sing N N 115 
GLU CD  OE1  doub N N 116 
GLU CD  OE2  sing N N 117 
GLU OE2 HE2  sing N N 118 
GLU OXT HXT  sing N N 119 
GLY N   CA   sing N N 120 
GLY N   H    sing N N 121 
GLY N   H2   sing N N 122 
GLY CA  C    sing N N 123 
GLY CA  HA2  sing N N 124 
GLY CA  HA3  sing N N 125 
GLY C   O    doub N N 126 
GLY C   OXT  sing N N 127 
GLY OXT HXT  sing N N 128 
HIS N   CA   sing N N 129 
HIS N   H    sing N N 130 
HIS N   H2   sing N N 131 
HIS CA  C    sing N N 132 
HIS CA  CB   sing N N 133 
HIS CA  HA   sing N N 134 
HIS C   O    doub N N 135 
HIS C   OXT  sing N N 136 
HIS CB  CG   sing N N 137 
HIS CB  HB2  sing N N 138 
HIS CB  HB3  sing N N 139 
HIS CG  ND1  sing Y N 140 
HIS CG  CD2  doub Y N 141 
HIS ND1 CE1  doub Y N 142 
HIS ND1 HD1  sing N N 143 
HIS CD2 NE2  sing Y N 144 
HIS CD2 HD2  sing N N 145 
HIS CE1 NE2  sing Y N 146 
HIS CE1 HE1  sing N N 147 
HIS NE2 HE2  sing N N 148 
HIS OXT HXT  sing N N 149 
HOH O   H1   sing N N 150 
HOH O   H2   sing N N 151 
ILE N   CA   sing N N 152 
ILE N   H    sing N N 153 
ILE N   H2   sing N N 154 
ILE CA  C    sing N N 155 
ILE CA  CB   sing N N 156 
ILE CA  HA   sing N N 157 
ILE C   O    doub N N 158 
ILE C   OXT  sing N N 159 
ILE CB  CG1  sing N N 160 
ILE CB  CG2  sing N N 161 
ILE CB  HB   sing N N 162 
ILE CG1 CD1  sing N N 163 
ILE CG1 HG12 sing N N 164 
ILE CG1 HG13 sing N N 165 
ILE CG2 HG21 sing N N 166 
ILE CG2 HG22 sing N N 167 
ILE CG2 HG23 sing N N 168 
ILE CD1 HD11 sing N N 169 
ILE CD1 HD12 sing N N 170 
ILE CD1 HD13 sing N N 171 
ILE OXT HXT  sing N N 172 
LEU N   CA   sing N N 173 
LEU N   H    sing N N 174 
LEU N   H2   sing N N 175 
LEU CA  C    sing N N 176 
LEU CA  CB   sing N N 177 
LEU CA  HA   sing N N 178 
LEU C   O    doub N N 179 
LEU C   OXT  sing N N 180 
LEU CB  CG   sing N N 181 
LEU CB  HB2  sing N N 182 
LEU CB  HB3  sing N N 183 
LEU CG  CD1  sing N N 184 
LEU CG  CD2  sing N N 185 
LEU CG  HG   sing N N 186 
LEU CD1 HD11 sing N N 187 
LEU CD1 HD12 sing N N 188 
LEU CD1 HD13 sing N N 189 
LEU CD2 HD21 sing N N 190 
LEU CD2 HD22 sing N N 191 
LEU CD2 HD23 sing N N 192 
LEU OXT HXT  sing N N 193 
LYS N   CA   sing N N 194 
LYS N   H    sing N N 195 
LYS N   H2   sing N N 196 
LYS CA  C    sing N N 197 
LYS CA  CB   sing N N 198 
LYS CA  HA   sing N N 199 
LYS C   O    doub N N 200 
LYS C   OXT  sing N N 201 
LYS CB  CG   sing N N 202 
LYS CB  HB2  sing N N 203 
LYS CB  HB3  sing N N 204 
LYS CG  CD   sing N N 205 
LYS CG  HG2  sing N N 206 
LYS CG  HG3  sing N N 207 
LYS CD  CE   sing N N 208 
LYS CD  HD2  sing N N 209 
LYS CD  HD3  sing N N 210 
LYS CE  NZ   sing N N 211 
LYS CE  HE2  sing N N 212 
LYS CE  HE3  sing N N 213 
LYS NZ  HZ1  sing N N 214 
LYS NZ  HZ2  sing N N 215 
LYS NZ  HZ3  sing N N 216 
LYS OXT HXT  sing N N 217 
MET N   CA   sing N N 218 
MET N   H    sing N N 219 
MET N   H2   sing N N 220 
MET CA  C    sing N N 221 
MET CA  CB   sing N N 222 
MET CA  HA   sing N N 223 
MET C   O    doub N N 224 
MET C   OXT  sing N N 225 
MET CB  CG   sing N N 226 
MET CB  HB2  sing N N 227 
MET CB  HB3  sing N N 228 
MET CG  SD   sing N N 229 
MET CG  HG2  sing N N 230 
MET CG  HG3  sing N N 231 
MET SD  CE   sing N N 232 
MET CE  HE1  sing N N 233 
MET CE  HE2  sing N N 234 
MET CE  HE3  sing N N 235 
MET OXT HXT  sing N N 236 
PHE N   CA   sing N N 237 
PHE N   H    sing N N 238 
PHE N   H2   sing N N 239 
PHE CA  C    sing N N 240 
PHE CA  CB   sing N N 241 
PHE CA  HA   sing N N 242 
PHE C   O    doub N N 243 
PHE C   OXT  sing N N 244 
PHE CB  CG   sing N N 245 
PHE CB  HB2  sing N N 246 
PHE CB  HB3  sing N N 247 
PHE CG  CD1  doub Y N 248 
PHE CG  CD2  sing Y N 249 
PHE CD1 CE1  sing Y N 250 
PHE CD1 HD1  sing N N 251 
PHE CD2 CE2  doub Y N 252 
PHE CD2 HD2  sing N N 253 
PHE CE1 CZ   doub Y N 254 
PHE CE1 HE1  sing N N 255 
PHE CE2 CZ   sing Y N 256 
PHE CE2 HE2  sing N N 257 
PHE CZ  HZ   sing N N 258 
PHE OXT HXT  sing N N 259 
PRO N   CA   sing N N 260 
PRO N   CD   sing N N 261 
PRO N   H    sing N N 262 
PRO CA  C    sing N N 263 
PRO CA  CB   sing N N 264 
PRO CA  HA   sing N N 265 
PRO C   O    doub N N 266 
PRO C   OXT  sing N N 267 
PRO CB  CG   sing N N 268 
PRO CB  HB2  sing N N 269 
PRO CB  HB3  sing N N 270 
PRO CG  CD   sing N N 271 
PRO CG  HG2  sing N N 272 
PRO CG  HG3  sing N N 273 
PRO CD  HD2  sing N N 274 
PRO CD  HD3  sing N N 275 
PRO OXT HXT  sing N N 276 
SER N   CA   sing N N 277 
SER N   H    sing N N 278 
SER N   H2   sing N N 279 
SER CA  C    sing N N 280 
SER CA  CB   sing N N 281 
SER CA  HA   sing N N 282 
SER C   O    doub N N 283 
SER C   OXT  sing N N 284 
SER CB  OG   sing N N 285 
SER CB  HB2  sing N N 286 
SER CB  HB3  sing N N 287 
SER OG  HG   sing N N 288 
SER OXT HXT  sing N N 289 
THR N   CA   sing N N 290 
THR N   H    sing N N 291 
THR N   H2   sing N N 292 
THR CA  C    sing N N 293 
THR CA  CB   sing N N 294 
THR CA  HA   sing N N 295 
THR C   O    doub N N 296 
THR C   OXT  sing N N 297 
THR CB  OG1  sing N N 298 
THR CB  CG2  sing N N 299 
THR CB  HB   sing N N 300 
THR OG1 HG1  sing N N 301 
THR CG2 HG21 sing N N 302 
THR CG2 HG22 sing N N 303 
THR CG2 HG23 sing N N 304 
THR OXT HXT  sing N N 305 
TRP N   CA   sing N N 306 
TRP N   H    sing N N 307 
TRP N   H2   sing N N 308 
TRP CA  C    sing N N 309 
TRP CA  CB   sing N N 310 
TRP CA  HA   sing N N 311 
TRP C   O    doub N N 312 
TRP C   OXT  sing N N 313 
TRP CB  CG   sing N N 314 
TRP CB  HB2  sing N N 315 
TRP CB  HB3  sing N N 316 
TRP CG  CD1  doub Y N 317 
TRP CG  CD2  sing Y N 318 
TRP CD1 NE1  sing Y N 319 
TRP CD1 HD1  sing N N 320 
TRP CD2 CE2  doub Y N 321 
TRP CD2 CE3  sing Y N 322 
TRP NE1 CE2  sing Y N 323 
TRP NE1 HE1  sing N N 324 
TRP CE2 CZ2  sing Y N 325 
TRP CE3 CZ3  doub Y N 326 
TRP CE3 HE3  sing N N 327 
TRP CZ2 CH2  doub Y N 328 
TRP CZ2 HZ2  sing N N 329 
TRP CZ3 CH2  sing Y N 330 
TRP CZ3 HZ3  sing N N 331 
TRP CH2 HH2  sing N N 332 
TRP OXT HXT  sing N N 333 
TYR N   CA   sing N N 334 
TYR N   H    sing N N 335 
TYR N   H2   sing N N 336 
TYR CA  C    sing N N 337 
TYR CA  CB   sing N N 338 
TYR CA  HA   sing N N 339 
TYR C   O    doub N N 340 
TYR C   OXT  sing N N 341 
TYR CB  CG   sing N N 342 
TYR CB  HB2  sing N N 343 
TYR CB  HB3  sing N N 344 
TYR CG  CD1  doub Y N 345 
TYR CG  CD2  sing Y N 346 
TYR CD1 CE1  sing Y N 347 
TYR CD1 HD1  sing N N 348 
TYR CD2 CE2  doub Y N 349 
TYR CD2 HD2  sing N N 350 
TYR CE1 CZ   doub Y N 351 
TYR CE1 HE1  sing N N 352 
TYR CE2 CZ   sing Y N 353 
TYR CE2 HE2  sing N N 354 
TYR CZ  OH   sing N N 355 
TYR OH  HH   sing N N 356 
TYR OXT HXT  sing N N 357 
VAL N   CA   sing N N 358 
VAL N   H    sing N N 359 
VAL N   H2   sing N N 360 
VAL CA  C    sing N N 361 
VAL CA  CB   sing N N 362 
VAL CA  HA   sing N N 363 
VAL C   O    doub N N 364 
VAL C   OXT  sing N N 365 
VAL CB  CG1  sing N N 366 
VAL CB  CG2  sing N N 367 
VAL CB  HB   sing N N 368 
VAL CG1 HG11 sing N N 369 
VAL CG1 HG12 sing N N 370 
VAL CG1 HG13 sing N N 371 
VAL CG2 HG21 sing N N 372 
VAL CG2 HG22 sing N N 373 
VAL CG2 HG23 sing N N 374 
VAL OXT HXT  sing N N 375 
# 
_atom_sites.entry_id                    1SJY 
_atom_sites.fract_transf_matrix[1][1]   -0.00300996 
_atom_sites.fract_transf_matrix[1][2]   0.00204424 
_atom_sites.fract_transf_matrix[1][3]   0.01843741 
_atom_sites.fract_transf_matrix[2][1]   0.00521087 
_atom_sites.fract_transf_matrix[2][2]   -0.01783329 
_atom_sites.fract_transf_matrix[2][3]   0.00282795 
_atom_sites.fract_transf_matrix[3][1]   0.00773224 
_atom_sites.fract_transf_matrix[3][2]   0.00241703 
_atom_sites.fract_transf_matrix[3][3]   0.00099433 
_atom_sites.fract_transf_vector[1]      0.175136 
_atom_sites.fract_transf_vector[2]      0.083458 
_atom_sites.fract_transf_vector[3]      0.176496 
# 
loop_
_atom_type.symbol 
C 
N 
O 
S 
# 
loop_
_atom_site.group_PDB 
_atom_site.id 
_atom_site.type_symbol 
_atom_site.label_atom_id 
_atom_site.label_alt_id 
_atom_site.label_comp_id 
_atom_site.label_asym_id 
_atom_site.label_entity_id 
_atom_site.label_seq_id 
_atom_site.pdbx_PDB_ins_code 
_atom_site.Cartn_x 
_atom_site.Cartn_y 
_atom_site.Cartn_z 
_atom_site.occupancy 
_atom_site.B_iso_or_equiv 
_atom_site.pdbx_formal_charge 
_atom_site.auth_seq_id 
_atom_site.auth_comp_id 
_atom_site.auth_asym_id 
_atom_site.auth_atom_id 
_atom_site.pdbx_PDB_model_num 
ATOM   1    N N   . GLU A 1 2   ? 10.837  26.810  -14.421 1.00 38.65 ? 2   GLU A N   1 
ATOM   2    C CA  . GLU A 1 2   ? 10.703  26.637  -12.946 1.00 37.65 ? 2   GLU A CA  1 
ATOM   3    C C   . GLU A 1 2   ? 11.534  27.697  -12.223 1.00 36.64 ? 2   GLU A C   1 
ATOM   4    O O   . GLU A 1 2   ? 11.981  27.489  -11.095 1.00 37.07 ? 2   GLU A O   1 
ATOM   5    C CB  . GLU A 1 2   ? 11.176  25.235  -12.538 1.00 40.16 ? 2   GLU A CB  1 
ATOM   6    C CG  . GLU A 1 2   ? 10.830  24.824  -11.106 1.00 40.51 ? 2   GLU A CG  1 
ATOM   7    C CD  . GLU A 1 2   ? 9.378   24.396  -10.938 1.00 41.49 ? 2   GLU A CD  1 
ATOM   8    O OE1 . GLU A 1 2   ? 8.470   25.176  -11.297 1.00 39.45 ? 2   GLU A OE1 1 
ATOM   9    O OE2 . GLU A 1 2   ? 9.144   23.274  -10.439 1.00 37.12 ? 2   GLU A OE2 1 
ATOM   10   N N   . HIS A 1 3   ? 11.745  28.836  -12.879 1.00 34.19 ? 3   HIS A N   1 
ATOM   11   C CA  . HIS A 1 3   ? 12.518  29.918  -12.280 1.00 31.41 ? 3   HIS A CA  1 
ATOM   12   C C   . HIS A 1 3   ? 11.663  30.736  -11.318 1.00 28.88 ? 3   HIS A C   1 
ATOM   13   O O   . HIS A 1 3   ? 12.129  31.712  -10.730 1.00 27.93 ? 3   HIS A O   1 
ATOM   14   C CB  . HIS A 1 3   ? 13.115  30.822  -13.367 1.00 31.63 ? 3   HIS A CB  1 
ATOM   15   C CG  . HIS A 1 3   ? 12.101  31.419  -14.294 1.00 31.79 ? 3   HIS A CG  1 
ATOM   16   N ND1 . HIS A 1 3   ? 12.456  32.124  -15.423 1.00 32.47 ? 3   HIS A ND1 1 
ATOM   17   C CD2 . HIS A 1 3   ? 10.747  31.421  -14.259 1.00 32.11 ? 3   HIS A CD2 1 
ATOM   18   C CE1 . HIS A 1 3   ? 11.363  32.534  -16.045 1.00 32.46 ? 3   HIS A CE1 1 
ATOM   19   N NE2 . HIS A 1 3   ? 10.314  32.120  -15.358 1.00 32.54 ? 3   HIS A NE2 1 
ATOM   20   N N   . ASP A 1 4   ? 10.404  30.330  -11.165 1.00 26.70 ? 4   ASP A N   1 
ATOM   21   C CA  . ASP A 1 4   ? 9.485   31.005  -10.255 1.00 24.83 ? 4   ASP A CA  1 
ATOM   22   C C   . ASP A 1 4   ? 9.867   30.583  -8.841  1.00 22.70 ? 4   ASP A C   1 
ATOM   23   O O   . ASP A 1 4   ? 9.936   29.392  -8.540  1.00 22.02 ? 4   ASP A O   1 
ATOM   24   C CB  . ASP A 1 4   ? 8.042   30.589  -10.548 1.00 26.19 ? 4   ASP A CB  1 
ATOM   25   C CG  . ASP A 1 4   ? 7.551   31.086  -11.894 1.00 27.75 ? 4   ASP A CG  1 
ATOM   26   O OD1 . ASP A 1 4   ? 6.465   30.646  -12.331 1.00 29.47 ? 4   ASP A OD1 1 
ATOM   27   O OD2 . ASP A 1 4   ? 8.241   31.923  -12.513 1.00 30.33 ? 4   ASP A OD2 1 
ATOM   28   N N   . GLU A 1 5   ? 10.121  31.558  -7.976  1.00 20.41 ? 5   GLU A N   1 
ATOM   29   C CA  . GLU A 1 5   ? 10.519  31.260  -6.609  1.00 19.18 ? 5   GLU A CA  1 
ATOM   30   C C   . GLU A 1 5   ? 9.453   30.558  -5.778  1.00 17.14 ? 5   GLU A C   1 
ATOM   31   O O   . GLU A 1 5   ? 8.258   30.826  -5.900  1.00 16.14 ? 5   GLU A O   1 
ATOM   32   C CB  . GLU A 1 5   ? 10.941  32.543  -5.888  1.00 21.85 ? 5   GLU A CB  1 
ATOM   33   C CG  . GLU A 1 5   ? 12.113  33.259  -6.529  1.00 25.25 ? 5   GLU A CG  1 
ATOM   34   C CD  . GLU A 1 5   ? 12.659  34.363  -5.651  1.00 28.44 ? 5   GLU A CD  1 
ATOM   35   O OE1 . GLU A 1 5   ? 11.871  35.243  -5.244  1.00 31.01 ? 5   GLU A OE1 1 
ATOM   36   O OE2 . GLU A 1 5   ? 13.876  34.352  -5.369  1.00 30.91 ? 5   GLU A OE2 1 
ATOM   37   N N   . ARG A 1 6   ? 9.910   29.641  -4.937  1.00 15.31 ? 6   ARG A N   1 
ATOM   38   C CA  . ARG A 1 6   ? 9.036   28.911  -4.033  1.00 15.16 ? 6   ARG A CA  1 
ATOM   39   C C   . ARG A 1 6   ? 9.878   28.528  -2.828  1.00 14.64 ? 6   ARG A C   1 
ATOM   40   O O   . ARG A 1 6   ? 11.102  28.433  -2.921  1.00 16.26 ? 6   ARG A O   1 
ATOM   41   C CB  . ARG A 1 6   ? 8.439   27.660  -4.710  1.00 14.79 ? 6   ARG A CB  1 
ATOM   42   C CG  . ARG A 1 6   ? 9.352   26.436  -4.828  1.00 14.76 ? 6   ARG A CG  1 
ATOM   43   C CD  . ARG A 1 6   ? 10.535  26.672  -5.752  1.00 16.48 ? 6   ARG A CD  1 
ATOM   44   N NE  . ARG A 1 6   ? 10.142  27.055  -7.108  1.00 16.87 ? 6   ARG A NE  1 
ATOM   45   C CZ  . ARG A 1 6   ? 9.649   26.229  -8.031  1.00 16.50 ? 6   ARG A CZ  1 
ATOM   46   N NH1 . ARG A 1 6   ? 9.470   24.942  -7.768  1.00 16.76 ? 6   ARG A NH1 1 
ATOM   47   N NH2 . ARG A 1 6   ? 9.345   26.697  -9.234  1.00 18.11 ? 6   ARG A NH2 1 
ATOM   48   N N   . THR A 1 7   ? 9.232   28.347  -1.685  1.00 11.55 ? 7   THR A N   1 
ATOM   49   C CA  . THR A 1 7   ? 9.953   27.963  -0.484  1.00 12.10 ? 7   THR A CA  1 
ATOM   50   C C   . THR A 1 7   ? 9.911   26.452  -0.351  1.00 11.43 ? 7   THR A C   1 
ATOM   51   O O   . THR A 1 7   ? 9.146   25.773  -1.039  1.00 12.07 ? 7   THR A O   1 
ATOM   52   C CB  . THR A 1 7   ? 9.337   28.597  0.777   1.00 10.37 ? 7   THR A CB  1 
ATOM   53   O OG1 . THR A 1 7   ? 7.937   28.300  0.820   1.00 10.75 ? 7   THR A OG1 1 
ATOM   54   C CG2 . THR A 1 7   ? 9.533   30.110  0.771   1.00 11.99 ? 7   THR A CG2 1 
ATOM   55   N N   . HIS A 1 8   ? 10.743  25.926  0.535   1.00 10.69 ? 8   HIS A N   1 
ATOM   56   C CA  . HIS A 1 8   ? 10.814  24.494  0.777   1.00 10.12 ? 8   HIS A CA  1 
ATOM   57   C C   . HIS A 1 8   ? 9.828   24.125  1.881   1.00 11.10 ? 8   HIS A C   1 
ATOM   58   O O   . HIS A 1 8   ? 9.685   24.850  2.866   1.00 10.60 ? 8   HIS A O   1 
ATOM   59   C CB  . HIS A 1 8   ? 12.242  24.133  1.207   1.00 11.37 ? 8   HIS A CB  1 
ATOM   60   C CG  . HIS A 1 8   ? 12.463  22.674  1.444   1.00 13.17 ? 8   HIS A CG  1 
ATOM   61   N ND1 . HIS A 1 8   ? 12.285  21.725  0.460   1.00 15.58 ? 8   HIS A ND1 1 
ATOM   62   C CD2 . HIS A 1 8   ? 12.890  22.004  2.541   1.00 15.90 ? 8   HIS A CD2 1 
ATOM   63   C CE1 . HIS A 1 8   ? 12.595  20.533  0.940   1.00 15.77 ? 8   HIS A CE1 1 
ATOM   64   N NE2 . HIS A 1 8   ? 12.966  20.675  2.200   1.00 17.29 ? 8   HIS A NE2 1 
ATOM   65   N N   . VAL A 1 9   ? 9.137   23.004  1.709   1.00 10.07 ? 9   VAL A N   1 
ATOM   66   C CA  . VAL A 1 9   ? 8.196   22.530  2.715   1.00 10.03 ? 9   VAL A CA  1 
ATOM   67   C C   . VAL A 1 9   ? 8.778   21.203  3.196   1.00 10.79 ? 9   VAL A C   1 
ATOM   68   O O   . VAL A 1 9   ? 8.621   20.165  2.547   1.00 11.67 ? 9   VAL A O   1 
ATOM   69   C CB  . VAL A 1 9   ? 6.783   22.310  2.126   1.00 8.84  ? 9   VAL A CB  1 
ATOM   70   C CG1 . VAL A 1 9   ? 5.806   21.974  3.245   1.00 10.58 ? 9   VAL A CG1 1 
ATOM   71   C CG2 . VAL A 1 9   ? 6.331   23.562  1.374   1.00 10.15 ? 9   VAL A CG2 1 
ATOM   72   N N   . PRO A 1 10  ? 9.484   21.225  4.338   1.00 10.78 ? 10  PRO A N   1 
ATOM   73   C CA  . PRO A 1 10  ? 10.080  19.988  4.846   1.00 10.87 ? 10  PRO A CA  1 
ATOM   74   C C   . PRO A 1 10  ? 9.083   18.880  5.141   1.00 10.97 ? 10  PRO A C   1 
ATOM   75   O O   . PRO A 1 10  ? 8.057   19.110  5.772   1.00 12.68 ? 10  PRO A O   1 
ATOM   76   C CB  . PRO A 1 10  ? 10.817  20.441  6.111   1.00 11.96 ? 10  PRO A CB  1 
ATOM   77   C CG  . PRO A 1 10  ? 11.105  21.896  5.852   1.00 12.30 ? 10  PRO A CG  1 
ATOM   78   C CD  . PRO A 1 10  ? 9.828   22.371  5.200   1.00 11.58 ? 10  PRO A CD  1 
ATOM   79   N N   . VAL A 1 11  ? 9.404   17.678  4.678   1.00 11.07 ? 11  VAL A N   1 
ATOM   80   C CA  . VAL A 1 11  ? 8.577   16.501  4.918   1.00 11.75 ? 11  VAL A CA  1 
ATOM   81   C C   . VAL A 1 11  ? 9.422   15.613  5.821   1.00 11.44 ? 11  VAL A C   1 
ATOM   82   O O   . VAL A 1 11  ? 10.435  15.052  5.396   1.00 12.75 ? 11  VAL A O   1 
ATOM   83   C CB  . VAL A 1 11  ? 8.244   15.773  3.607   1.00 11.56 ? 11  VAL A CB  1 
ATOM   84   C CG1 . VAL A 1 11  ? 7.526   14.463  3.906   1.00 13.25 ? 11  VAL A CG1 1 
ATOM   85   C CG2 . VAL A 1 11  ? 7.355   16.658  2.741   1.00 12.96 ? 11  VAL A CG2 1 
ATOM   86   N N   . GLU A 1 12  ? 9.005   15.503  7.075   1.00 11.70 ? 12  GLU A N   1 
ATOM   87   C CA  . GLU A 1 12  ? 9.745   14.744  8.073   1.00 12.47 ? 12  GLU A CA  1 
ATOM   88   C C   . GLU A 1 12  ? 9.682   13.232  7.947   1.00 12.41 ? 12  GLU A C   1 
ATOM   89   O O   . GLU A 1 12  ? 10.659  12.540  8.245   1.00 15.31 ? 12  GLU A O   1 
ATOM   90   C CB  . GLU A 1 12  ? 9.284   15.163  9.474   1.00 13.76 ? 12  GLU A CB  1 
ATOM   91   C CG  . GLU A 1 12  ? 9.451   16.658  9.740   1.00 15.76 ? 12  GLU A CG  1 
ATOM   92   C CD  . GLU A 1 12  ? 8.163   17.455  9.588   1.00 17.06 ? 12  GLU A CD  1 
ATOM   93   O OE1 . GLU A 1 12  ? 7.329   17.133  8.710   1.00 14.06 ? 12  GLU A OE1 1 
ATOM   94   O OE2 . GLU A 1 12  ? 7.989   18.433  10.350  1.00 17.92 ? 12  GLU A OE2 1 
ATOM   95   N N   . LEU A 1 13  ? 8.541   12.721  7.510   1.00 11.52 ? 13  LEU A N   1 
ATOM   96   C CA  . LEU A 1 13  ? 8.367   11.284  7.380   1.00 10.63 ? 13  LEU A CA  1 
ATOM   97   C C   . LEU A 1 13  ? 7.996   10.857  5.976   1.00 10.50 ? 13  LEU A C   1 
ATOM   98   O O   . LEU A 1 13  ? 7.265   11.549  5.275   1.00 10.60 ? 13  LEU A O   1 
ATOM   99   C CB  . LEU A 1 13  ? 7.273   10.798  8.336   1.00 10.94 ? 13  LEU A CB  1 
ATOM   100  C CG  . LEU A 1 13  ? 7.484   11.035  9.830   1.00 12.32 ? 13  LEU A CG  1 
ATOM   101  C CD1 . LEU A 1 13  ? 6.217   10.651  10.582  1.00 13.89 ? 13  LEU A CD1 1 
ATOM   102  C CD2 . LEU A 1 13  ? 8.672   10.226  10.323  1.00 14.54 ? 13  LEU A CD2 1 
ATOM   103  N N   . ARG A 1 14  ? 8.507   9.700   5.578   1.00 10.67 ? 14  ARG A N   1 
ATOM   104  C CA  . ARG A 1 14  ? 8.194   9.143   4.277   1.00 10.89 ? 14  ARG A CA  1 
ATOM   105  C C   . ARG A 1 14  ? 7.852   7.675   4.462   1.00 10.83 ? 14  ARG A C   1 
ATOM   106  O O   . ARG A 1 14  ? 8.488   6.970   5.246   1.00 11.69 ? 14  ARG A O   1 
ATOM   107  C CB  A ARG A 1 14  ? 9.383   9.300   3.324   0.83 13.56 ? 14  ARG A CB  1 
ATOM   108  C CB  B ARG A 1 14  ? 9.384   9.269   3.323   0.17 12.37 ? 14  ARG A CB  1 
ATOM   109  C CG  A ARG A 1 14  ? 9.570   10.723  2.795   0.83 13.79 ? 14  ARG A CG  1 
ATOM   110  C CG  B ARG A 1 14  ? 9.751   10.697  2.957   0.17 13.11 ? 14  ARG A CG  1 
ATOM   111  C CD  A ARG A 1 14  ? 10.758  10.821  1.843   0.83 15.11 ? 14  ARG A CD  1 
ATOM   112  C CD  B ARG A 1 14  ? 10.797  10.721  1.852   0.17 14.33 ? 14  ARG A CD  1 
ATOM   113  N NE  A ARG A 1 14  ? 10.707  12.020  1.004   0.83 14.65 ? 14  ARG A NE  1 
ATOM   114  N NE  B ARG A 1 14  ? 12.012  10.000  2.223   0.17 14.68 ? 14  ARG A NE  1 
ATOM   115  C CZ  A ARG A 1 14  ? 10.846  13.265  1.448   0.83 14.10 ? 14  ARG A CZ  1 
ATOM   116  C CZ  B ARG A 1 14  ? 13.009  9.732   1.384   0.17 15.66 ? 14  ARG A CZ  1 
ATOM   117  N NH1 A ARG A 1 14  ? 11.054  13.497  2.737   0.83 13.06 ? 14  ARG A NH1 1 
ATOM   118  N NH1 B ARG A 1 14  ? 12.943  10.123  0.118   0.17 15.69 ? 14  ARG A NH1 1 
ATOM   119  N NH2 A ARG A 1 14  ? 10.771  14.283  0.603   0.83 14.95 ? 14  ARG A NH2 1 
ATOM   120  N NH2 B ARG A 1 14  ? 14.074  9.070   1.813   0.17 14.90 ? 14  ARG A NH2 1 
ATOM   121  N N   . ALA A 1 15  ? 6.820   7.229   3.760   1.00 11.27 ? 15  ALA A N   1 
ATOM   122  C CA  . ALA A 1 15  ? 6.403   5.835   3.813   1.00 10.38 ? 15  ALA A CA  1 
ATOM   123  C C   . ALA A 1 15  ? 6.353   5.332   2.384   1.00 9.46  ? 15  ALA A C   1 
ATOM   124  O O   . ALA A 1 15  ? 6.144   6.109   1.450   1.00 10.14 ? 15  ALA A O   1 
ATOM   125  C CB  . ALA A 1 15  ? 5.035   5.707   4.464   1.00 12.70 ? 15  ALA A CB  1 
ATOM   126  N N   . ALA A 1 16  ? 6.551   4.032   2.209   1.00 9.74  ? 16  ALA A N   1 
ATOM   127  C CA  . ALA A 1 16  ? 6.535   3.453   0.875   1.00 9.19  ? 16  ALA A CA  1 
ATOM   128  C C   . ALA A 1 16  ? 5.844   2.108   0.910   1.00 10.06 ? 16  ALA A C   1 
ATOM   129  O O   . ALA A 1 16  ? 6.106   1.288   1.788   1.00 11.35 ? 16  ALA A O   1 
ATOM   130  C CB  . ALA A 1 16  ? 7.954   3.297   0.355   1.00 11.82 ? 16  ALA A CB  1 
ATOM   131  N N   . GLY A 1 17  ? 4.964   1.887   -0.056  1.00 10.34 ? 17  GLY A N   1 
ATOM   132  C CA  . GLY A 1 17  ? 4.238   0.639   -0.111  1.00 11.56 ? 17  GLY A CA  1 
ATOM   133  C C   . GLY A 1 17  ? 3.922   0.210   -1.523  1.00 10.84 ? 17  GLY A C   1 
ATOM   134  O O   . GLY A 1 17  ? 4.290   0.870   -2.496  1.00 9.90  ? 17  GLY A O   1 
ATOM   135  N N   . VAL A 1 18  ? 3.208   -0.902  -1.637  1.00 10.33 ? 18  VAL A N   1 
ATOM   136  C CA  . VAL A 1 18  ? 2.874   -1.430  -2.945  1.00 10.06 ? 18  VAL A CA  1 
ATOM   137  C C   . VAL A 1 18  ? 1.443   -1.887  -3.124  1.00 9.86  ? 18  VAL A C   1 
ATOM   138  O O   . VAL A 1 18  ? 0.773   -2.295  -2.171  1.00 10.97 ? 18  VAL A O   1 
ATOM   139  C CB  . VAL A 1 18  ? 3.748   -2.671  -3.290  1.00 9.61  ? 18  VAL A CB  1 
ATOM   140  C CG1 . VAL A 1 18  ? 5.218   -2.302  -3.295  1.00 11.16 ? 18  VAL A CG1 1 
ATOM   141  C CG2 . VAL A 1 18  ? 3.485   -3.798  -2.281  1.00 11.55 ? 18  VAL A CG2 1 
ATOM   142  N N   . VAL A 1 19  ? 0.982   -1.781  -4.333  1.00 10.72 ? 19  VAL A N   1 
ATOM   143  C CA  . VAL A 1 19  ? -0.269  -2.325  -4.740  1.00 10.96 ? 19  VAL A CA  1 
ATOM   144  C C   . VAL A 1 19  ? 0.237   -3.565  -5.475  1.00 11.03 ? 19  VAL A C   1 
ATOM   145  O O   . VAL A 1 19  ? 0.708   -3.487  -6.598  1.00 10.95 ? 19  VAL A O   1 
ATOM   146  C CB  . VAL A 1 19  ? -1.093  -1.445  -5.718  1.00 9.87  ? 19  VAL A CB  1 
ATOM   147  C CG1 . VAL A 1 19  ? -2.148  -2.277  -6.419  1.00 12.49 ? 19  VAL A CG1 1 
ATOM   148  C CG2 . VAL A 1 19  ? -1.738  -0.270  -4.979  1.00 12.39 ? 19  VAL A CG2 1 
ATOM   149  N N   . LEU A 1 20  ? 0.182   -4.701  -4.800  1.00 12.41 ? 20  LEU A N   1 
ATOM   150  C CA  . LEU A 1 20  ? 0.645   -5.976  -5.332  1.00 13.94 ? 20  LEU A CA  1 
ATOM   151  C C   . LEU A 1 20  ? -0.529  -6.792  -5.851  1.00 13.57 ? 20  LEU A C   1 
ATOM   152  O O   . LEU A 1 20  ? -1.408  -7.179  -5.082  1.00 12.56 ? 20  LEU A O   1 
ATOM   153  C CB  . LEU A 1 20  ? 1.367   -6.744  -4.215  1.00 17.48 ? 20  LEU A CB  1 
ATOM   154  C CG  . LEU A 1 20  ? 2.127   -8.053  -4.479  1.00 20.14 ? 20  LEU A CG  1 
ATOM   155  C CD1 . LEU A 1 20  ? 1.186   -9.132  -4.996  1.00 21.02 ? 20  LEU A CD1 1 
ATOM   156  C CD2 . LEU A 1 20  ? 3.250   -7.797  -5.465  1.00 22.00 ? 20  LEU A CD2 1 
ATOM   157  N N   . LEU A 1 21  ? -0.538  -7.054  -7.152  1.00 13.68 ? 21  LEU A N   1 
ATOM   158  C CA  . LEU A 1 21  ? -1.611  -7.835  -7.756  1.00 14.62 ? 21  LEU A CA  1 
ATOM   159  C C   . LEU A 1 21  ? -1.097  -9.186  -8.225  1.00 14.73 ? 21  LEU A C   1 
ATOM   160  O O   . LEU A 1 21  ? 0.037   -9.292  -8.702  1.00 16.17 ? 21  LEU A O   1 
ATOM   161  C CB  . LEU A 1 21  ? -2.205  -7.099  -8.961  1.00 15.86 ? 21  LEU A CB  1 
ATOM   162  C CG  . LEU A 1 21  ? -2.722  -5.673  -8.760  1.00 15.61 ? 21  LEU A CG  1 
ATOM   163  C CD1 . LEU A 1 21  ? -3.428  -5.218  -10.026 1.00 17.93 ? 21  LEU A CD1 1 
ATOM   164  C CD2 . LEU A 1 21  ? -3.681  -5.621  -7.581  1.00 16.35 ? 21  LEU A CD2 1 
ATOM   165  N N   . ASN A 1 22  ? -1.919  -10.222 -8.079  1.00 14.16 ? 22  ASN A N   1 
ATOM   166  C CA  . ASN A 1 22  ? -1.530  -11.541 -8.551  1.00 15.44 ? 22  ASN A CA  1 
ATOM   167  C C   . ASN A 1 22  ? -2.047  -11.668 -9.980  1.00 16.57 ? 22  ASN A C   1 
ATOM   168  O O   . ASN A 1 22  ? -2.538  -10.694 -10.546 1.00 17.17 ? 22  ASN A O   1 
ATOM   169  C CB  . ASN A 1 22  ? -2.089  -12.660 -7.649  1.00 14.26 ? 22  ASN A CB  1 
ATOM   170  C CG  . ASN A 1 22  ? -3.609  -12.714 -7.620  1.00 13.31 ? 22  ASN A CG  1 
ATOM   171  O OD1 . ASN A 1 22  ? -4.296  -12.075 -8.418  1.00 12.67 ? 22  ASN A OD1 1 
ATOM   172  N ND2 . ASN A 1 22  ? -4.141  -13.504 -6.692  1.00 13.30 ? 22  ASN A ND2 1 
ATOM   173  N N   . GLU A 1 23  ? -1.942  -12.858 -10.560 1.00 18.60 ? 23  GLU A N   1 
ATOM   174  C CA  . GLU A 1 23  ? -2.380  -13.078 -11.937 1.00 21.30 ? 23  GLU A CA  1 
ATOM   175  C C   . GLU A 1 23  ? -3.869  -12.856 -12.206 1.00 20.15 ? 23  GLU A C   1 
ATOM   176  O O   . GLU A 1 23  ? -4.267  -12.645 -13.353 1.00 22.06 ? 23  GLU A O   1 
ATOM   177  C CB  . GLU A 1 23  ? -1.990  -14.490 -12.388 1.00 24.82 ? 23  GLU A CB  1 
ATOM   178  C CG  . GLU A 1 23  ? -0.490  -14.732 -12.432 1.00 30.77 ? 23  GLU A CG  1 
ATOM   179  C CD  . GLU A 1 23  ? 0.218   -13.823 -13.421 1.00 33.89 ? 23  GLU A CD  1 
ATOM   180  O OE1 . GLU A 1 23  ? -0.086  -13.906 -14.630 1.00 36.14 ? 23  GLU A OE1 1 
ATOM   181  O OE2 . GLU A 1 23  ? 1.077   -13.026 -12.988 1.00 35.85 ? 23  GLU A OE2 1 
ATOM   182  N N   . ARG A 1 24  ? -4.689  -12.901 -11.161 1.00 17.81 ? 24  ARG A N   1 
ATOM   183  C CA  . ARG A 1 24  ? -6.129  -12.711 -11.318 1.00 17.42 ? 24  ARG A CA  1 
ATOM   184  C C   . ARG A 1 24  ? -6.566  -11.278 -11.032 1.00 16.32 ? 24  ARG A C   1 
ATOM   185  O O   . ARG A 1 24  ? -7.743  -10.937 -11.168 1.00 19.02 ? 24  ARG A O   1 
ATOM   186  C CB  . ARG A 1 24  ? -6.891  -13.663 -10.392 1.00 17.23 ? 24  ARG A CB  1 
ATOM   187  C CG  . ARG A 1 24  ? -6.667  -15.144 -10.684 1.00 17.74 ? 24  ARG A CG  1 
ATOM   188  C CD  . ARG A 1 24  ? -7.606  -16.008 -9.845  1.00 17.77 ? 24  ARG A CD  1 
ATOM   189  N NE  . ARG A 1 24  ? -7.388  -15.825 -8.413  1.00 18.35 ? 24  ARG A NE  1 
ATOM   190  C CZ  . ARG A 1 24  ? -6.410  -16.400 -7.720  1.00 17.61 ? 24  ARG A CZ  1 
ATOM   191  N NH1 . ARG A 1 24  ? -5.549  -17.214 -8.322  1.00 20.08 ? 24  ARG A NH1 1 
ATOM   192  N NH2 . ARG A 1 24  ? -6.284  -16.152 -6.424  1.00 19.30 ? 24  ARG A NH2 1 
ATOM   193  N N   . GLY A 1 25  ? -5.622  -10.439 -10.626 1.00 15.23 ? 25  GLY A N   1 
ATOM   194  C CA  . GLY A 1 25  ? -5.967  -9.064  -10.326 1.00 14.43 ? 25  GLY A CA  1 
ATOM   195  C C   . GLY A 1 25  ? -6.395  -8.868  -8.883  1.00 12.38 ? 25  GLY A C   1 
ATOM   196  O O   . GLY A 1 25  ? -6.939  -7.818  -8.542  1.00 12.49 ? 25  GLY A O   1 
ATOM   197  N N   . ASP A 1 26  ? -6.181  -9.881  -8.045  1.00 11.31 ? 26  ASP A N   1 
ATOM   198  C CA  . ASP A 1 26  ? -6.518  -9.776  -6.628  1.00 11.02 ? 26  ASP A CA  1 
ATOM   199  C C   . ASP A 1 26  ? -5.444  -8.894  -5.998  1.00 11.46 ? 26  ASP A C   1 
ATOM   200  O O   . ASP A 1 26  ? -4.293  -8.896  -6.444  1.00 11.60 ? 26  ASP A O   1 
ATOM   201  C CB  . ASP A 1 26  ? -6.487  -11.142 -5.935  1.00 10.66 ? 26  ASP A CB  1 
ATOM   202  C CG  . ASP A 1 26  ? -7.367  -12.172 -6.606  1.00 10.72 ? 26  ASP A CG  1 
ATOM   203  O OD1 . ASP A 1 26  ? -8.500  -11.837 -7.014  1.00 11.84 ? 26  ASP A OD1 1 
ATOM   204  O OD2 . ASP A 1 26  ? -6.918  -13.333 -6.702  1.00 11.63 ? 26  ASP A OD2 1 
ATOM   205  N N   . ILE A 1 27  ? -5.806  -8.160  -4.953  1.00 10.40 ? 27  ILE A N   1 
ATOM   206  C CA  . ILE A 1 27  ? -4.858  -7.269  -4.290  1.00 9.95  ? 27  ILE A CA  1 
ATOM   207  C C   . ILE A 1 27  ? -4.411  -7.792  -2.930  1.00 9.56  ? 27  ILE A C   1 
ATOM   208  O O   . ILE A 1 27  ? -5.207  -8.345  -2.164  1.00 10.37 ? 27  ILE A O   1 
ATOM   209  C CB  . ILE A 1 27  ? -5.466  -5.845  -4.121  1.00 9.07  ? 27  ILE A CB  1 
ATOM   210  C CG1 . ILE A 1 27  ? -4.436  -4.890  -3.502  1.00 8.80  ? 27  ILE A CG1 1 
ATOM   211  C CG2 . ILE A 1 27  ? -6.737  -5.915  -3.272  1.00 10.42 ? 27  ILE A CG2 1 
ATOM   212  C CD1 . ILE A 1 27  ? -4.854  -3.421  -3.541  1.00 10.82 ? 27  ILE A CD1 1 
ATOM   213  N N   . LEU A 1 28  ? -3.128  -7.616  -2.637  1.00 9.73  ? 28  LEU A N   1 
ATOM   214  C CA  . LEU A 1 28  ? -2.562  -8.049  -1.369  1.00 11.43 ? 28  LEU A CA  1 
ATOM   215  C C   . LEU A 1 28  ? -2.765  -6.945  -0.338  1.00 10.57 ? 28  LEU A C   1 
ATOM   216  O O   . LEU A 1 28  ? -2.305  -5.821  -0.528  1.00 11.21 ? 28  LEU A O   1 
ATOM   217  C CB  . LEU A 1 28  ? -1.069  -8.328  -1.550  1.00 13.32 ? 28  LEU A CB  1 
ATOM   218  C CG  . LEU A 1 28  ? -0.255  -8.729  -0.320  1.00 15.68 ? 28  LEU A CG  1 
ATOM   219  C CD1 . LEU A 1 28  ? -0.828  -9.988  0.296   1.00 15.20 ? 28  LEU A CD1 1 
ATOM   220  C CD2 . LEU A 1 28  ? 1.199   -8.949  -0.728  1.00 17.75 ? 28  LEU A CD2 1 
ATOM   221  N N   . LEU A 1 29  ? -3.468  -7.258  0.745   1.00 10.44 ? 29  LEU A N   1 
ATOM   222  C CA  . LEU A 1 29  ? -3.720  -6.283  1.800   1.00 10.88 ? 29  LEU A CA  1 
ATOM   223  C C   . LEU A 1 29  ? -3.258  -6.798  3.147   1.00 11.22 ? 29  LEU A C   1 
ATOM   224  O O   . LEU A 1 29  ? -3.167  -8.005  3.364   1.00 12.51 ? 29  LEU A O   1 
ATOM   225  C CB  . LEU A 1 29  ? -5.209  -5.951  1.872   1.00 11.81 ? 29  LEU A CB  1 
ATOM   226  C CG  . LEU A 1 29  ? -5.795  -5.300  0.619   1.00 11.42 ? 29  LEU A CG  1 
ATOM   227  C CD1 . LEU A 1 29  ? -7.308  -5.221  0.749   1.00 13.22 ? 29  LEU A CD1 1 
ATOM   228  C CD2 . LEU A 1 29  ? -5.196  -3.915  0.425   1.00 13.63 ? 29  LEU A CD2 1 
ATOM   229  N N   . VAL A 1 30  ? -2.970  -5.867  4.048   1.00 11.05 ? 30  VAL A N   1 
ATOM   230  C CA  . VAL A 1 30  ? -2.518  -6.182  5.397   1.00 10.85 ? 30  VAL A CA  1 
ATOM   231  C C   . VAL A 1 30  ? -3.592  -5.686  6.362   1.00 10.66 ? 30  VAL A C   1 
ATOM   232  O O   . VAL A 1 30  ? -4.125  -4.587  6.184   1.00 12.06 ? 30  VAL A O   1 
ATOM   233  C CB  . VAL A 1 30  ? -1.173  -5.467  5.700   1.00 12.05 ? 30  VAL A CB  1 
ATOM   234  C CG1 . VAL A 1 30  ? -0.749  -5.723  7.141   1.00 13.64 ? 30  VAL A CG1 1 
ATOM   235  C CG2 . VAL A 1 30  ? -0.101  -5.949  4.730   1.00 12.62 ? 30  VAL A CG2 1 
ATOM   236  N N   . GLN A 1 31  ? -3.911  -6.485  7.375   1.00 10.87 ? 31  GLN A N   1 
ATOM   237  C CA  . GLN A 1 31  ? -4.929  -6.105  8.347   1.00 10.83 ? 31  GLN A CA  1 
ATOM   238  C C   . GLN A 1 31  ? -4.332  -5.719  9.695   1.00 11.70 ? 31  GLN A C   1 
ATOM   239  O O   . GLN A 1 31  ? -3.431  -6.391  10.209  1.00 12.26 ? 31  GLN A O   1 
ATOM   240  C CB  . GLN A 1 31  ? -5.931  -7.249  8.549   1.00 12.32 ? 31  GLN A CB  1 
ATOM   241  C CG  . GLN A 1 31  ? -7.046  -6.910  9.534   1.00 14.05 ? 31  GLN A CG  1 
ATOM   242  C CD  . GLN A 1 31  ? -8.032  -8.045  9.721   1.00 14.57 ? 31  GLN A CD  1 
ATOM   243  O OE1 . GLN A 1 31  ? -7.657  -9.218  9.708   1.00 16.96 ? 31  GLN A OE1 1 
ATOM   244  N NE2 . GLN A 1 31  ? -9.302  -7.701  9.911   1.00 15.15 ? 31  GLN A NE2 1 
ATOM   245  N N   . GLU A 1 32  ? -4.848  -4.633  10.260  1.00 12.42 ? 32  GLU A N   1 
ATOM   246  C CA  . GLU A 1 32  ? -4.406  -4.138  11.560  1.00 13.39 ? 32  GLU A CA  1 
ATOM   247  C C   . GLU A 1 32  ? -4.907  -5.087  12.641  1.00 15.03 ? 32  GLU A C   1 
ATOM   248  O O   . GLU A 1 32  ? -5.854  -5.844  12.425  1.00 15.39 ? 32  GLU A O   1 
ATOM   249  C CB  . GLU A 1 32  ? -4.982  -2.744  11.807  1.00 13.45 ? 32  GLU A CB  1 
ATOM   250  C CG  . GLU A 1 32  ? -4.733  -1.770  10.673  1.00 17.14 ? 32  GLU A CG  1 
ATOM   251  C CD  . GLU A 1 32  ? -5.569  -0.511  10.793  1.00 18.82 ? 32  GLU A CD  1 
ATOM   252  O OE1 . GLU A 1 32  ? -6.654  -0.569  11.410  1.00 19.07 ? 32  GLU A OE1 1 
ATOM   253  O OE2 . GLU A 1 32  ? -5.149  0.531   10.250  1.00 20.58 ? 32  GLU A OE2 1 
ATOM   254  N N   . LYS A 1 33  ? -4.271  -5.045  13.806  1.00 17.98 ? 33  LYS A N   1 
ATOM   255  C CA  . LYS A 1 33  ? -4.671  -5.908  14.907  1.00 21.24 ? 33  LYS A CA  1 
ATOM   256  C C   . LYS A 1 33  ? -5.635  -5.172  15.829  1.00 22.30 ? 33  LYS A C   1 
ATOM   257  O O   . LYS A 1 33  ? -5.216  -4.469  16.751  1.00 25.49 ? 33  LYS A O   1 
ATOM   258  C CB  . LYS A 1 33  ? -3.435  -6.374  15.683  1.00 22.14 ? 33  LYS A CB  1 
ATOM   259  C CG  . LYS A 1 33  ? -3.737  -7.357  16.803  1.00 25.75 ? 33  LYS A CG  1 
ATOM   260  C CD  . LYS A 1 33  ? -2.511  -8.188  17.155  1.00 27.81 ? 33  LYS A CD  1 
ATOM   261  C CE  . LYS A 1 33  ? -2.109  -9.080  15.984  1.00 29.97 ? 33  LYS A CE  1 
ATOM   262  N NZ  . LYS A 1 33  ? -0.951  -9.964  16.295  1.00 31.68 ? 33  LYS A NZ  1 
ATOM   263  N N   . GLY A 1 34  ? -6.927  -5.332  15.566  1.00 23.68 ? 34  GLY A N   1 
ATOM   264  C CA  . GLY A 1 34  ? -7.939  -4.677  16.375  1.00 25.93 ? 34  GLY A CA  1 
ATOM   265  C C   . GLY A 1 34  ? -8.028  -3.186  16.112  1.00 27.62 ? 34  GLY A C   1 
ATOM   266  O O   . GLY A 1 34  ? -7.335  -2.657  15.243  1.00 26.86 ? 34  GLY A O   1 
ATOM   267  N N   . ILE A 1 35  ? -8.888  -2.509  16.867  1.00 29.28 ? 35  ILE A N   1 
ATOM   268  C CA  . ILE A 1 35  ? -9.071  -1.069  16.726  1.00 30.32 ? 35  ILE A CA  1 
ATOM   269  C C   . ILE A 1 35  ? -8.801  -0.361  18.051  1.00 31.42 ? 35  ILE A C   1 
ATOM   270  O O   . ILE A 1 35  ? -8.962  -0.947  19.122  1.00 32.18 ? 35  ILE A O   1 
ATOM   271  C CB  . ILE A 1 35  ? -10.508 -0.729  16.266  1.00 31.23 ? 35  ILE A CB  1 
ATOM   272  C CG1 . ILE A 1 35  ? -10.768 -1.326  14.880  1.00 31.67 ? 35  ILE A CG1 1 
ATOM   273  C CG2 . ILE A 1 35  ? -10.707 0.781   16.242  1.00 31.82 ? 35  ILE A CG2 1 
ATOM   274  C CD1 . ILE A 1 35  ? -9.840  -0.806  13.796  1.00 32.11 ? 35  ILE A CD1 1 
ATOM   275  N N   . GLU A 1 40  ? -15.062 -5.628  19.613  1.00 34.69 ? 40  GLU A N   1 
ATOM   276  C CA  . GLU A 1 40  ? -15.778 -6.534  18.720  1.00 34.67 ? 40  GLU A CA  1 
ATOM   277  C C   . GLU A 1 40  ? -15.545 -6.189  17.253  1.00 33.28 ? 40  GLU A C   1 
ATOM   278  O O   . GLU A 1 40  ? -16.012 -6.894  16.357  1.00 32.30 ? 40  GLU A O   1 
ATOM   279  C CB  . GLU A 1 40  ? -17.279 -6.506  19.033  1.00 37.05 ? 40  GLU A CB  1 
ATOM   280  C CG  . GLU A 1 40  ? -17.746 -5.278  19.806  1.00 39.71 ? 40  GLU A CG  1 
ATOM   281  C CD  . GLU A 1 40  ? -17.469 -3.977  19.078  1.00 40.43 ? 40  GLU A CD  1 
ATOM   282  O OE1 . GLU A 1 40  ? -17.987 -3.801  17.956  1.00 41.95 ? 40  GLU A OE1 1 
ATOM   283  O OE2 . GLU A 1 40  ? -16.734 -3.131  19.630  1.00 41.25 ? 40  GLU A OE2 1 
ATOM   284  N N   . LYS A 1 41  ? -14.811 -5.106  17.018  1.00 31.92 ? 41  LYS A N   1 
ATOM   285  C CA  . LYS A 1 41  ? -14.503 -4.650  15.667  1.00 29.94 ? 41  LYS A CA  1 
ATOM   286  C C   . LYS A 1 41  ? -13.147 -5.160  15.185  1.00 27.10 ? 41  LYS A C   1 
ATOM   287  O O   . LYS A 1 41  ? -12.159 -5.126  15.918  1.00 25.71 ? 41  LYS A O   1 
ATOM   288  C CB  . LYS A 1 41  ? -14.524 -3.117  15.608  1.00 32.03 ? 41  LYS A CB  1 
ATOM   289  C CG  . LYS A 1 41  ? -14.704 -2.424  16.959  1.00 34.67 ? 41  LYS A CG  1 
ATOM   290  C CD  . LYS A 1 41  ? -13.554 -2.718  17.918  1.00 36.06 ? 41  LYS A CD  1 
ATOM   291  C CE  . LYS A 1 41  ? -13.795 -2.093  19.286  1.00 37.68 ? 41  LYS A CE  1 
ATOM   292  N NZ  . LYS A 1 41  ? -13.893 -0.608  19.219  1.00 37.85 ? 41  LYS A NZ  1 
ATOM   293  N N   . ALA A 1 42  ? -13.109 -5.632  13.944  1.00 25.12 ? 42  ALA A N   1 
ATOM   294  C CA  . ALA A 1 42  ? -11.878 -6.142  13.355  1.00 22.43 ? 42  ALA A CA  1 
ATOM   295  C C   . ALA A 1 42  ? -11.014 -4.978  12.877  1.00 20.39 ? 42  ALA A C   1 
ATOM   296  O O   . ALA A 1 42  ? -11.517 -3.888  12.606  1.00 20.60 ? 42  ALA A O   1 
ATOM   297  C CB  . ALA A 1 42  ? -12.202 -7.063  12.190  1.00 22.75 ? 42  ALA A CB  1 
ATOM   298  N N   . GLY A 1 43  ? -9.709  -5.210  12.786  1.00 17.67 ? 43  GLY A N   1 
ATOM   299  C CA  . GLY A 1 43  ? -8.817  -4.162  12.328  1.00 15.76 ? 43  GLY A CA  1 
ATOM   300  C C   . GLY A 1 43  ? -9.080  -3.837  10.869  1.00 14.15 ? 43  GLY A C   1 
ATOM   301  O O   . GLY A 1 43  ? -9.602  -4.672  10.129  1.00 13.48 ? 43  GLY A O   1 
ATOM   302  N N   . LEU A 1 44  ? -8.731  -2.625  10.451  1.00 13.36 ? 44  LEU A N   1 
ATOM   303  C CA  . LEU A 1 44  ? -8.939  -2.224  9.068   1.00 12.76 ? 44  LEU A CA  1 
ATOM   304  C C   . LEU A 1 44  ? -7.818  -2.726  8.171   1.00 12.51 ? 44  LEU A C   1 
ATOM   305  O O   . LEU A 1 44  ? -6.776  -3.180  8.654   1.00 13.12 ? 44  LEU A O   1 
ATOM   306  C CB  . LEU A 1 44  ? -9.062  -0.704  8.961   1.00 14.65 ? 44  LEU A CB  1 
ATOM   307  C CG  . LEU A 1 44  ? -10.158 -0.080  9.834   1.00 16.82 ? 44  LEU A CG  1 
ATOM   308  C CD1 . LEU A 1 44  ? -10.405 1.342   9.357   1.00 18.13 ? 44  LEU A CD1 1 
ATOM   309  C CD2 . LEU A 1 44  ? -11.449 -0.893  9.756   1.00 18.22 ? 44  LEU A CD2 1 
ATOM   310  N N   . TRP A 1 45  ? -8.040  -2.639  6.863   1.00 11.44 ? 45  TRP A N   1 
ATOM   311  C CA  . TRP A 1 45  ? -7.079  -3.120  5.881   1.00 11.85 ? 45  TRP A CA  1 
ATOM   312  C C   . TRP A 1 45  ? -6.350  -2.013  5.136   1.00 11.33 ? 45  TRP A C   1 
ATOM   313  O O   . TRP A 1 45  ? -6.914  -0.954  4.861   1.00 12.49 ? 45  TRP A O   1 
ATOM   314  C CB  . TRP A 1 45  ? -7.794  -4.023  4.870   1.00 11.56 ? 45  TRP A CB  1 
ATOM   315  C CG  . TRP A 1 45  ? -8.401  -5.252  5.476   1.00 11.34 ? 45  TRP A CG  1 
ATOM   316  C CD1 . TRP A 1 45  ? -9.597  -5.348  6.129   1.00 11.74 ? 45  TRP A CD1 1 
ATOM   317  C CD2 . TRP A 1 45  ? -7.831  -6.563  5.488   1.00 10.30 ? 45  TRP A CD2 1 
ATOM   318  N NE1 . TRP A 1 45  ? -9.807  -6.642  6.543   1.00 11.74 ? 45  TRP A NE1 1 
ATOM   319  C CE2 . TRP A 1 45  ? -8.736  -7.408  6.163   1.00 11.43 ? 45  TRP A CE2 1 
ATOM   320  C CE3 . TRP A 1 45  ? -6.638  -7.105  4.994   1.00 11.36 ? 45  TRP A CE3 1 
ATOM   321  C CZ2 . TRP A 1 45  ? -8.487  -8.771  6.355   1.00 11.87 ? 45  TRP A CZ2 1 
ATOM   322  C CZ3 . TRP A 1 45  ? -6.390  -8.460  5.185   1.00 12.47 ? 45  TRP A CZ3 1 
ATOM   323  C CH2 . TRP A 1 45  ? -7.312  -9.276  5.861   1.00 12.68 ? 45  TRP A CH2 1 
ATOM   324  N N   . HIS A 1 46  ? -5.091  -2.271  4.800   1.00 11.67 ? 46  HIS A N   1 
ATOM   325  C CA  . HIS A 1 46  ? -4.278  -1.304  4.072   1.00 12.01 ? 46  HIS A CA  1 
ATOM   326  C C   . HIS A 1 46  ? -3.246  -2.034  3.224   1.00 11.77 ? 46  HIS A C   1 
ATOM   327  O O   . HIS A 1 46  ? -3.079  -3.248  3.343   1.00 12.14 ? 46  HIS A O   1 
ATOM   328  C CB  . HIS A 1 46  ? -3.598  -0.335  5.052   1.00 14.95 ? 46  HIS A CB  1 
ATOM   329  C CG  . HIS A 1 46  ? -2.716  -1.000  6.062   1.00 16.36 ? 46  HIS A CG  1 
ATOM   330  N ND1 . HIS A 1 46  ? -1.473  -1.506  5.748   1.00 17.03 ? 46  HIS A ND1 1 
ATOM   331  C CD2 . HIS A 1 46  ? -2.895  -1.238  7.383   1.00 18.22 ? 46  HIS A CD2 1 
ATOM   332  C CE1 . HIS A 1 46  ? -0.925  -2.027  6.832   1.00 19.24 ? 46  HIS A CE1 1 
ATOM   333  N NE2 . HIS A 1 46  ? -1.767  -1.876  7.838   1.00 19.65 ? 46  HIS A NE2 1 
ATOM   334  N N   . ILE A 1 47  ? -2.562  -1.311  2.348   1.00 11.77 ? 47  ILE A N   1 
ATOM   335  C CA  . ILE A 1 47  ? -1.557  -1.950  1.505   1.00 11.85 ? 47  ILE A CA  1 
ATOM   336  C C   . ILE A 1 47  ? -0.284  -2.205  2.306   1.00 10.95 ? 47  ILE A C   1 
ATOM   337  O O   . ILE A 1 47  ? -0.065  -1.595  3.351   1.00 11.01 ? 47  ILE A O   1 
ATOM   338  C CB  . ILE A 1 47  ? -1.186  -1.067  0.274   1.00 11.42 ? 47  ILE A CB  1 
ATOM   339  C CG1 . ILE A 1 47  ? -0.516  0.235   0.730   1.00 12.33 ? 47  ILE A CG1 1 
ATOM   340  C CG2 . ILE A 1 47  ? -2.428  -0.780  -0.552  1.00 12.84 ? 47  ILE A CG2 1 
ATOM   341  C CD1 . ILE A 1 47  ? 0.032   1.078   -0.415  1.00 12.67 ? 47  ILE A CD1 1 
ATOM   342  N N   . PRO A 1 48  ? 0.552   -3.150  1.847   1.00 11.46 ? 48  PRO A N   1 
ATOM   343  C CA  . PRO A 1 48  ? 1.802   -3.427  2.562   1.00 12.43 ? 48  PRO A CA  1 
ATOM   344  C C   . PRO A 1 48  ? 2.598   -2.138  2.404   1.00 12.79 ? 48  PRO A C   1 
ATOM   345  O O   . PRO A 1 48  ? 2.790   -1.664  1.280   1.00 13.09 ? 48  PRO A O   1 
ATOM   346  C CB  . PRO A 1 48  ? 2.418   -4.571  1.764   1.00 12.96 ? 48  PRO A CB  1 
ATOM   347  C CG  . PRO A 1 48  ? 1.234   -5.253  1.155   1.00 11.20 ? 48  PRO A CG  1 
ATOM   348  C CD  . PRO A 1 48  ? 0.359   -4.095  0.736   1.00 10.98 ? 48  PRO A CD  1 
ATOM   349  N N   . SER A 1 49  ? 3.051   -1.573  3.515   1.00 12.92 ? 49  SER A N   1 
ATOM   350  C CA  . SER A 1 49  ? 3.780   -0.315  3.478   1.00 13.60 ? 49  SER A CA  1 
ATOM   351  C C   . SER A 1 49  ? 4.502   -0.095  4.792   1.00 13.56 ? 49  SER A C   1 
ATOM   352  O O   . SER A 1 49  ? 4.121   -0.650  5.824   1.00 16.39 ? 49  SER A O   1 
ATOM   353  C CB  . SER A 1 49  ? 2.793   0.832   3.231   1.00 14.77 ? 49  SER A CB  1 
ATOM   354  O OG  . SER A 1 49  ? 3.421   2.101   3.257   1.00 16.94 ? 49  SER A OG  1 
ATOM   355  N N   . GLY A 1 50  ? 5.552   0.715   4.749   1.00 11.98 ? 50  GLY A N   1 
ATOM   356  C CA  . GLY A 1 50  ? 6.304   0.990   5.952   1.00 14.04 ? 50  GLY A CA  1 
ATOM   357  C C   . GLY A 1 50  ? 7.155   2.230   5.819   1.00 13.28 ? 50  GLY A C   1 
ATOM   358  O O   . GLY A 1 50  ? 7.208   2.865   4.765   1.00 12.17 ? 50  GLY A O   1 
ATOM   359  N N   . ALA A 1 51  ? 7.843   2.565   6.900   1.00 14.22 ? 51  ALA A N   1 
ATOM   360  C CA  . ALA A 1 51  ? 8.682   3.744   6.932   1.00 13.41 ? 51  ALA A CA  1 
ATOM   361  C C   . ALA A 1 51  ? 9.922   3.649   6.060   1.00 14.70 ? 51  ALA A C   1 
ATOM   362  O O   . ALA A 1 51  ? 10.582  2.609   5.992   1.00 14.91 ? 51  ALA A O   1 
ATOM   363  C CB  . ALA A 1 51  ? 9.087   4.040   8.367   1.00 15.24 ? 51  ALA A CB  1 
ATOM   364  N N   . VAL A 1 52  ? 10.219  4.747   5.375   1.00 13.46 ? 52  VAL A N   1 
ATOM   365  C CA  . VAL A 1 52  ? 11.407  4.847   4.548   1.00 14.08 ? 52  VAL A CA  1 
ATOM   366  C C   . VAL A 1 52  ? 12.448  5.422   5.500   1.00 15.67 ? 52  VAL A C   1 
ATOM   367  O O   . VAL A 1 52  ? 12.229  6.485   6.081   1.00 16.70 ? 52  VAL A O   1 
ATOM   368  C CB  . VAL A 1 52  ? 11.213  5.841   3.384   1.00 12.68 ? 52  VAL A CB  1 
ATOM   369  C CG1 . VAL A 1 52  ? 12.499  5.956   2.590   1.00 13.87 ? 52  VAL A CG1 1 
ATOM   370  C CG2 . VAL A 1 52  ? 10.073  5.384   2.486   1.00 12.07 ? 52  VAL A CG2 1 
ATOM   371  N N   . GLU A 1 53  ? 13.561  4.723   5.689   1.00 15.53 ? 53  GLU A N   1 
ATOM   372  C CA  . GLU A 1 53  ? 14.591  5.238   6.579   1.00 17.46 ? 53  GLU A CA  1 
ATOM   373  C C   . GLU A 1 53  ? 15.123  6.539   5.995   1.00 17.61 ? 53  GLU A C   1 
ATOM   374  O O   . GLU A 1 53  ? 15.122  6.731   4.778   1.00 16.58 ? 53  GLU A O   1 
ATOM   375  C CB  . GLU A 1 53  ? 15.728  4.227   6.735   1.00 20.60 ? 53  GLU A CB  1 
ATOM   376  C CG  . GLU A 1 53  ? 15.279  2.866   7.245   1.00 24.23 ? 53  GLU A CG  1 
ATOM   377  C CD  . GLU A 1 53  ? 14.360  2.962   8.449   1.00 28.58 ? 53  GLU A CD  1 
ATOM   378  O OE1 . GLU A 1 53  ? 14.752  3.592   9.456   1.00 32.06 ? 53  GLU A OE1 1 
ATOM   379  O OE2 . GLU A 1 53  ? 13.244  2.404   8.389   1.00 32.25 ? 53  GLU A OE2 1 
ATOM   380  N N   . ASP A 1 54  ? 15.569  7.443   6.859   1.00 18.82 ? 54  ASP A N   1 
ATOM   381  C CA  . ASP A 1 54  ? 16.085  8.714   6.379   1.00 18.52 ? 54  ASP A CA  1 
ATOM   382  C C   . ASP A 1 54  ? 17.264  8.464   5.447   1.00 19.34 ? 54  ASP A C   1 
ATOM   383  O O   . ASP A 1 54  ? 18.241  7.813   5.823   1.00 19.82 ? 54  ASP A O   1 
ATOM   384  C CB  . ASP A 1 54  ? 16.520  9.593   7.553   1.00 20.23 ? 54  ASP A CB  1 
ATOM   385  C CG  . ASP A 1 54  ? 16.756  11.031  7.142   1.00 19.35 ? 54  ASP A CG  1 
ATOM   386  O OD1 . ASP A 1 54  ? 15.796  11.682  6.680   1.00 21.81 ? 54  ASP A OD1 1 
ATOM   387  O OD2 . ASP A 1 54  ? 17.902  11.509  7.277   1.00 23.02 ? 54  ASP A OD2 1 
ATOM   388  N N   . GLY A 1 55  ? 17.156  8.964   4.221   1.00 19.96 ? 55  GLY A N   1 
ATOM   389  C CA  . GLY A 1 55  ? 18.225  8.786   3.259   1.00 20.67 ? 55  GLY A CA  1 
ATOM   390  C C   . GLY A 1 55  ? 18.121  7.565   2.362   1.00 21.18 ? 55  GLY A C   1 
ATOM   391  O O   . GLY A 1 55  ? 18.800  7.505   1.335   1.00 23.36 ? 55  GLY A O   1 
ATOM   392  N N   . GLU A 1 56  ? 17.291  6.588   2.718   1.00 20.92 ? 56  GLU A N   1 
ATOM   393  C CA  . GLU A 1 56  ? 17.190  5.409   1.868   1.00 20.61 ? 56  GLU A CA  1 
ATOM   394  C C   . GLU A 1 56  ? 16.197  5.594   0.730   1.00 17.59 ? 56  GLU A C   1 
ATOM   395  O O   . GLU A 1 56  ? 15.230  6.346   0.839   1.00 18.43 ? 56  GLU A O   1 
ATOM   396  C CB  . GLU A 1 56  ? 16.827  4.159   2.673   1.00 22.83 ? 56  GLU A CB  1 
ATOM   397  C CG  . GLU A 1 56  ? 15.420  4.108   3.210   1.00 23.38 ? 56  GLU A CG  1 
ATOM   398  C CD  . GLU A 1 56  ? 14.948  2.677   3.420   1.00 23.75 ? 56  GLU A CD  1 
ATOM   399  O OE1 . GLU A 1 56  ? 14.024  2.463   4.224   1.00 19.50 ? 56  GLU A OE1 1 
ATOM   400  O OE2 . GLU A 1 56  ? 15.500  1.764   2.771   1.00 29.52 ? 56  GLU A OE2 1 
ATOM   401  N N   . ASN A 1 57  ? 16.460  4.901   -0.369  1.00 16.64 ? 57  ASN A N   1 
ATOM   402  C CA  . ASN A 1 57  ? 15.621  4.982   -1.554  1.00 14.89 ? 57  ASN A CA  1 
ATOM   403  C C   . ASN A 1 57  ? 14.210  4.475   -1.265  1.00 15.02 ? 57  ASN A C   1 
ATOM   404  O O   . ASN A 1 57  ? 14.024  3.342   -0.827  1.00 15.07 ? 57  ASN A O   1 
ATOM   405  C CB  . ASN A 1 57  ? 16.269  4.178   -2.679  1.00 14.84 ? 57  ASN A CB  1 
ATOM   406  C CG  . ASN A 1 57  ? 15.509  4.281   -3.973  1.00 15.87 ? 57  ASN A CG  1 
ATOM   407  O OD1 . ASN A 1 57  ? 14.544  3.551   -4.196  1.00 17.19 ? 57  ASN A OD1 1 
ATOM   408  N ND2 . ASN A 1 57  ? 15.929  5.200   -4.835  1.00 14.18 ? 57  ASN A ND2 1 
ATOM   409  N N   . PRO A 1 58  ? 13.192  5.318   -1.503  1.00 14.07 ? 58  PRO A N   1 
ATOM   410  C CA  . PRO A 1 58  ? 11.796  4.938   -1.258  1.00 12.81 ? 58  PRO A CA  1 
ATOM   411  C C   . PRO A 1 58  ? 11.335  3.701   -2.020  1.00 12.31 ? 58  PRO A C   1 
ATOM   412  O O   . PRO A 1 58  ? 10.550  2.907   -1.501  1.00 12.38 ? 58  PRO A O   1 
ATOM   413  C CB  . PRO A 1 58  ? 11.017  6.185   -1.666  1.00 14.19 ? 58  PRO A CB  1 
ATOM   414  C CG  . PRO A 1 58  ? 11.988  7.289   -1.385  1.00 15.62 ? 58  PRO A CG  1 
ATOM   415  C CD  . PRO A 1 58  ? 13.281  6.730   -1.916  1.00 14.13 ? 58  PRO A CD  1 
ATOM   416  N N   . GLN A 1 59  ? 11.797  3.546   -3.254  1.00 11.73 ? 59  GLN A N   1 
ATOM   417  C CA  . GLN A 1 59  ? 11.410  2.382   -4.039  1.00 11.32 ? 59  GLN A CA  1 
ATOM   418  C C   . GLN A 1 59  ? 11.933  1.108   -3.370  1.00 12.06 ? 59  GLN A C   1 
ATOM   419  O O   . GLN A 1 59  ? 11.204  0.120   -3.235  1.00 12.14 ? 59  GLN A O   1 
ATOM   420  C CB  . GLN A 1 59  ? 11.959  2.495   -5.461  1.00 11.72 ? 59  GLN A CB  1 
ATOM   421  C CG  . GLN A 1 59  ? 11.466  1.409   -6.391  1.00 13.78 ? 59  GLN A CG  1 
ATOM   422  C CD  . GLN A 1 59  ? 12.050  1.544   -7.776  1.00 15.17 ? 59  GLN A CD  1 
ATOM   423  O OE1 . GLN A 1 59  ? 11.878  2.569   -8.440  1.00 15.96 ? 59  GLN A OE1 1 
ATOM   424  N NE2 . GLN A 1 59  ? 12.756  0.512   -8.221  1.00 16.27 ? 59  GLN A NE2 1 
ATOM   425  N N   . ASP A 1 60  ? 13.189  1.132   -2.937  1.00 12.53 ? 60  ASP A N   1 
ATOM   426  C CA  . ASP A 1 60  ? 13.763  -0.028  -2.266  1.00 12.50 ? 60  ASP A CA  1 
ATOM   427  C C   . ASP A 1 60  ? 13.014  -0.301  -0.961  1.00 13.10 ? 60  ASP A C   1 
ATOM   428  O O   . ASP A 1 60  ? 12.793  -1.458  -0.590  1.00 13.64 ? 60  ASP A O   1 
ATOM   429  C CB  . ASP A 1 60  ? 15.252  0.189   -1.970  1.00 14.42 ? 60  ASP A CB  1 
ATOM   430  C CG  . ASP A 1 60  ? 16.095  0.252   -3.228  1.00 16.84 ? 60  ASP A CG  1 
ATOM   431  O OD1 . ASP A 1 60  ? 15.683  -0.324  -4.257  1.00 19.57 ? 60  ASP A OD1 1 
ATOM   432  O OD2 . ASP A 1 60  ? 17.181  0.863   -3.179  1.00 20.42 ? 60  ASP A OD2 1 
ATOM   433  N N   . ALA A 1 61  ? 12.622  0.765   -0.267  1.00 12.43 ? 61  ALA A N   1 
ATOM   434  C CA  . ALA A 1 61  ? 11.892  0.632   0.990   1.00 12.23 ? 61  ALA A CA  1 
ATOM   435  C C   . ALA A 1 61  ? 10.549  -0.066  0.784   1.00 11.54 ? 61  ALA A C   1 
ATOM   436  O O   . ALA A 1 61  ? 10.130  -0.879  1.607   1.00 12.35 ? 61  ALA A O   1 
ATOM   437  C CB  . ALA A 1 61  ? 11.671  2.003   1.614   1.00 12.19 ? 61  ALA A CB  1 
ATOM   438  N N   . ALA A 1 62  ? 9.871   0.256   -0.312  1.00 10.70 ? 62  ALA A N   1 
ATOM   439  C CA  . ALA A 1 62  ? 8.578   -0.352  -0.602  1.00 11.90 ? 62  ALA A CA  1 
ATOM   440  C C   . ALA A 1 62  ? 8.743   -1.861  -0.743  1.00 12.40 ? 62  ALA A C   1 
ATOM   441  O O   . ALA A 1 62  ? 7.933   -2.638  -0.232  1.00 12.72 ? 62  ALA A O   1 
ATOM   442  C CB  . ALA A 1 62  ? 8.002   0.236   -1.880  1.00 11.95 ? 62  ALA A CB  1 
ATOM   443  N N   . VAL A 1 63  ? 9.794   -2.265  -1.444  1.00 13.29 ? 63  VAL A N   1 
ATOM   444  C CA  . VAL A 1 63  ? 10.081  -3.678  -1.652  1.00 14.20 ? 63  VAL A CA  1 
ATOM   445  C C   . VAL A 1 63  ? 10.416  -4.352  -0.322  1.00 13.93 ? 63  VAL A C   1 
ATOM   446  O O   . VAL A 1 63  ? 9.912   -5.435  -0.020  1.00 14.79 ? 63  VAL A O   1 
ATOM   447  C CB  . VAL A 1 63  ? 11.266  -3.858  -2.632  1.00 15.40 ? 63  VAL A CB  1 
ATOM   448  C CG1 . VAL A 1 63  ? 11.657  -5.329  -2.729  1.00 16.69 ? 63  VAL A CG1 1 
ATOM   449  C CG2 . VAL A 1 63  ? 10.884  -3.324  -4.002  1.00 16.69 ? 63  VAL A CG2 1 
ATOM   450  N N   . ARG A 1 64  ? 11.260  -3.706  0.475   1.00 13.91 ? 64  ARG A N   1 
ATOM   451  C CA  . ARG A 1 64  ? 11.654  -4.253  1.769   1.00 14.50 ? 64  ARG A CA  1 
ATOM   452  C C   . ARG A 1 64  ? 10.452  -4.407  2.695   1.00 15.08 ? 64  ARG A C   1 
ATOM   453  O O   . ARG A 1 64  ? 10.249  -5.461  3.299   1.00 14.78 ? 64  ARG A O   1 
ATOM   454  C CB  . ARG A 1 64  ? 12.693  -3.348  2.438   1.00 16.28 ? 64  ARG A CB  1 
ATOM   455  C CG  . ARG A 1 64  ? 13.191  -3.882  3.775   1.00 18.33 ? 64  ARG A CG  1 
ATOM   456  C CD  . ARG A 1 64  ? 14.191  -2.951  4.455   1.00 20.78 ? 64  ARG A CD  1 
ATOM   457  N NE  . ARG A 1 64  ? 13.550  -1.808  5.101   1.00 26.98 ? 64  ARG A NE  1 
ATOM   458  C CZ  . ARG A 1 64  ? 13.138  -0.715  4.468   1.00 27.66 ? 64  ARG A CZ  1 
ATOM   459  N NH1 . ARG A 1 64  ? 13.299  -0.605  3.159   1.00 31.90 ? 64  ARG A NH1 1 
ATOM   460  N NH2 . ARG A 1 64  ? 12.556  0.266   5.146   1.00 27.85 ? 64  ARG A NH2 1 
ATOM   461  N N   . GLU A 1 65  ? 9.662   -3.346  2.816   1.00 14.59 ? 65  GLU A N   1 
ATOM   462  C CA  . GLU A 1 65  ? 8.487   -3.369  3.672   1.00 15.06 ? 65  GLU A CA  1 
ATOM   463  C C   . GLU A 1 65  ? 7.493   -4.449  3.264   1.00 14.30 ? 65  GLU A C   1 
ATOM   464  O O   . GLU A 1 65  ? 6.926   -5.134  4.117   1.00 15.25 ? 65  GLU A O   1 
ATOM   465  C CB  . GLU A 1 65  ? 7.804   -2.004  3.651   1.00 16.05 ? 65  GLU A CB  1 
ATOM   466  C CG  . GLU A 1 65  ? 8.474   -0.975  4.531   1.00 19.38 ? 65  GLU A CG  1 
ATOM   467  C CD  . GLU A 1 65  ? 8.440   -1.370  5.991   1.00 22.47 ? 65  GLU A CD  1 
ATOM   468  O OE1 . GLU A 1 65  ? 7.408   -1.919  6.430   1.00 25.58 ? 65  GLU A OE1 1 
ATOM   469  O OE2 . GLU A 1 65  ? 9.434   -1.124  6.700   1.00 26.07 ? 65  GLU A OE2 1 
ATOM   470  N N   . ALA A 1 66  ? 7.278   -4.605  1.961   1.00 13.33 ? 66  ALA A N   1 
ATOM   471  C CA  . ALA A 1 66  ? 6.351   -5.618  1.474   1.00 13.79 ? 66  ALA A CA  1 
ATOM   472  C C   . ALA A 1 66  ? 6.785   -6.999  1.951   1.00 15.14 ? 66  ALA A C   1 
ATOM   473  O O   . ALA A 1 66  ? 5.961   -7.799  2.394   1.00 15.34 ? 66  ALA A O   1 
ATOM   474  C CB  . ALA A 1 66  ? 6.288   -5.588  -0.044  1.00 14.34 ? 66  ALA A CB  1 
ATOM   475  N N   . CYS A 1 67  ? 8.081   -7.273  1.862   1.00 15.79 ? 67  CYS A N   1 
ATOM   476  C CA  . CYS A 1 67  ? 8.606   -8.562  2.289   1.00 16.64 ? 67  CYS A CA  1 
ATOM   477  C C   . CYS A 1 67  ? 8.492   -8.736  3.802   1.00 17.10 ? 67  CYS A C   1 
ATOM   478  O O   . CYS A 1 67  ? 8.101   -9.798  4.288   1.00 16.88 ? 67  CYS A O   1 
ATOM   479  C CB  . CYS A 1 67  ? 10.064  -8.701  1.856   1.00 16.32 ? 67  CYS A CB  1 
ATOM   480  S SG  . CYS A 1 67  ? 10.760  -10.340 2.159   1.00 23.23 ? 67  CYS A SG  1 
ATOM   481  N N   . GLU A 1 68  ? 8.828   -7.691  4.547   1.00 16.11 ? 68  GLU A N   1 
ATOM   482  C CA  . GLU A 1 68  ? 8.754   -7.751  6.001   1.00 17.12 ? 68  GLU A CA  1 
ATOM   483  C C   . GLU A 1 68  ? 7.351   -8.044  6.522   1.00 17.15 ? 68  GLU A C   1 
ATOM   484  O O   . GLU A 1 68  ? 7.182   -8.816  7.465   1.00 18.83 ? 68  GLU A O   1 
ATOM   485  C CB  . GLU A 1 68  ? 9.244   -6.437  6.616   1.00 17.99 ? 68  GLU A CB  1 
ATOM   486  C CG  . GLU A 1 68  ? 10.758  -6.307  6.699   1.00 20.33 ? 68  GLU A CG  1 
ATOM   487  C CD  . GLU A 1 68  ? 11.200  -4.968  7.260   1.00 22.38 ? 68  GLU A CD  1 
ATOM   488  O OE1 . GLU A 1 68  ? 10.502  -4.429  8.146   1.00 25.53 ? 68  GLU A OE1 1 
ATOM   489  O OE2 . GLU A 1 68  ? 12.257  -4.459  6.829   1.00 22.97 ? 68  GLU A OE2 1 
ATOM   490  N N   . GLU A 1 69  ? 6.343   -7.438  5.905   1.00 15.38 ? 69  GLU A N   1 
ATOM   491  C CA  . GLU A 1 69  ? 4.968   -7.622  6.356   1.00 14.95 ? 69  GLU A CA  1 
ATOM   492  C C   . GLU A 1 69  ? 4.242   -8.853  5.818   1.00 15.03 ? 69  GLU A C   1 
ATOM   493  O O   . GLU A 1 69  ? 3.418   -9.439  6.522   1.00 16.12 ? 69  GLU A O   1 
ATOM   494  C CB  . GLU A 1 69  ? 4.133   -6.380  6.018   1.00 15.04 ? 69  GLU A CB  1 
ATOM   495  C CG  . GLU A 1 69  ? 4.660   -5.077  6.602   1.00 15.96 ? 69  GLU A CG  1 
ATOM   496  C CD  . GLU A 1 69  ? 3.635   -3.956  6.542   1.00 19.29 ? 69  GLU A CD  1 
ATOM   497  O OE1 . GLU A 1 69  ? 2.945   -3.834  5.512   1.00 18.80 ? 69  GLU A OE1 1 
ATOM   498  O OE2 . GLU A 1 69  ? 3.521   -3.190  7.524   1.00 22.00 ? 69  GLU A OE2 1 
ATOM   499  N N   . THR A 1 70  ? 4.550   -9.254  4.588   1.00 14.52 ? 70  THR A N   1 
ATOM   500  C CA  . THR A 1 70  ? 3.857   -10.379 3.963   1.00 14.81 ? 70  THR A CA  1 
ATOM   501  C C   . THR A 1 70  ? 4.680   -11.638 3.715   1.00 14.42 ? 70  THR A C   1 
ATOM   502  O O   . THR A 1 70  ? 4.115   -12.702 3.452   1.00 14.97 ? 70  THR A O   1 
ATOM   503  C CB  . THR A 1 70  ? 3.258   -9.960  2.608   1.00 14.26 ? 70  THR A CB  1 
ATOM   504  O OG1 . THR A 1 70  ? 4.315   -9.821  1.647   1.00 14.66 ? 70  THR A OG1 1 
ATOM   505  C CG2 . THR A 1 70  ? 2.519   -8.628  2.739   1.00 14.24 ? 70  THR A CG2 1 
ATOM   506  N N   . GLY A 1 71  ? 6.002   -11.510 3.784   1.00 15.55 ? 71  GLY A N   1 
ATOM   507  C CA  . GLY A 1 71  ? 6.875   -12.645 3.535   1.00 16.77 ? 71  GLY A CA  1 
ATOM   508  C C   . GLY A 1 71  ? 7.129   -12.846 2.049   1.00 16.93 ? 71  GLY A C   1 
ATOM   509  O O   . GLY A 1 71  ? 7.819   -13.786 1.642   1.00 18.96 ? 71  GLY A O   1 
ATOM   510  N N   . LEU A 1 72  ? 6.579   -11.957 1.227   1.00 16.14 ? 72  LEU A N   1 
ATOM   511  C CA  . LEU A 1 72  ? 6.746   -12.060 -0.216  1.00 15.47 ? 72  LEU A CA  1 
ATOM   512  C C   . LEU A 1 72  ? 7.799   -11.130 -0.795  1.00 16.22 ? 72  LEU A C   1 
ATOM   513  O O   . LEU A 1 72  ? 7.862   -9.948  -0.448  1.00 17.02 ? 72  LEU A O   1 
ATOM   514  C CB  . LEU A 1 72  ? 5.421   -11.771 -0.927  1.00 15.48 ? 72  LEU A CB  1 
ATOM   515  C CG  . LEU A 1 72  ? 4.212   -12.665 -0.659  1.00 16.19 ? 72  LEU A CG  1 
ATOM   516  C CD1 . LEU A 1 72  ? 3.045   -12.188 -1.508  1.00 17.99 ? 72  LEU A CD1 1 
ATOM   517  C CD2 . LEU A 1 72  ? 4.544   -14.111 -0.983  1.00 16.40 ? 72  LEU A CD2 1 
ATOM   518  N N   . ARG A 1 73  ? 8.630   -11.675 -1.678  1.00 15.59 ? 73  ARG A N   1 
ATOM   519  C CA  . ARG A 1 73  ? 9.640   -10.885 -2.367  1.00 16.72 ? 73  ARG A CA  1 
ATOM   520  C C   . ARG A 1 73  ? 8.870   -10.320 -3.558  1.00 15.58 ? 73  ARG A C   1 
ATOM   521  O O   . ARG A 1 73  ? 8.234   -11.068 -4.308  1.00 16.00 ? 73  ARG A O   1 
ATOM   522  C CB  . ARG A 1 73  ? 10.788  -11.775 -2.855  1.00 18.50 ? 73  ARG A CB  1 
ATOM   523  C CG  . ARG A 1 73  ? 11.579  -12.449 -1.742  1.00 23.39 ? 73  ARG A CG  1 
ATOM   524  C CD  . ARG A 1 73  ? 12.258  -11.429 -0.840  1.00 28.35 ? 73  ARG A CD  1 
ATOM   525  N NE  . ARG A 1 73  ? 13.092  -12.054 0.185   1.00 32.28 ? 73  ARG A NE  1 
ATOM   526  C CZ  . ARG A 1 73  ? 12.642  -12.892 1.115   1.00 34.04 ? 73  ARG A CZ  1 
ATOM   527  N NH1 . ARG A 1 73  ? 13.481  -13.406 2.004   1.00 35.96 ? 73  ARG A NH1 1 
ATOM   528  N NH2 . ARG A 1 73  ? 11.357  -13.219 1.157   1.00 36.04 ? 73  ARG A NH2 1 
ATOM   529  N N   . VAL A 1 74  ? 8.900   -9.003  -3.728  1.00 15.10 ? 74  VAL A N   1 
ATOM   530  C CA  . VAL A 1 74  ? 8.163   -8.392  -4.824  1.00 15.65 ? 74  VAL A CA  1 
ATOM   531  C C   . VAL A 1 74  ? 9.047   -7.560  -5.735  1.00 15.08 ? 74  VAL A C   1 
ATOM   532  O O   . VAL A 1 74  ? 10.112  -7.093  -5.330  1.00 16.37 ? 74  VAL A O   1 
ATOM   533  C CB  . VAL A 1 74  ? 7.010   -7.500  -4.297  1.00 14.57 ? 74  VAL A CB  1 
ATOM   534  C CG1 . VAL A 1 74  ? 6.158   -8.286  -3.307  1.00 15.97 ? 74  VAL A CG1 1 
ATOM   535  C CG2 . VAL A 1 74  ? 7.570   -6.246  -3.640  1.00 15.14 ? 74  VAL A CG2 1 
ATOM   536  N N   . ARG A 1 75  ? 8.594   -7.387  -6.972  1.00 15.85 ? 75  ARG A N   1 
ATOM   537  C CA  . ARG A 1 75  ? 9.325   -6.604  -7.958  1.00 17.79 ? 75  ARG A CA  1 
ATOM   538  C C   . ARG A 1 75  ? 8.535   -5.341  -8.271  1.00 17.20 ? 75  ARG A C   1 
ATOM   539  O O   . ARG A 1 75  ? 7.365   -5.414  -8.641  1.00 19.11 ? 75  ARG A O   1 
ATOM   540  C CB  . ARG A 1 75  ? 9.503   -7.401  -9.253  1.00 21.41 ? 75  ARG A CB  1 
ATOM   541  C CG  . ARG A 1 75  ? 10.139  -8.769  -9.085  1.00 27.16 ? 75  ARG A CG  1 
ATOM   542  C CD  . ARG A 1 75  ? 9.228   -9.854  -9.639  1.00 31.22 ? 75  ARG A CD  1 
ATOM   543  N NE  . ARG A 1 75  ? 8.861   -9.600  -11.030 1.00 34.08 ? 75  ARG A NE  1 
ATOM   544  C CZ  . ARG A 1 75  ? 7.960   -10.305 -11.707 1.00 35.58 ? 75  ARG A CZ  1 
ATOM   545  N NH1 . ARG A 1 75  ? 7.326   -11.314 -11.122 1.00 36.69 ? 75  ARG A NH1 1 
ATOM   546  N NH2 . ARG A 1 75  ? 7.684   -9.999  -12.968 1.00 36.60 ? 75  ARG A NH2 1 
ATOM   547  N N   . PRO A 1 76  ? 9.158   -4.162  -8.108  1.00 17.64 ? 76  PRO A N   1 
ATOM   548  C CA  . PRO A 1 76  ? 8.443   -2.920  -8.407  1.00 17.97 ? 76  PRO A CA  1 
ATOM   549  C C   . PRO A 1 76  ? 8.287   -2.838  -9.922  1.00 18.53 ? 76  PRO A C   1 
ATOM   550  O O   . PRO A 1 76  ? 9.256   -3.016  -10.661 1.00 19.92 ? 76  PRO A O   1 
ATOM   551  C CB  . PRO A 1 76  ? 9.372   -1.847  -7.847  1.00 18.91 ? 76  PRO A CB  1 
ATOM   552  C CG  . PRO A 1 76  ? 10.731  -2.451  -8.055  1.00 19.53 ? 76  PRO A CG  1 
ATOM   553  C CD  . PRO A 1 76  ? 10.521  -3.885  -7.620  1.00 19.24 ? 76  PRO A CD  1 
ATOM   554  N N   . VAL A 1 77  ? 7.069   -2.587  -10.380 1.00 17.43 ? 77  VAL A N   1 
ATOM   555  C CA  . VAL A 1 77  ? 6.792   -2.521  -11.808 1.00 17.86 ? 77  VAL A CA  1 
ATOM   556  C C   . VAL A 1 77  ? 6.669   -1.095  -12.328 1.00 16.64 ? 77  VAL A C   1 
ATOM   557  O O   . VAL A 1 77  ? 7.193   -0.767  -13.392 1.00 17.95 ? 77  VAL A O   1 
ATOM   558  C CB  . VAL A 1 77  ? 5.489   -3.288  -12.140 1.00 18.35 ? 77  VAL A CB  1 
ATOM   559  C CG1 . VAL A 1 77  ? 5.183   -3.184  -13.622 1.00 20.21 ? 77  VAL A CG1 1 
ATOM   560  C CG2 . VAL A 1 77  ? 5.627   -4.746  -11.725 1.00 20.64 ? 77  VAL A CG2 1 
ATOM   561  N N   . LYS A 1 78  ? 5.981   -0.246  -11.575 1.00 14.50 ? 78  LYS A N   1 
ATOM   562  C CA  . LYS A 1 78  ? 5.782   1.132   -11.991 1.00 14.35 ? 78  LYS A CA  1 
ATOM   563  C C   . LYS A 1 78  ? 5.313   1.983   -10.823 1.00 13.63 ? 78  LYS A C   1 
ATOM   564  O O   . LYS A 1 78  ? 4.539   1.526   -9.983  1.00 14.06 ? 78  LYS A O   1 
ATOM   565  C CB  . LYS A 1 78  ? 4.742   1.172   -13.113 1.00 14.73 ? 78  LYS A CB  1 
ATOM   566  C CG  . LYS A 1 78  ? 4.512   2.537   -13.741 1.00 14.39 ? 78  LYS A CG  1 
ATOM   567  C CD  . LYS A 1 78  ? 3.537   2.426   -14.905 1.00 17.30 ? 78  LYS A CD  1 
ATOM   568  C CE  . LYS A 1 78  ? 3.397   3.745   -15.645 1.00 17.01 ? 78  LYS A CE  1 
ATOM   569  N NZ  . LYS A 1 78  ? 2.523   3.600   -16.842 1.00 19.19 ? 78  LYS A NZ  1 
ATOM   570  N N   . PHE A 1 79  ? 5.797   3.217   -10.765 1.00 12.80 ? 79  PHE A N   1 
ATOM   571  C CA  . PHE A 1 79  ? 5.403   4.146   -9.715  1.00 11.67 ? 79  PHE A CA  1 
ATOM   572  C C   . PHE A 1 79  ? 3.980   4.588   -10.027 1.00 12.69 ? 79  PHE A C   1 
ATOM   573  O O   . PHE A 1 79  ? 3.679   4.938   -11.170 1.00 14.86 ? 79  PHE A O   1 
ATOM   574  C CB  . PHE A 1 79  ? 6.319   5.367   -9.736  1.00 12.27 ? 79  PHE A CB  1 
ATOM   575  C CG  . PHE A 1 79  ? 5.930   6.440   -8.762  1.00 10.89 ? 79  PHE A CG  1 
ATOM   576  C CD1 . PHE A 1 79  ? 6.228   6.315   -7.411  1.00 12.17 ? 79  PHE A CD1 1 
ATOM   577  C CD2 . PHE A 1 79  ? 5.289   7.591   -9.202  1.00 11.40 ? 79  PHE A CD2 1 
ATOM   578  C CE1 . PHE A 1 79  ? 5.900   7.329   -6.513  1.00 12.56 ? 79  PHE A CE1 1 
ATOM   579  C CE2 . PHE A 1 79  ? 4.957   8.609   -8.312  1.00 12.54 ? 79  PHE A CE2 1 
ATOM   580  C CZ  . PHE A 1 79  ? 5.265   8.476   -6.969  1.00 11.35 ? 79  PHE A CZ  1 
ATOM   581  N N   . LEU A 1 80  ? 3.108   4.572   -9.025  1.00 11.77 ? 80  LEU A N   1 
ATOM   582  C CA  . LEU A 1 80  ? 1.730   4.991   -9.232  1.00 11.96 ? 80  LEU A CA  1 
ATOM   583  C C   . LEU A 1 80  ? 1.481   6.409   -8.730  1.00 11.65 ? 80  LEU A C   1 
ATOM   584  O O   . LEU A 1 80  ? 0.793   7.190   -9.385  1.00 13.90 ? 80  LEU A O   1 
ATOM   585  C CB  . LEU A 1 80  ? 0.764   4.013   -8.552  1.00 12.04 ? 80  LEU A CB  1 
ATOM   586  C CG  . LEU A 1 80  ? 0.771   2.592   -9.128  1.00 11.69 ? 80  LEU A CG  1 
ATOM   587  C CD1 . LEU A 1 80  ? -0.237  1.720   -8.389  1.00 13.62 ? 80  LEU A CD1 1 
ATOM   588  C CD2 . LEU A 1 80  ? 0.437   2.646   -10.617 1.00 14.68 ? 80  LEU A CD2 1 
ATOM   589  N N   . GLY A 1 81  ? 2.039   6.749   -7.575  1.00 10.06 ? 81  GLY A N   1 
ATOM   590  C CA  . GLY A 1 81  ? 1.839   8.088   -7.058  1.00 10.60 ? 81  GLY A CA  1 
ATOM   591  C C   . GLY A 1 81  ? 2.258   8.251   -5.616  1.00 10.13 ? 81  GLY A C   1 
ATOM   592  O O   . GLY A 1 81  ? 2.631   7.292   -4.951  1.00 10.58 ? 81  GLY A O   1 
ATOM   593  N N   . ALA A 1 82  ? 2.200   9.490   -5.147  1.00 11.19 ? 82  ALA A N   1 
ATOM   594  C CA  . ALA A 1 82  ? 2.548   9.822   -3.776  1.00 11.78 ? 82  ALA A CA  1 
ATOM   595  C C   . ALA A 1 82  ? 1.548   10.867  -3.307  1.00 13.27 ? 82  ALA A C   1 
ATOM   596  O O   . ALA A 1 82  ? 1.070   11.681  -4.100  1.00 14.35 ? 82  ALA A O   1 
ATOM   597  C CB  . ALA A 1 82  ? 3.967   10.381  -3.708  1.00 13.23 ? 82  ALA A CB  1 
ATOM   598  N N   . TYR A 1 83  ? 1.199   10.824  -2.028  1.00 11.74 ? 83  TYR A N   1 
ATOM   599  C CA  . TYR A 1 83  ? 0.267   11.800  -1.480  1.00 11.76 ? 83  TYR A CA  1 
ATOM   600  C C   . TYR A 1 83  ? 0.706   12.207  -0.082  1.00 10.83 ? 83  TYR A C   1 
ATOM   601  O O   . TYR A 1 83  ? 1.425   11.470  0.602   1.00 10.48 ? 83  TYR A O   1 
ATOM   602  C CB  . TYR A 1 83  ? -1.172  11.272  -1.513  1.00 12.51 ? 83  TYR A CB  1 
ATOM   603  C CG  . TYR A 1 83  ? -1.422  10.029  -0.708  1.00 11.53 ? 83  TYR A CG  1 
ATOM   604  C CD1 . TYR A 1 83  ? -1.986  10.107  0.562   1.00 13.17 ? 83  TYR A CD1 1 
ATOM   605  C CD2 . TYR A 1 83  ? -1.138  8.768   -1.230  1.00 13.45 ? 83  TYR A CD2 1 
ATOM   606  C CE1 . TYR A 1 83  ? -2.274  8.962   1.293   1.00 14.02 ? 83  TYR A CE1 1 
ATOM   607  C CE2 . TYR A 1 83  ? -1.419  7.615   -0.505  1.00 13.31 ? 83  TYR A CE2 1 
ATOM   608  C CZ  . TYR A 1 83  ? -1.992  7.718   0.752   1.00 13.56 ? 83  TYR A CZ  1 
ATOM   609  O OH  . TYR A 1 83  ? -2.317  6.580   1.454   1.00 16.56 ? 83  TYR A OH  1 
ATOM   610  N N   . LEU A 1 84  ? 0.247   13.379  0.329   1.00 10.64 ? 84  LEU A N   1 
ATOM   611  C CA  . LEU A 1 84  ? 0.660   14.002  1.573   1.00 10.19 ? 84  LEU A CA  1 
ATOM   612  C C   . LEU A 1 84  ? -0.361  14.099  2.695   1.00 9.53  ? 84  LEU A C   1 
ATOM   613  O O   . LEU A 1 84  ? -1.516  14.472  2.482   1.00 10.44 ? 84  LEU A O   1 
ATOM   614  C CB  . LEU A 1 84  ? 1.169   15.396  1.220   1.00 11.88 ? 84  LEU A CB  1 
ATOM   615  C CG  . LEU A 1 84  ? 1.909   16.261  2.229   1.00 11.56 ? 84  LEU A CG  1 
ATOM   616  C CD1 . LEU A 1 84  ? 3.254   15.626  2.564   1.00 12.17 ? 84  LEU A CD1 1 
ATOM   617  C CD2 . LEU A 1 84  ? 2.117   17.645  1.626   1.00 12.44 ? 84  LEU A CD2 1 
ATOM   618  N N   . GLY A 1 85  ? 0.096   13.782  3.903   1.00 9.60  ? 85  GLY A N   1 
ATOM   619  C CA  . GLY A 1 85  ? -0.752  13.843  5.080   1.00 10.27 ? 85  GLY A CA  1 
ATOM   620  C C   . GLY A 1 85  ? -0.064  14.622  6.183   1.00 10.94 ? 85  GLY A C   1 
ATOM   621  O O   . GLY A 1 85  ? 1.160   14.805  6.159   1.00 10.54 ? 85  GLY A O   1 
ATOM   622  N N   . ARG A 1 86  ? -0.842  15.086  7.155   1.00 10.63 ? 86  ARG A N   1 
ATOM   623  C CA  . ARG A 1 86  ? -0.288  15.849  8.264   1.00 9.36  ? 86  ARG A CA  1 
ATOM   624  C C   . ARG A 1 86  ? -0.861  15.364  9.583   1.00 10.90 ? 86  ARG A C   1 
ATOM   625  O O   . ARG A 1 86  ? -2.079  15.324  9.769   1.00 11.97 ? 86  ARG A O   1 
ATOM   626  C CB  . ARG A 1 86  ? -0.591  17.345  8.104   1.00 9.33  ? 86  ARG A CB  1 
ATOM   627  C CG  . ARG A 1 86  ? 0.157   18.221  9.110   1.00 9.53  ? 86  ARG A CG  1 
ATOM   628  C CD  . ARG A 1 86  ? -0.284  19.678  9.066   1.00 10.27 ? 86  ARG A CD  1 
ATOM   629  N NE  . ARG A 1 86  ? -0.019  20.356  7.796   1.00 11.10 ? 86  ARG A NE  1 
ATOM   630  C CZ  . ARG A 1 86  ? 1.168   20.816  7.406   1.00 10.20 ? 86  ARG A CZ  1 
ATOM   631  N NH1 . ARG A 1 86  ? 2.243   20.674  8.174   1.00 11.25 ? 86  ARG A NH1 1 
ATOM   632  N NH2 . ARG A 1 86  ? 1.269   21.461  6.249   1.00 10.37 ? 86  ARG A NH2 1 
ATOM   633  N N   . PHE A 1 87  ? 0.019   14.982  10.498  1.00 10.94 ? 87  PHE A N   1 
ATOM   634  C CA  . PHE A 1 87  ? -0.418  14.520  11.805  1.00 11.52 ? 87  PHE A CA  1 
ATOM   635  C C   . PHE A 1 87  ? -0.858  15.736  12.625  1.00 11.53 ? 87  PHE A C   1 
ATOM   636  O O   . PHE A 1 87  ? -0.547  16.881  12.277  1.00 11.72 ? 87  PHE A O   1 
ATOM   637  C CB  . PHE A 1 87  ? 0.722   13.756  12.487  1.00 12.48 ? 87  PHE A CB  1 
ATOM   638  C CG  . PHE A 1 87  ? 0.998   12.421  11.858  1.00 11.93 ? 87  PHE A CG  1 
ATOM   639  C CD1 . PHE A 1 87  ? 0.098   11.372  12.016  1.00 13.61 ? 87  PHE A CD1 1 
ATOM   640  C CD2 . PHE A 1 87  ? 2.127   12.222  11.064  1.00 13.02 ? 87  PHE A CD2 1 
ATOM   641  C CE1 . PHE A 1 87  ? 0.311   10.147  11.392  1.00 15.00 ? 87  PHE A CE1 1 
ATOM   642  C CE2 . PHE A 1 87  ? 2.349   10.997  10.436  1.00 14.44 ? 87  PHE A CE2 1 
ATOM   643  C CZ  . PHE A 1 87  ? 1.441   9.958   10.599  1.00 15.72 ? 87  PHE A CZ  1 
ATOM   644  N N   . PRO A 1 88  ? -1.599  15.509  13.722  1.00 13.20 ? 88  PRO A N   1 
ATOM   645  C CA  . PRO A 1 88  ? -2.068  16.616  14.562  1.00 14.72 ? 88  PRO A CA  1 
ATOM   646  C C   . PRO A 1 88  ? -0.969  17.566  15.025  1.00 15.45 ? 88  PRO A C   1 
ATOM   647  O O   . PRO A 1 88  ? -1.202  18.768  15.166  1.00 16.53 ? 88  PRO A O   1 
ATOM   648  C CB  . PRO A 1 88  ? -2.747  15.899  15.728  1.00 16.10 ? 88  PRO A CB  1 
ATOM   649  C CG  . PRO A 1 88  ? -3.298  14.671  15.075  1.00 16.46 ? 88  PRO A CG  1 
ATOM   650  C CD  . PRO A 1 88  ? -2.138  14.224  14.204  1.00 14.50 ? 88  PRO A CD  1 
ATOM   651  N N   . ASP A 1 89  ? 0.228   17.035  15.258  1.00 14.46 ? 89  ASP A N   1 
ATOM   652  C CA  . ASP A 1 89  ? 1.335   17.865  15.718  1.00 15.28 ? 89  ASP A CA  1 
ATOM   653  C C   . ASP A 1 89  ? 2.011   18.677  14.617  1.00 14.49 ? 89  ASP A C   1 
ATOM   654  O O   . ASP A 1 89  ? 2.963   19.413  14.881  1.00 15.89 ? 89  ASP A O   1 
ATOM   655  C CB  . ASP A 1 89  ? 2.377   17.015  16.463  1.00 16.01 ? 89  ASP A CB  1 
ATOM   656  C CG  . ASP A 1 89  ? 2.986   15.921  15.600  1.00 16.73 ? 89  ASP A CG  1 
ATOM   657  O OD1 . ASP A 1 89  ? 2.710   15.870  14.384  1.00 15.30 ? 89  ASP A OD1 1 
ATOM   658  O OD2 . ASP A 1 89  ? 3.757   15.105  16.152  1.00 19.46 ? 89  ASP A OD2 1 
ATOM   659  N N   . GLY A 1 90  ? 1.516   18.548  13.388  1.00 12.37 ? 90  GLY A N   1 
ATOM   660  C CA  . GLY A 1 90  ? 2.081   19.302  12.281  1.00 12.80 ? 90  GLY A CA  1 
ATOM   661  C C   . GLY A 1 90  ? 3.053   18.540  11.399  1.00 10.47 ? 90  GLY A C   1 
ATOM   662  O O   . GLY A 1 90  ? 3.432   19.023  10.332  1.00 9.91  ? 90  GLY A O   1 
ATOM   663  N N   . VAL A 1 91  ? 3.457   17.350  11.828  1.00 10.44 ? 91  VAL A N   1 
ATOM   664  C CA  . VAL A 1 91  ? 4.397   16.550  11.049  1.00 10.47 ? 91  VAL A CA  1 
ATOM   665  C C   . VAL A 1 91  ? 3.797   16.089  9.725   1.00 10.09 ? 91  VAL A C   1 
ATOM   666  O O   . VAL A 1 91  ? 2.675   15.584  9.688   1.00 10.31 ? 91  VAL A O   1 
ATOM   667  C CB  . VAL A 1 91  ? 4.862   15.303  11.846  1.00 10.40 ? 91  VAL A CB  1 
ATOM   668  C CG1 . VAL A 1 91  ? 5.634   14.353  10.939  1.00 12.77 ? 91  VAL A CG1 1 
ATOM   669  C CG2 . VAL A 1 91  ? 5.738   15.733  13.026  1.00 11.20 ? 91  VAL A CG2 1 
ATOM   670  N N   . LEU A 1 92  ? 4.550   16.268  8.644   1.00 9.40  ? 92  LEU A N   1 
ATOM   671  C CA  . LEU A 1 92  ? 4.111   15.846  7.322   1.00 10.26 ? 92  LEU A CA  1 
ATOM   672  C C   . LEU A 1 92  ? 4.648   14.460  6.990   1.00 10.20 ? 92  LEU A C   1 
ATOM   673  O O   . LEU A 1 92  ? 5.787   14.117  7.325   1.00 11.22 ? 92  LEU A O   1 
ATOM   674  C CB  . LEU A 1 92  ? 4.597   16.816  6.244   1.00 10.16 ? 92  LEU A CB  1 
ATOM   675  C CG  . LEU A 1 92  ? 3.945   18.194  6.145   1.00 11.07 ? 92  LEU A CG  1 
ATOM   676  C CD1 . LEU A 1 92  ? 4.631   18.987  5.046   1.00 12.52 ? 92  LEU A CD1 1 
ATOM   677  C CD2 . LEU A 1 92  ? 2.458   18.051  5.848   1.00 11.76 ? 92  LEU A CD2 1 
ATOM   678  N N   . ILE A 1 93  ? 3.818   13.663  6.329   1.00 9.99  ? 93  ILE A N   1 
ATOM   679  C CA  . ILE A 1 93  ? 4.227   12.335  5.901   1.00 10.48 ? 93  ILE A CA  1 
ATOM   680  C C   . ILE A 1 93  ? 3.863   12.164  4.429   1.00 9.52  ? 93  ILE A C   1 
ATOM   681  O O   . ILE A 1 93  ? 2.727   12.420  4.019   1.00 10.61 ? 93  ILE A O   1 
ATOM   682  C CB  . ILE A 1 93  ? 3.569   11.218  6.760   1.00 11.41 ? 93  ILE A CB  1 
ATOM   683  C CG1 . ILE A 1 93  ? 4.016   9.840   6.261   1.00 12.11 ? 93  ILE A CG1 1 
ATOM   684  C CG2 . ILE A 1 93  ? 2.053   11.347  6.731   1.00 12.33 ? 93  ILE A CG2 1 
ATOM   685  C CD1 . ILE A 1 93  ? 3.686   8.709   7.213   1.00 14.95 ? 93  ILE A CD1 1 
ATOM   686  N N   . LEU A 1 94  ? 4.848   11.761  3.632   1.00 8.96  ? 94  LEU A N   1 
ATOM   687  C CA  . LEU A 1 94  ? 4.628   11.549  2.208   1.00 9.03  ? 94  LEU A CA  1 
ATOM   688  C C   . LEU A 1 94  ? 4.617   10.048  1.952   1.00 9.05  ? 94  LEU A C   1 
ATOM   689  O O   . LEU A 1 94  ? 5.623   9.367   2.166   1.00 9.96  ? 94  LEU A O   1 
ATOM   690  C CB  . LEU A 1 94  ? 5.743   12.222  1.390   1.00 10.02 ? 94  LEU A CB  1 
ATOM   691  C CG  . LEU A 1 94  ? 5.643   12.143  -0.136  1.00 10.73 ? 94  LEU A CG  1 
ATOM   692  C CD1 . LEU A 1 94  ? 4.414   12.898  -0.625  1.00 12.00 ? 94  LEU A CD1 1 
ATOM   693  C CD2 . LEU A 1 94  ? 6.903   12.739  -0.742  1.00 12.89 ? 94  LEU A CD2 1 
ATOM   694  N N   . ARG A 1 95  ? 3.464   9.543   1.518   1.00 10.12 ? 95  ARG A N   1 
ATOM   695  C CA  . ARG A 1 95  ? 3.294   8.124   1.220   1.00 10.14 ? 95  ARG A CA  1 
ATOM   696  C C   . ARG A 1 95  ? 3.508   7.869   -0.268  1.00 10.53 ? 95  ARG A C   1 
ATOM   697  O O   . ARG A 1 95  ? 2.929   8.556   -1.111  1.00 12.70 ? 95  ARG A O   1 
ATOM   698  C CB  . ARG A 1 95  ? 1.895   7.657   1.644   1.00 11.47 ? 95  ARG A CB  1 
ATOM   699  C CG  . ARG A 1 95  ? 1.690   7.656   3.157   1.00 13.00 ? 95  ARG A CG  1 
ATOM   700  C CD  . ARG A 1 95  ? 0.255   7.292   3.543   1.00 14.35 ? 95  ARG A CD  1 
ATOM   701  N NE  . ARG A 1 95  ? -0.146  5.992   3.008   1.00 15.85 ? 95  ARG A NE  1 
ATOM   702  C CZ  . ARG A 1 95  ? 0.258   4.817   3.482   1.00 17.06 ? 95  ARG A CZ  1 
ATOM   703  N NH1 . ARG A 1 95  ? 1.079   4.758   4.523   1.00 16.53 ? 95  ARG A NH1 1 
ATOM   704  N NH2 . ARG A 1 95  ? -0.146  3.700   2.895   1.00 18.45 ? 95  ARG A NH2 1 
ATOM   705  N N   . HIS A 1 96  ? 4.346   6.884   -0.585  1.00 9.47  ? 96  HIS A N   1 
ATOM   706  C CA  . HIS A 1 96  ? 4.668   6.531   -1.971  1.00 9.57  ? 96  HIS A CA  1 
ATOM   707  C C   . HIS A 1 96  ? 4.091   5.158   -2.291  1.00 9.57  ? 96  HIS A C   1 
ATOM   708  O O   . HIS A 1 96  ? 4.166   4.246   -1.463  1.00 10.16 ? 96  HIS A O   1 
ATOM   709  C CB  . HIS A 1 96  ? 6.185   6.471   -2.185  1.00 10.53 ? 96  HIS A CB  1 
ATOM   710  C CG  . HIS A 1 96  ? 6.934   7.662   -1.666  1.00 9.89  ? 96  HIS A CG  1 
ATOM   711  N ND1 . HIS A 1 96  ? 7.690   8.484   -2.474  1.00 13.37 ? 96  HIS A ND1 1 
ATOM   712  C CD2 . HIS A 1 96  ? 7.081   8.137   -0.407  1.00 8.26  ? 96  HIS A CD2 1 
ATOM   713  C CE1 . HIS A 1 96  ? 8.273   9.411   -1.734  1.00 8.88  ? 96  HIS A CE1 1 
ATOM   714  N NE2 . HIS A 1 96  ? 7.920   9.222   -0.476  1.00 12.78 ? 96  HIS A NE2 1 
ATOM   715  N N   . VAL A 1 97  ? 3.554   5.001   -3.499  1.00 8.89  ? 97  VAL A N   1 
ATOM   716  C CA  . VAL A 1 97  ? 2.946   3.743   -3.908  1.00 9.87  ? 97  VAL A CA  1 
ATOM   717  C C   . VAL A 1 97  ? 3.413   3.273   -5.281  1.00 9.68  ? 97  VAL A C   1 
ATOM   718  O O   . VAL A 1 97  ? 3.409   4.039   -6.249  1.00 10.01 ? 97  VAL A O   1 
ATOM   719  C CB  . VAL A 1 97  ? 1.400   3.872   -3.929  1.00 9.67  ? 97  VAL A CB  1 
ATOM   720  C CG1 . VAL A 1 97  ? 0.764   2.538   -4.305  1.00 10.26 ? 97  VAL A CG1 1 
ATOM   721  C CG2 . VAL A 1 97  ? 0.904   4.342   -2.567  1.00 11.25 ? 97  VAL A CG2 1 
ATOM   722  N N   . TRP A 1 98  ? 3.826   2.008   -5.341  1.00 9.76  ? 98  TRP A N   1 
ATOM   723  C CA  . TRP A 1 98  ? 4.264   1.365   -6.578  1.00 10.24 ? 98  TRP A CA  1 
ATOM   724  C C   . TRP A 1 98  ? 3.381   0.182   -6.898  1.00 10.78 ? 98  TRP A C   1 
ATOM   725  O O   . TRP A 1 98  ? 2.888   -0.497  -5.997  1.00 11.61 ? 98  TRP A O   1 
ATOM   726  C CB  . TRP A 1 98  ? 5.682   0.797   -6.452  1.00 12.02 ? 98  TRP A CB  1 
ATOM   727  C CG  . TRP A 1 98  ? 6.767   1.769   -6.673  1.00 10.59 ? 98  TRP A CG  1 
ATOM   728  C CD1 . TRP A 1 98  ? 7.414   2.029   -7.848  1.00 12.11 ? 98  TRP A CD1 1 
ATOM   729  C CD2 . TRP A 1 98  ? 7.298   2.674   -5.708  1.00 10.93 ? 98  TRP A CD2 1 
ATOM   730  N NE1 . TRP A 1 98  ? 8.316   3.052   -7.670  1.00 12.20 ? 98  TRP A NE1 1 
ATOM   731  C CE2 . TRP A 1 98  ? 8.263   3.466   -6.365  1.00 10.71 ? 98  TRP A CE2 1 
ATOM   732  C CE3 . TRP A 1 98  ? 7.048   2.896   -4.349  1.00 9.99  ? 98  TRP A CE3 1 
ATOM   733  C CZ2 . TRP A 1 98  ? 8.981   4.469   -5.706  1.00 12.73 ? 98  TRP A CZ2 1 
ATOM   734  C CZ3 . TRP A 1 98  ? 7.761   3.891   -3.692  1.00 12.24 ? 98  TRP A CZ3 1 
ATOM   735  C CH2 . TRP A 1 98  ? 8.715   4.665   -4.374  1.00 12.21 ? 98  TRP A CH2 1 
ATOM   736  N N   . LEU A 1 99  ? 3.189   -0.053  -8.189  1.00 11.39 ? 99  LEU A N   1 
ATOM   737  C CA  . LEU A 1 99  ? 2.471   -1.226  -8.652  1.00 11.60 ? 99  LEU A CA  1 
ATOM   738  C C   . LEU A 1 99  ? 3.589   -2.261  -8.561  1.00 13.12 ? 99  LEU A C   1 
ATOM   739  O O   . LEU A 1 99  ? 4.720   -1.987  -8.977  1.00 11.88 ? 99  LEU A O   1 
ATOM   740  C CB  . LEU A 1 99  ? 2.046   -1.057  -10.111 1.00 13.10 ? 99  LEU A CB  1 
ATOM   741  C CG  . LEU A 1 99  ? 1.618   -2.337  -10.839 1.00 13.52 ? 99  LEU A CG  1 
ATOM   742  C CD1 . LEU A 1 99  ? 0.396   -2.942  -10.161 1.00 14.68 ? 99  LEU A CD1 1 
ATOM   743  C CD2 . LEU A 1 99  ? 1.326   -2.016  -12.299 1.00 14.88 ? 99  LEU A CD2 1 
ATOM   744  N N   . ALA A 1 100 ? 3.296   -3.427  -8.004  1.00 12.95 ? 100 ALA A N   1 
ATOM   745  C CA  . ALA A 1 100 ? 4.311   -4.461  -7.874  1.00 13.61 ? 100 ALA A CA  1 
ATOM   746  C C   . ALA A 1 100 ? 3.749   -5.829  -8.218  1.00 15.12 ? 100 ALA A C   1 
ATOM   747  O O   . ALA A 1 100 ? 2.534   -6.030  -8.246  1.00 16.11 ? 100 ALA A O   1 
ATOM   748  C CB  . ALA A 1 100 ? 4.875   -4.470  -6.458  1.00 14.88 ? 100 ALA A CB  1 
ATOM   749  N N   . GLU A 1 101 ? 4.655   -6.757  -8.492  1.00 17.12 ? 101 GLU A N   1 
ATOM   750  C CA  . GLU A 1 101 ? 4.289   -8.125  -8.821  1.00 18.64 ? 101 GLU A CA  1 
ATOM   751  C C   . GLU A 1 101 ? 5.144   -9.042  -7.959  1.00 18.20 ? 101 GLU A C   1 
ATOM   752  O O   . GLU A 1 101 ? 6.310   -8.749  -7.688  1.00 16.91 ? 101 GLU A O   1 
ATOM   753  C CB  . GLU A 1 101 ? 4.539   -8.395  -10.306 1.00 22.29 ? 101 GLU A CB  1 
ATOM   754  C CG  . GLU A 1 101 ? 3.674   -7.545  -11.216 1.00 27.38 ? 101 GLU A CG  1 
ATOM   755  C CD  . GLU A 1 101 ? 3.955   -7.767  -12.687 1.00 29.37 ? 101 GLU A CD  1 
ATOM   756  O OE1 . GLU A 1 101 ? 3.265   -7.137  -13.517 1.00 31.50 ? 101 GLU A OE1 1 
ATOM   757  O OE2 . GLU A 1 101 ? 4.861   -8.564  -13.012 1.00 30.98 ? 101 GLU A OE2 1 
ATOM   758  N N   . PRO A 1 102 ? 4.571   -10.161 -7.499  1.00 17.97 ? 102 PRO A N   1 
ATOM   759  C CA  . PRO A 1 102 ? 5.353   -11.072 -6.665  1.00 18.61 ? 102 PRO A CA  1 
ATOM   760  C C   . PRO A 1 102 ? 6.284   -11.940 -7.495  1.00 18.97 ? 102 PRO A C   1 
ATOM   761  O O   . PRO A 1 102 ? 5.993   -12.240 -8.653  1.00 19.32 ? 102 PRO A O   1 
ATOM   762  C CB  . PRO A 1 102 ? 4.281   -11.898 -5.970  1.00 19.37 ? 102 PRO A CB  1 
ATOM   763  C CG  . PRO A 1 102 ? 3.235   -12.015 -7.036  1.00 19.55 ? 102 PRO A CG  1 
ATOM   764  C CD  . PRO A 1 102 ? 3.168   -10.606 -7.597  1.00 19.76 ? 102 PRO A CD  1 
ATOM   765  N N   . GLU A 1 103 ? 7.416   -12.323 -6.917  1.00 20.06 ? 103 GLU A N   1 
ATOM   766  C CA  . GLU A 1 103 ? 8.327   -13.204 -7.627  1.00 21.52 ? 103 GLU A CA  1 
ATOM   767  C C   . GLU A 1 103 ? 7.596   -14.543 -7.619  1.00 21.63 ? 103 GLU A C   1 
ATOM   768  O O   . GLU A 1 103 ? 6.827   -14.830 -6.701  1.00 20.16 ? 103 GLU A O   1 
ATOM   769  C CB  . GLU A 1 103 ? 9.666   -13.320 -6.898  1.00 23.34 ? 103 GLU A CB  1 
ATOM   770  C CG  . GLU A 1 103 ? 10.414  -12.005 -6.777  1.00 28.27 ? 103 GLU A CG  1 
ATOM   771  C CD  . GLU A 1 103 ? 11.862  -12.197 -6.376  1.00 29.79 ? 103 GLU A CD  1 
ATOM   772  O OE1 . GLU A 1 103 ? 12.119  -12.916 -5.387  1.00 32.56 ? 103 GLU A OE1 1 
ATOM   773  O OE2 . GLU A 1 103 ? 12.743  -11.625 -7.050  1.00 32.99 ? 103 GLU A OE2 1 
ATOM   774  N N   . PRO A 1 104 ? 7.817   -15.377 -8.642  1.00 22.88 ? 104 PRO A N   1 
ATOM   775  C CA  . PRO A 1 104 ? 7.158   -16.683 -8.736  1.00 23.41 ? 104 PRO A CA  1 
ATOM   776  C C   . PRO A 1 104 ? 7.482   -17.699 -7.640  1.00 23.00 ? 104 PRO A C   1 
ATOM   777  O O   . PRO A 1 104 ? 8.523   -17.627 -6.987  1.00 22.89 ? 104 PRO A O   1 
ATOM   778  C CB  . PRO A 1 104 ? 7.583   -17.175 -10.117 1.00 24.10 ? 104 PRO A CB  1 
ATOM   779  C CG  . PRO A 1 104 ? 8.951   -16.591 -10.264 1.00 24.68 ? 104 PRO A CG  1 
ATOM   780  C CD  . PRO A 1 104 ? 8.747   -15.179 -9.768  1.00 23.36 ? 104 PRO A CD  1 
ATOM   781  N N   . GLY A 1 105 ? 6.557   -18.638 -7.450  1.00 24.71 ? 105 GLY A N   1 
ATOM   782  C CA  . GLY A 1 105 ? 6.726   -19.699 -6.472  1.00 25.62 ? 105 GLY A CA  1 
ATOM   783  C C   . GLY A 1 105 ? 6.891   -19.305 -5.017  1.00 25.71 ? 105 GLY A C   1 
ATOM   784  O O   . GLY A 1 105 ? 7.780   -19.816 -4.334  1.00 27.60 ? 105 GLY A O   1 
ATOM   785  N N   . GLN A 1 106 ? 6.037   -18.411 -4.529  1.00 23.20 ? 106 GLN A N   1 
ATOM   786  C CA  . GLN A 1 106 ? 6.121   -17.984 -3.139  1.00 21.24 ? 106 GLN A CA  1 
ATOM   787  C C   . GLN A 1 106 ? 4.853   -18.252 -2.351  1.00 19.44 ? 106 GLN A C   1 
ATOM   788  O O   . GLN A 1 106 ? 3.757   -18.312 -2.906  1.00 21.17 ? 106 GLN A O   1 
ATOM   789  C CB  . GLN A 1 106 ? 6.443   -16.497 -3.052  1.00 19.76 ? 106 GLN A CB  1 
ATOM   790  C CG  . GLN A 1 106 ? 7.866   -16.145 -3.404  1.00 20.24 ? 106 GLN A CG  1 
ATOM   791  C CD  . GLN A 1 106 ? 8.133   -14.671 -3.227  1.00 18.49 ? 106 GLN A CD  1 
ATOM   792  O OE1 . GLN A 1 106 ? 7.682   -13.846 -4.025  1.00 20.22 ? 106 GLN A OE1 1 
ATOM   793  N NE2 . GLN A 1 106 ? 8.850   -14.327 -2.167  1.00 17.85 ? 106 GLN A NE2 1 
ATOM   794  N N   . THR A 1 107 ? 5.022   -18.399 -1.042  1.00 19.21 ? 107 THR A N   1 
ATOM   795  C CA  . THR A 1 107 ? 3.914   -18.657 -0.139  1.00 17.97 ? 107 THR A CA  1 
ATOM   796  C C   . THR A 1 107 ? 3.715   -17.463 0.786   1.00 16.11 ? 107 THR A C   1 
ATOM   797  O O   . THR A 1 107 ? 4.669   -16.954 1.364   1.00 15.75 ? 107 THR A O   1 
ATOM   798  C CB  . THR A 1 107 ? 4.188   -19.888 0.743   1.00 19.63 ? 107 THR A CB  1 
ATOM   799  O OG1 . THR A 1 107 ? 4.532   -21.006 -0.084  1.00 22.40 ? 107 THR A OG1 1 
ATOM   800  C CG2 . THR A 1 107 ? 2.959   -20.227 1.571   1.00 21.12 ? 107 THR A CG2 1 
ATOM   801  N N   . LEU A 1 108 ? 2.473   -17.018 0.920   1.00 14.36 ? 108 LEU A N   1 
ATOM   802  C CA  . LEU A 1 108 ? 2.164   -15.900 1.797   1.00 14.01 ? 108 LEU A CA  1 
ATOM   803  C C   . LEU A 1 108 ? 2.426   -16.328 3.241   1.00 13.11 ? 108 LEU A C   1 
ATOM   804  O O   . LEU A 1 108 ? 1.896   -17.340 3.700   1.00 13.98 ? 108 LEU A O   1 
ATOM   805  C CB  . LEU A 1 108 ? 0.698   -15.501 1.619   1.00 16.28 ? 108 LEU A CB  1 
ATOM   806  C CG  . LEU A 1 108 ? 0.169   -14.286 2.384   1.00 17.31 ? 108 LEU A CG  1 
ATOM   807  C CD1 . LEU A 1 108 ? 0.992   -13.048 2.053   1.00 17.29 ? 108 LEU A CD1 1 
ATOM   808  C CD2 . LEU A 1 108 ? -1.290  -14.065 2.013   1.00 17.34 ? 108 LEU A CD2 1 
ATOM   809  N N   . ALA A 1 109 ? 3.260   -15.567 3.943   1.00 12.64 ? 109 ALA A N   1 
ATOM   810  C CA  . ALA A 1 109 ? 3.603   -15.856 5.334   1.00 12.32 ? 109 ALA A CA  1 
ATOM   811  C C   . ALA A 1 109 ? 3.733   -14.526 6.072   1.00 13.16 ? 109 ALA A C   1 
ATOM   812  O O   . ALA A 1 109 ? 4.840   -14.041 6.314   1.00 15.59 ? 109 ALA A O   1 
ATOM   813  C CB  . ALA A 1 109 ? 4.919   -16.636 5.401   1.00 13.10 ? 109 ALA A CB  1 
ATOM   814  N N   . PRO A 1 110 ? 2.597   -13.923 6.441   1.00 12.87 ? 110 PRO A N   1 
ATOM   815  C CA  . PRO A 1 110 ? 2.568   -12.636 7.148   1.00 14.32 ? 110 PRO A CA  1 
ATOM   816  C C   . PRO A 1 110 ? 3.340   -12.615 8.462   1.00 15.85 ? 110 PRO A C   1 
ATOM   817  O O   . PRO A 1 110 ? 3.459   -13.634 9.149   1.00 13.75 ? 110 PRO A O   1 
ATOM   818  C CB  . PRO A 1 110 ? 1.075   -12.391 7.366   1.00 14.87 ? 110 PRO A CB  1 
ATOM   819  C CG  . PRO A 1 110 ? 0.423   -13.171 6.259   1.00 15.66 ? 110 PRO A CG  1 
ATOM   820  C CD  . PRO A 1 110 ? 1.232   -14.438 6.245   1.00 12.94 ? 110 PRO A CD  1 
ATOM   821  N N   . ALA A 1 111 ? 3.861   -11.440 8.806   1.00 17.58 ? 111 ALA A N   1 
ATOM   822  C CA  . ALA A 1 111 ? 4.604   -11.257 10.047  1.00 19.79 ? 111 ALA A CA  1 
ATOM   823  C C   . ALA A 1 111 ? 3.643   -10.695 11.088  1.00 21.42 ? 111 ALA A C   1 
ATOM   824  O O   . ALA A 1 111 ? 3.377   -9.492  11.118  1.00 23.95 ? 111 ALA A O   1 
ATOM   825  C CB  . ALA A 1 111 ? 5.768   -10.296 9.827   1.00 21.99 ? 111 ALA A CB  1 
ATOM   826  N N   . PHE A 1 112 ? 3.127   -11.573 11.939  1.00 21.10 ? 112 PHE A N   1 
ATOM   827  C CA  . PHE A 1 112 ? 2.176   -11.194 12.978  1.00 21.17 ? 112 PHE A CA  1 
ATOM   828  C C   . PHE A 1 112 ? 2.837   -10.411 14.104  1.00 22.53 ? 112 PHE A C   1 
ATOM   829  O O   . PHE A 1 112 ? 3.711   -10.921 14.806  1.00 24.24 ? 112 PHE A O   1 
ATOM   830  C CB  . PHE A 1 112 ? 1.503   -12.451 13.529  1.00 20.30 ? 112 PHE A CB  1 
ATOM   831  C CG  . PHE A 1 112 ? 0.984   -13.371 12.460  1.00 21.68 ? 112 PHE A CG  1 
ATOM   832  C CD1 . PHE A 1 112 ? 0.054   -12.919 11.526  1.00 20.53 ? 112 PHE A CD1 1 
ATOM   833  C CD2 . PHE A 1 112 ? 1.445   -14.680 12.366  1.00 22.33 ? 112 PHE A CD2 1 
ATOM   834  C CE1 . PHE A 1 112 ? -0.408  -13.757 10.514  1.00 22.20 ? 112 PHE A CE1 1 
ATOM   835  C CE2 . PHE A 1 112 ? 0.988   -15.528 11.358  1.00 22.79 ? 112 PHE A CE2 1 
ATOM   836  C CZ  . PHE A 1 112 ? 0.062   -15.066 10.430  1.00 21.85 ? 112 PHE A CZ  1 
ATOM   837  N N   . THR A 1 113 ? 2.403   -9.166  14.271  1.00 22.12 ? 113 THR A N   1 
ATOM   838  C CA  . THR A 1 113 ? 2.947   -8.287  15.299  1.00 22.61 ? 113 THR A CA  1 
ATOM   839  C C   . THR A 1 113 ? 1.818   -7.574  16.027  1.00 23.50 ? 113 THR A C   1 
ATOM   840  O O   . THR A 1 113 ? 0.644   -7.869  15.812  1.00 24.00 ? 113 THR A O   1 
ATOM   841  C CB  . THR A 1 113 ? 3.856   -7.217  14.680  1.00 22.49 ? 113 THR A CB  1 
ATOM   842  O OG1 . THR A 1 113 ? 3.065   -6.339  13.866  1.00 21.99 ? 113 THR A OG1 1 
ATOM   843  C CG2 . THR A 1 113 ? 4.936   -7.865  13.825  1.00 23.50 ? 113 THR A CG2 1 
ATOM   844  N N   . ASP A 1 114 ? 2.178   -6.624  16.883  1.00 24.88 ? 114 ASP A N   1 
ATOM   845  C CA  . ASP A 1 114 ? 1.181   -5.868  17.627  1.00 26.58 ? 114 ASP A CA  1 
ATOM   846  C C   . ASP A 1 114 ? 0.436   -4.915  16.698  1.00 26.30 ? 114 ASP A C   1 
ATOM   847  O O   . ASP A 1 114 ? -0.560  -4.309  17.089  1.00 27.19 ? 114 ASP A O   1 
ATOM   848  C CB  . ASP A 1 114 ? 1.848   -5.078  18.755  1.00 29.65 ? 114 ASP A CB  1 
ATOM   849  C CG  . ASP A 1 114 ? 2.472   -5.977  19.806  1.00 32.71 ? 114 ASP A CG  1 
ATOM   850  O OD1 . ASP A 1 114 ? 3.431   -6.706  19.477  1.00 36.38 ? 114 ASP A OD1 1 
ATOM   851  O OD2 . ASP A 1 114 ? 2.000   -5.956  20.962  1.00 35.56 ? 114 ASP A OD2 1 
ATOM   852  N N   . GLU A 1 115 ? 0.917   -4.798  15.463  1.00 25.73 ? 115 GLU A N   1 
ATOM   853  C CA  . GLU A 1 115 ? 0.304   -3.912  14.477  1.00 24.92 ? 115 GLU A CA  1 
ATOM   854  C C   . GLU A 1 115 ? -0.322  -4.653  13.297  1.00 22.71 ? 115 GLU A C   1 
ATOM   855  O O   . GLU A 1 115 ? -1.190  -4.114  12.611  1.00 21.54 ? 115 GLU A O   1 
ATOM   856  C CB  . GLU A 1 115 ? 1.341   -2.919  13.950  1.00 27.74 ? 115 GLU A CB  1 
ATOM   857  C CG  . GLU A 1 115 ? 1.884   -1.955  14.997  1.00 32.00 ? 115 GLU A CG  1 
ATOM   858  C CD  . GLU A 1 115 ? 0.823   -1.012  15.530  1.00 34.44 ? 115 GLU A CD  1 
ATOM   859  O OE1 . GLU A 1 115 ? -0.144  -1.490  16.160  1.00 37.12 ? 115 GLU A OE1 1 
ATOM   860  O OE2 . GLU A 1 115 ? 0.955   0.213   15.320  1.00 37.11 ? 115 GLU A OE2 1 
ATOM   861  N N   . ILE A 1 116 ? 0.118   -5.885  13.058  1.00 19.50 ? 116 ILE A N   1 
ATOM   862  C CA  . ILE A 1 116 ? -0.398  -6.675  11.945  1.00 17.74 ? 116 ILE A CA  1 
ATOM   863  C C   . ILE A 1 116 ? -1.034  -7.980  12.406  1.00 16.73 ? 116 ILE A C   1 
ATOM   864  O O   . ILE A 1 116 ? -0.381  -8.810  13.039  1.00 17.32 ? 116 ILE A O   1 
ATOM   865  C CB  . ILE A 1 116 ? 0.725   -7.007  10.938  1.00 17.20 ? 116 ILE A CB  1 
ATOM   866  C CG1 . ILE A 1 116 ? 1.294   -5.714  10.351  1.00 18.84 ? 116 ILE A CG1 1 
ATOM   867  C CG2 . ILE A 1 116 ? 0.186   -7.904  9.835   1.00 17.39 ? 116 ILE A CG2 1 
ATOM   868  C CD1 . ILE A 1 116 ? 2.488   -5.931  9.448   1.00 21.78 ? 116 ILE A CD1 1 
ATOM   869  N N   . ALA A 1 117 ? -2.309  -8.158  12.074  1.00 15.34 ? 117 ALA A N   1 
ATOM   870  C CA  . ALA A 1 117 ? -3.045  -9.362  12.443  1.00 15.35 ? 117 ALA A CA  1 
ATOM   871  C C   . ALA A 1 117 ? -2.831  -10.437 11.388  1.00 15.00 ? 117 ALA A C   1 
ATOM   872  O O   . ALA A 1 117 ? -2.743  -11.624 11.703  1.00 16.12 ? 117 ALA A O   1 
ATOM   873  C CB  . ALA A 1 117 ? -4.523  -9.044  12.574  1.00 15.19 ? 117 ALA A CB  1 
ATOM   874  N N   . GLU A 1 118 ? -2.766  -10.016 10.130  1.00 12.99 ? 118 GLU A N   1 
ATOM   875  C CA  . GLU A 1 118 ? -2.528  -10.930 9.024   1.00 15.21 ? 118 GLU A CA  1 
ATOM   876  C C   . GLU A 1 118 ? -2.462  -10.156 7.715   1.00 13.09 ? 118 GLU A C   1 
ATOM   877  O O   . GLU A 1 118 ? -2.559  -8.929  7.708   1.00 12.38 ? 118 GLU A O   1 
ATOM   878  C CB  . GLU A 1 118 ? -3.621  -12.003 8.962   1.00 16.46 ? 118 GLU A CB  1 
ATOM   879  C CG  . GLU A 1 118 ? -5.021  -11.511 8.658   1.00 19.56 ? 118 GLU A CG  1 
ATOM   880  C CD  . GLU A 1 118 ? -6.057  -12.602 8.877   1.00 21.84 ? 118 GLU A CD  1 
ATOM   881  O OE1 . GLU A 1 118 ? -6.508  -12.775 10.030  1.00 24.96 ? 118 GLU A OE1 1 
ATOM   882  O OE2 . GLU A 1 118 ? -6.404  -13.302 7.905   1.00 20.90 ? 118 GLU A OE2 1 
ATOM   883  N N   . ALA A 1 119 ? -2.261  -10.876 6.618   1.00 13.14 ? 119 ALA A N   1 
ATOM   884  C CA  . ALA A 1 119 ? -2.192  -10.270 5.298   1.00 12.27 ? 119 ALA A CA  1 
ATOM   885  C C   . ALA A 1 119 ? -2.730  -11.310 4.340   1.00 13.07 ? 119 ALA A C   1 
ATOM   886  O O   . ALA A 1 119 ? -2.573  -12.505 4.579   1.00 13.68 ? 119 ALA A O   1 
ATOM   887  C CB  . ALA A 1 119 ? -0.747  -9.922  4.946   1.00 13.26 ? 119 ALA A CB  1 
ATOM   888  N N   . SER A 1 120 ? -3.372  -10.870 3.264   1.00 11.93 ? 120 SER A N   1 
ATOM   889  C CA  . SER A 1 120 ? -3.922  -11.817 2.308   1.00 13.65 ? 120 SER A CA  1 
ATOM   890  C C   . SER A 1 120 ? -4.371  -11.163 1.019   1.00 12.32 ? 120 SER A C   1 
ATOM   891  O O   . SER A 1 120 ? -4.482  -9.944  0.929   1.00 12.15 ? 120 SER A O   1 
ATOM   892  C CB  . SER A 1 120 ? -5.106  -12.555 2.925   1.00 20.49 ? 120 SER A CB  1 
ATOM   893  O OG  . SER A 1 120 ? -6.104  -11.636 3.313   1.00 24.82 ? 120 SER A OG  1 
ATOM   894  N N   . PHE A 1 121 ? -4.605  -11.993 0.014   1.00 10.36 ? 121 PHE A N   1 
ATOM   895  C CA  . PHE A 1 121 ? -5.090  -11.537 -1.274  1.00 10.43 ? 121 PHE A CA  1 
ATOM   896  C C   . PHE A 1 121 ? -6.609  -11.455 -1.197  1.00 10.09 ? 121 PHE A C   1 
ATOM   897  O O   . PHE A 1 121 ? -7.261  -12.354 -0.664  1.00 10.75 ? 121 PHE A O   1 
ATOM   898  C CB  . PHE A 1 121 ? -4.667  -12.516 -2.369  1.00 11.94 ? 121 PHE A CB  1 
ATOM   899  C CG  . PHE A 1 121 ? -3.246  -12.343 -2.813  1.00 12.62 ? 121 PHE A CG  1 
ATOM   900  C CD1 . PHE A 1 121 ? -2.903  -11.316 -3.681  1.00 13.22 ? 121 PHE A CD1 1 
ATOM   901  C CD2 . PHE A 1 121 ? -2.248  -13.191 -2.348  1.00 14.86 ? 121 PHE A CD2 1 
ATOM   902  C CE1 . PHE A 1 121 ? -1.582  -11.132 -4.086  1.00 15.86 ? 121 PHE A CE1 1 
ATOM   903  C CE2 . PHE A 1 121 ? -0.921  -13.015 -2.746  1.00 15.10 ? 121 PHE A CE2 1 
ATOM   904  C CZ  . PHE A 1 121 ? -0.593  -11.982 -3.618  1.00 14.20 ? 121 PHE A CZ  1 
ATOM   905  N N   . VAL A 1 122 ? -7.158  -10.366 -1.729  1.00 9.21  ? 122 VAL A N   1 
ATOM   906  C CA  . VAL A 1 122 ? -8.595  -10.122 -1.732  1.00 10.06 ? 122 VAL A CA  1 
ATOM   907  C C   . VAL A 1 122 ? -9.019  -9.834  -3.168  1.00 10.33 ? 122 VAL A C   1 
ATOM   908  O O   . VAL A 1 122 ? -8.352  -9.081  -3.873  1.00 10.56 ? 122 VAL A O   1 
ATOM   909  C CB  . VAL A 1 122 ? -8.928  -8.910  -0.828  1.00 9.82  ? 122 VAL A CB  1 
ATOM   910  C CG1 . VAL A 1 122 ? -10.413 -8.608  -0.863  1.00 11.58 ? 122 VAL A CG1 1 
ATOM   911  C CG2 . VAL A 1 122 ? -8.481  -9.196  0.600   1.00 10.78 ? 122 VAL A CG2 1 
ATOM   912  N N   . SER A 1 123 ? -10.119 -10.437 -3.606  1.00 9.97  ? 123 SER A N   1 
ATOM   913  C CA  . SER A 1 123 ? -10.588 -10.231 -4.971  1.00 10.06 ? 123 SER A CA  1 
ATOM   914  C C   . SER A 1 123 ? -11.175 -8.842  -5.182  1.00 10.92 ? 123 SER A C   1 
ATOM   915  O O   . SER A 1 123 ? -11.516 -8.142  -4.228  1.00 10.54 ? 123 SER A O   1 
ATOM   916  C CB  . SER A 1 123 ? -11.654 -11.265 -5.333  1.00 10.09 ? 123 SER A CB  1 
ATOM   917  O OG  . SER A 1 123 ? -12.865 -10.991 -4.645  1.00 10.79 ? 123 SER A OG  1 
ATOM   918  N N   . ARG A 1 124 ? -11.298 -8.452  -6.445  1.00 10.62 ? 124 ARG A N   1 
ATOM   919  C CA  . ARG A 1 124 ? -11.872 -7.160  -6.788  1.00 11.28 ? 124 ARG A CA  1 
ATOM   920  C C   . ARG A 1 124 ? -13.262 -7.002  -6.188  1.00 11.51 ? 124 ARG A C   1 
ATOM   921  O O   . ARG A 1 124 ? -13.585 -5.962  -5.614  1.00 11.19 ? 124 ARG A O   1 
ATOM   922  C CB  A ARG A 1 124 ? -11.965 -7.001  -8.306  0.62 12.24 ? 124 ARG A CB  1 
ATOM   923  C CB  B ARG A 1 124 ? -11.955 -7.018  -8.309  0.24 12.19 ? 124 ARG A CB  1 
ATOM   924  C CG  A ARG A 1 124 ? -10.638 -6.742  -8.996  0.62 13.73 ? 124 ARG A CG  1 
ATOM   925  C CG  B ARG A 1 124 ? -10.617 -6.783  -8.987  0.24 13.70 ? 124 ARG A CG  1 
ATOM   926  C CD  A ARG A 1 124 ? -10.851 -6.462  -10.474 0.62 15.06 ? 124 ARG A CD  1 
ATOM   927  C CD  B ARG A 1 124 ? -10.687 -6.994  -10.496 0.24 15.08 ? 124 ARG A CD  1 
ATOM   928  N NE  A ARG A 1 124 ? -11.338 -7.637  -11.192 0.62 15.73 ? 124 ARG A NE  1 
ATOM   929  N NE  B ARG A 1 124 ? -11.869 -6.387  -11.106 0.24 16.30 ? 124 ARG A NE  1 
ATOM   930  C CZ  A ARG A 1 124 ? -10.590 -8.693  -11.489 0.62 17.46 ? 124 ARG A CZ  1 
ATOM   931  C CZ  B ARG A 1 124 ? -13.050 -6.989  -11.211 0.24 16.36 ? 124 ARG A CZ  1 
ATOM   932  N NH1 A ARG A 1 124 ? -9.313  -8.725  -11.132 0.62 18.17 ? 124 ARG A NH1 1 
ATOM   933  N NH1 B ARG A 1 124 ? -13.214 -8.221  -10.750 0.24 17.28 ? 124 ARG A NH1 1 
ATOM   934  N NH2 A ARG A 1 124 ? -11.116 -9.719  -12.144 0.62 18.79 ? 124 ARG A NH2 1 
ATOM   935  N NH2 B ARG A 1 124 ? -14.069 -6.359  -11.775 0.24 16.68 ? 124 ARG A NH2 1 
ATOM   936  N N   . GLU A 1 125 ? -14.086 -8.035  -6.328  1.00 11.29 ? 125 GLU A N   1 
ATOM   937  C CA  . GLU A 1 125 ? -15.449 -7.997  -5.818  1.00 10.57 ? 125 GLU A CA  1 
ATOM   938  C C   . GLU A 1 125 ? -15.496 -7.857  -4.302  1.00 9.40  ? 125 GLU A C   1 
ATOM   939  O O   . GLU A 1 125 ? -16.281 -7.067  -3.773  1.00 12.08 ? 125 GLU A O   1 
ATOM   940  C CB  . GLU A 1 125 ? -16.215 -9.253  -6.241  1.00 12.02 ? 125 GLU A CB  1 
ATOM   941  C CG  . GLU A 1 125 ? -16.517 -9.371  -7.737  1.00 15.08 ? 125 GLU A CG  1 
ATOM   942  C CD  . GLU A 1 125 ? -15.314 -9.772  -8.573  1.00 14.42 ? 125 GLU A CD  1 
ATOM   943  O OE1 . GLU A 1 125 ? -14.317 -10.274 -8.009  1.00 13.67 ? 125 GLU A OE1 1 
ATOM   944  O OE2 . GLU A 1 125 ? -15.377 -9.604  -9.812  1.00 20.71 ? 125 GLU A OE2 1 
ATOM   945  N N   . ASP A 1 126 ? -14.674 -8.622  -3.592  1.00 9.60  ? 126 ASP A N   1 
ATOM   946  C CA  . ASP A 1 126 ? -14.683 -8.514  -2.142  1.00 9.71  ? 126 ASP A CA  1 
ATOM   947  C C   . ASP A 1 126 ? -14.055 -7.201  -1.683  1.00 9.80  ? 126 ASP A C   1 
ATOM   948  O O   . ASP A 1 126 ? -14.436 -6.660  -0.643  1.00 10.40 ? 126 ASP A O   1 
ATOM   949  C CB  . ASP A 1 126 ? -13.991 -9.725  -1.506  1.00 10.37 ? 126 ASP A CB  1 
ATOM   950  C CG  . ASP A 1 126 ? -14.833 -10.982 -1.612  1.00 9.84  ? 126 ASP A CG  1 
ATOM   951  O OD1 . ASP A 1 126 ? -16.067 -10.880 -1.435  1.00 11.45 ? 126 ASP A OD1 1 
ATOM   952  O OD2 . ASP A 1 126 ? -14.274 -12.068 -1.862  1.00 9.63  ? 126 ASP A OD2 1 
ATOM   953  N N   . PHE A 1 127 ? -13.104 -6.678  -2.455  1.00 10.06 ? 127 PHE A N   1 
ATOM   954  C CA  . PHE A 1 127 ? -12.496 -5.399  -2.100  1.00 9.27  ? 127 PHE A CA  1 
ATOM   955  C C   . PHE A 1 127 ? -13.590 -4.331  -2.148  1.00 9.64  ? 127 PHE A C   1 
ATOM   956  O O   . PHE A 1 127 ? -13.667 -3.470  -1.275  1.00 10.23 ? 127 PHE A O   1 
ATOM   957  C CB  . PHE A 1 127 ? -11.384 -5.013  -3.080  1.00 10.26 ? 127 PHE A CB  1 
ATOM   958  C CG  . PHE A 1 127 ? -10.782 -3.662  -2.796  1.00 9.27  ? 127 PHE A CG  1 
ATOM   959  C CD1 . PHE A 1 127 ? -9.718  -3.527  -1.907  1.00 11.35 ? 127 PHE A CD1 1 
ATOM   960  C CD2 . PHE A 1 127 ? -11.333 -2.512  -3.355  1.00 10.61 ? 127 PHE A CD2 1 
ATOM   961  C CE1 . PHE A 1 127 ? -9.216  -2.262  -1.574  1.00 10.74 ? 127 PHE A CE1 1 
ATOM   962  C CE2 . PHE A 1 127 ? -10.841 -1.246  -3.028  1.00 10.76 ? 127 PHE A CE2 1 
ATOM   963  C CZ  . PHE A 1 127 ? -9.781  -1.123  -2.134  1.00 11.28 ? 127 PHE A CZ  1 
ATOM   964  N N   . ALA A 1 128 ? -14.436 -4.390  -3.173  1.00 9.96  ? 128 ALA A N   1 
ATOM   965  C CA  . ALA A 1 128 ? -15.522 -3.427  -3.304  1.00 11.09 ? 128 ALA A CA  1 
ATOM   966  C C   . ALA A 1 128 ? -16.438 -3.483  -2.079  1.00 11.59 ? 128 ALA A C   1 
ATOM   967  O O   . ALA A 1 128 ? -16.919 -2.450  -1.610  1.00 13.46 ? 128 ALA A O   1 
ATOM   968  C CB  . ALA A 1 128 ? -16.310 -3.700  -4.571  1.00 11.92 ? 128 ALA A CB  1 
ATOM   969  N N   . GLN A 1 129 ? -16.684 -4.686  -1.564  1.00 11.56 ? 129 GLN A N   1 
ATOM   970  C CA  . GLN A 1 129 ? -17.517 -4.846  -0.374  1.00 12.27 ? 129 GLN A CA  1 
ATOM   971  C C   . GLN A 1 129 ? -16.807 -4.249  0.838   1.00 12.26 ? 129 GLN A C   1 
ATOM   972  O O   . GLN A 1 129 ? -17.421 -3.551  1.644   1.00 13.37 ? 129 GLN A O   1 
ATOM   973  C CB  . GLN A 1 129 ? -17.813 -6.328  -0.114  1.00 12.06 ? 129 GLN A CB  1 
ATOM   974  C CG  . GLN A 1 129 ? -18.745 -6.964  -1.132  1.00 13.55 ? 129 GLN A CG  1 
ATOM   975  C CD  . GLN A 1 129 ? -20.201 -6.620  -0.886  1.00 13.24 ? 129 GLN A CD  1 
ATOM   976  O OE1 . GLN A 1 129 ? -20.517 -5.672  -0.171  1.00 14.87 ? 129 GLN A OE1 1 
ATOM   977  N NE2 . GLN A 1 129 ? -21.100 -7.388  -1.490  1.00 14.02 ? 129 GLN A NE2 1 
ATOM   978  N N   . LEU A 1 130 ? -15.513 -4.533  0.972   1.00 9.88  ? 130 LEU A N   1 
ATOM   979  C CA  . LEU A 1 130 ? -14.738 -3.995  2.088   1.00 10.48 ? 130 LEU A CA  1 
ATOM   980  C C   . LEU A 1 130 ? -14.758 -2.471  2.071   1.00 10.78 ? 130 LEU A C   1 
ATOM   981  O O   . LEU A 1 130 ? -14.905 -1.830  3.112   1.00 10.67 ? 130 LEU A O   1 
ATOM   982  C CB  . LEU A 1 130 ? -13.282 -4.465  2.015   1.00 11.63 ? 130 LEU A CB  1 
ATOM   983  C CG  . LEU A 1 130 ? -12.964 -5.924  2.335   1.00 12.79 ? 130 LEU A CG  1 
ATOM   984  C CD1 . LEU A 1 130 ? -11.475 -6.168  2.125   1.00 14.80 ? 130 LEU A CD1 1 
ATOM   985  C CD2 . LEU A 1 130 ? -13.353 -6.231  3.772   1.00 14.53 ? 130 LEU A CD2 1 
ATOM   986  N N   . TYR A 1 131 ? -14.595 -1.893  0.887   1.00 10.44 ? 131 TYR A N   1 
ATOM   987  C CA  . TYR A 1 131 ? -14.588 -0.444  0.754   1.00 10.11 ? 131 TYR A CA  1 
ATOM   988  C C   . TYR A 1 131 ? -15.934 0.153   1.157   1.00 12.05 ? 131 TYR A C   1 
ATOM   989  O O   . TYR A 1 131 ? -15.994 1.097   1.951   1.00 12.15 ? 131 TYR A O   1 
ATOM   990  C CB  . TYR A 1 131 ? -14.254 -0.047  -0.682  1.00 10.93 ? 131 TYR A CB  1 
ATOM   991  C CG  . TYR A 1 131 ? -14.080 1.440   -0.847  1.00 11.03 ? 131 TYR A CG  1 
ATOM   992  C CD1 . TYR A 1 131 ? -12.917 2.075   -0.415  1.00 10.50 ? 131 TYR A CD1 1 
ATOM   993  C CD2 . TYR A 1 131 ? -15.097 2.221   -1.388  1.00 12.36 ? 131 TYR A CD2 1 
ATOM   994  C CE1 . TYR A 1 131 ? -12.772 3.458   -0.517  1.00 11.82 ? 131 TYR A CE1 1 
ATOM   995  C CE2 . TYR A 1 131 ? -14.962 3.603   -1.494  1.00 12.25 ? 131 TYR A CE2 1 
ATOM   996  C CZ  . TYR A 1 131 ? -13.798 4.209   -1.055  1.00 11.70 ? 131 TYR A CZ  1 
ATOM   997  O OH  . TYR A 1 131 ? -13.657 5.572   -1.153  1.00 12.97 ? 131 TYR A OH  1 
ATOM   998  N N   . ALA A 1 132 ? -17.014 -0.400  0.612   1.00 12.07 ? 132 ALA A N   1 
ATOM   999  C CA  . ALA A 1 132 ? -18.355 0.083   0.924   1.00 13.06 ? 132 ALA A CA  1 
ATOM   1000 C C   . ALA A 1 132 ? -18.632 -0.051  2.418   1.00 12.20 ? 132 ALA A C   1 
ATOM   1001 O O   . ALA A 1 132 ? -19.353 0.756   3.006   1.00 14.66 ? 132 ALA A O   1 
ATOM   1002 C CB  . ALA A 1 132 ? -19.394 -0.704  0.124   1.00 14.29 ? 132 ALA A CB  1 
ATOM   1003 N N   . ALA A 1 133 ? -18.037 -1.065  3.034   1.00 11.48 ? 133 ALA A N   1 
ATOM   1004 C CA  . ALA A 1 133 ? -18.232 -1.325  4.455   1.00 12.70 ? 133 ALA A CA  1 
ATOM   1005 C C   . ALA A 1 133 ? -17.354 -0.468  5.365   1.00 11.71 ? 133 ALA A C   1 
ATOM   1006 O O   . ALA A 1 133 ? -17.429 -0.584  6.589   1.00 13.07 ? 133 ALA A O   1 
ATOM   1007 C CB  . ALA A 1 133 ? -17.987 -2.805  4.740   1.00 12.88 ? 133 ALA A CB  1 
ATOM   1008 N N   . GLY A 1 134 ? -16.528 0.390   4.768   1.00 11.66 ? 134 GLY A N   1 
ATOM   1009 C CA  . GLY A 1 134 ? -15.651 1.250   5.552   1.00 12.04 ? 134 GLY A CA  1 
ATOM   1010 C C   . GLY A 1 134 ? -14.514 0.496   6.221   1.00 11.11 ? 134 GLY A C   1 
ATOM   1011 O O   . GLY A 1 134 ? -14.039 0.889   7.293   1.00 12.74 ? 134 GLY A O   1 
ATOM   1012 N N   . GLN A 1 135 ? -14.054 -0.574  5.581   1.00 11.66 ? 135 GLN A N   1 
ATOM   1013 C CA  . GLN A 1 135 ? -12.987 -1.384  6.150   1.00 11.32 ? 135 GLN A CA  1 
ATOM   1014 C C   . GLN A 1 135 ? -11.606 -1.126  5.553   1.00 11.00 ? 135 GLN A C   1 
ATOM   1015 O O   . GLN A 1 135 ? -10.630 -1.759  5.951   1.00 11.79 ? 135 GLN A O   1 
ATOM   1016 C CB  . GLN A 1 135 ? -13.345 -2.868  6.022   1.00 12.19 ? 135 GLN A CB  1 
ATOM   1017 C CG  . GLN A 1 135 ? -14.681 -3.225  6.666   1.00 14.07 ? 135 GLN A CG  1 
ATOM   1018 C CD  . GLN A 1 135 ? -14.760 -2.791  8.117   1.00 16.95 ? 135 GLN A CD  1 
ATOM   1019 O OE1 . GLN A 1 135 ? -13.969 -3.228  8.952   1.00 18.47 ? 135 GLN A OE1 1 
ATOM   1020 N NE2 . GLN A 1 135 ? -15.718 -1.922  8.425   1.00 18.40 ? 135 GLN A NE2 1 
ATOM   1021 N N   . ILE A 1 136 ? -11.523 -0.202  4.602   1.00 10.59 ? 136 ILE A N   1 
ATOM   1022 C CA  . ILE A 1 136 ? -10.242 0.140   3.992   1.00 10.67 ? 136 ILE A CA  1 
ATOM   1023 C C   . ILE A 1 136 ? -9.771  1.418   4.698   1.00 10.79 ? 136 ILE A C   1 
ATOM   1024 O O   . ILE A 1 136 ? -10.378 2.476   4.551   1.00 12.06 ? 136 ILE A O   1 
ATOM   1025 C CB  . ILE A 1 136 ? -10.409 0.373   2.473   1.00 10.70 ? 136 ILE A CB  1 
ATOM   1026 C CG1 . ILE A 1 136 ? -10.981 -0.890  1.809   1.00 11.32 ? 136 ILE A CG1 1 
ATOM   1027 C CG2 . ILE A 1 136 ? -9.071  0.754   1.850   1.00 11.65 ? 136 ILE A CG2 1 
ATOM   1028 C CD1 . ILE A 1 136 ? -10.137 -2.145  2.001   1.00 11.70 ? 136 ILE A CD1 1 
ATOM   1029 N N   . ARG A 1 137 ? -8.697  1.309   5.476   1.00 11.85 ? 137 ARG A N   1 
ATOM   1030 C CA  . ARG A 1 137 ? -8.189  2.440   6.253   1.00 12.73 ? 137 ARG A CA  1 
ATOM   1031 C C   . ARG A 1 137 ? -8.024  3.743   5.479   1.00 12.73 ? 137 ARG A C   1 
ATOM   1032 O O   . ARG A 1 137 ? -8.539  4.788   5.887   1.00 13.11 ? 137 ARG A O   1 
ATOM   1033 C CB  . ARG A 1 137 ? -6.857  2.063   6.913   1.00 14.64 ? 137 ARG A CB  1 
ATOM   1034 C CG  . ARG A 1 137 ? -6.215  3.186   7.725   1.00 17.37 ? 137 ARG A CG  1 
ATOM   1035 C CD  . ARG A 1 137 ? -7.105  3.651   8.868   1.00 19.22 ? 137 ARG A CD  1 
ATOM   1036 N NE  . ARG A 1 137 ? -7.213  2.661   9.940   1.00 20.30 ? 137 ARG A NE  1 
ATOM   1037 C CZ  . ARG A 1 137 ? -7.948  2.828   11.035  1.00 21.59 ? 137 ARG A CZ  1 
ATOM   1038 N NH1 . ARG A 1 137 ? -8.641  3.946   11.204  1.00 23.70 ? 137 ARG A NH1 1 
ATOM   1039 N NH2 . ARG A 1 137 ? -7.992  1.882   11.964  1.00 21.00 ? 137 ARG A NH2 1 
ATOM   1040 N N   . MET A 1 138 ? -7.310  3.675   4.365   1.00 11.32 ? 138 MET A N   1 
ATOM   1041 C CA  . MET A 1 138 ? -7.065  4.849   3.536   1.00 12.43 ? 138 MET A CA  1 
ATOM   1042 C C   . MET A 1 138 ? -7.787  4.671   2.215   1.00 12.19 ? 138 MET A C   1 
ATOM   1043 O O   . MET A 1 138 ? -7.520  3.722   1.483   1.00 11.78 ? 138 MET A O   1 
ATOM   1044 C CB  . MET A 1 138 ? -5.562  5.006   3.307   1.00 15.43 ? 138 MET A CB  1 
ATOM   1045 C CG  . MET A 1 138 ? -4.772  4.934   4.601   1.00 19.25 ? 138 MET A CG  1 
ATOM   1046 S SD  . MET A 1 138 ? -3.087  5.526   4.466   1.00 26.75 ? 138 MET A SD  1 
ATOM   1047 C CE  . MET A 1 138 ? -3.373  7.303   4.446   1.00 22.58 ? 138 MET A CE  1 
ATOM   1048 N N   . TYR A 1 139 ? -8.705  5.578   1.901   1.00 11.18 ? 139 TYR A N   1 
ATOM   1049 C CA  . TYR A 1 139 ? -9.454  5.448   0.662   1.00 10.85 ? 139 TYR A CA  1 
ATOM   1050 C C   . TYR A 1 139 ? -8.547  5.485   -0.560  1.00 10.20 ? 139 TYR A C   1 
ATOM   1051 O O   . TYR A 1 139 ? -8.929  5.021   -1.633  1.00 11.99 ? 139 TYR A O   1 
ATOM   1052 C CB  . TYR A 1 139 ? -10.535 6.535   0.566   1.00 12.71 ? 139 TYR A CB  1 
ATOM   1053 C CG  . TYR A 1 139 ? -10.005 7.948   0.486   1.00 12.40 ? 139 TYR A CG  1 
ATOM   1054 C CD1 . TYR A 1 139 ? -9.515  8.462   -0.712  1.00 12.98 ? 139 TYR A CD1 1 
ATOM   1055 C CD2 . TYR A 1 139 ? -9.968  8.763   1.619   1.00 12.52 ? 139 TYR A CD2 1 
ATOM   1056 C CE1 . TYR A 1 139 ? -9.001  9.756   -0.785  1.00 14.06 ? 139 TYR A CE1 1 
ATOM   1057 C CE2 . TYR A 1 139 ? -9.453  10.058  1.558   1.00 12.16 ? 139 TYR A CE2 1 
ATOM   1058 C CZ  . TYR A 1 139 ? -8.973  10.543  0.352   1.00 12.78 ? 139 TYR A CZ  1 
ATOM   1059 O OH  . TYR A 1 139 ? -8.466  11.822  0.287   1.00 15.62 ? 139 TYR A OH  1 
ATOM   1060 N N   . GLN A 1 140 ? -7.341  6.025   -0.395  1.00 11.03 ? 140 GLN A N   1 
ATOM   1061 C CA  . GLN A 1 140 ? -6.393  6.092   -1.501  1.00 11.30 ? 140 GLN A CA  1 
ATOM   1062 C C   . GLN A 1 140 ? -6.077  4.690   -2.024  1.00 11.38 ? 140 GLN A C   1 
ATOM   1063 O O   . GLN A 1 140 ? -5.667  4.522   -3.172  1.00 12.80 ? 140 GLN A O   1 
ATOM   1064 C CB  . GLN A 1 140 ? -5.096  6.796   -1.076  1.00 12.83 ? 140 GLN A CB  1 
ATOM   1065 C CG  . GLN A 1 140 ? -5.209  8.314   -0.930  1.00 12.87 ? 140 GLN A CG  1 
ATOM   1066 C CD  . GLN A 1 140 ? -5.720  8.753   0.429   1.00 12.81 ? 140 GLN A CD  1 
ATOM   1067 O OE1 . GLN A 1 140 ? -6.144  7.936   1.247   1.00 13.99 ? 140 GLN A OE1 1 
ATOM   1068 N NE2 . GLN A 1 140 ? -5.682  10.059  0.676   1.00 15.37 ? 140 GLN A NE2 1 
ATOM   1069 N N   . THR A 1 141 ? -6.265  3.683   -1.176  1.00 11.13 ? 141 THR A N   1 
ATOM   1070 C CA  . THR A 1 141 ? -6.025  2.306   -1.588  1.00 11.53 ? 141 THR A CA  1 
ATOM   1071 C C   . THR A 1 141 ? -6.917  1.963   -2.779  1.00 11.78 ? 141 THR A C   1 
ATOM   1072 O O   . THR A 1 141 ? -6.479  1.312   -3.727  1.00 11.30 ? 141 THR A O   1 
ATOM   1073 C CB  . THR A 1 141 ? -6.319  1.327   -0.443  1.00 10.53 ? 141 THR A CB  1 
ATOM   1074 O OG1 . THR A 1 141 ? -5.411  1.573   0.635   1.00 12.60 ? 141 THR A OG1 1 
ATOM   1075 C CG2 . THR A 1 141 ? -6.164  -0.117  -0.917  1.00 12.63 ? 141 THR A CG2 1 
ATOM   1076 N N   . LYS A 1 142 ? -8.172  2.402   -2.738  1.00 12.02 ? 142 LYS A N   1 
ATOM   1077 C CA  . LYS A 1 142 ? -9.074  2.116   -3.847  1.00 12.77 ? 142 LYS A CA  1 
ATOM   1078 C C   . LYS A 1 142 ? -8.627  2.840   -5.110  1.00 11.81 ? 142 LYS A C   1 
ATOM   1079 O O   . LYS A 1 142 ? -8.672  2.276   -6.201  1.00 13.00 ? 142 LYS A O   1 
ATOM   1080 C CB  . LYS A 1 142 ? -10.516 2.513   -3.510  1.00 13.32 ? 142 LYS A CB  1 
ATOM   1081 C CG  . LYS A 1 142 ? -11.467 2.305   -4.683  1.00 16.06 ? 142 LYS A CG  1 
ATOM   1082 C CD  . LYS A 1 142 ? -12.929 2.509   -4.312  1.00 17.07 ? 142 LYS A CD  1 
ATOM   1083 C CE  . LYS A 1 142 ? -13.806 2.332   -5.544  1.00 20.23 ? 142 LYS A CE  1 
ATOM   1084 N NZ  . LYS A 1 142 ? -15.262 2.450   -5.251  1.00 22.37 ? 142 LYS A NZ  1 
ATOM   1085 N N   . LEU A 1 143 ? -8.196  4.091   -4.958  1.00 12.88 ? 143 LEU A N   1 
ATOM   1086 C CA  . LEU A 1 143 ? -7.746  4.869   -6.103  1.00 13.44 ? 143 LEU A CA  1 
ATOM   1087 C C   . LEU A 1 143 ? -6.545  4.208   -6.777  1.00 12.29 ? 143 LEU A C   1 
ATOM   1088 O O   . LEU A 1 143 ? -6.497  4.084   -7.999  1.00 12.54 ? 143 LEU A O   1 
ATOM   1089 C CB  . LEU A 1 143 ? -7.385  6.293   -5.667  1.00 15.00 ? 143 LEU A CB  1 
ATOM   1090 C CG  . LEU A 1 143 ? -8.532  7.137   -5.100  1.00 16.14 ? 143 LEU A CG  1 
ATOM   1091 C CD1 . LEU A 1 143 ? -7.993  8.462   -4.586  1.00 18.44 ? 143 LEU A CD1 1 
ATOM   1092 C CD2 . LEU A 1 143 ? -9.590  7.356   -6.176  1.00 18.72 ? 143 LEU A CD2 1 
ATOM   1093 N N   . PHE A 1 144 ? -5.580  3.770   -5.973  1.00 12.01 ? 144 PHE A N   1 
ATOM   1094 C CA  . PHE A 1 144 ? -4.396  3.128   -6.527  1.00 12.69 ? 144 PHE A CA  1 
ATOM   1095 C C   . PHE A 1 144 ? -4.676  1.721   -7.055  1.00 11.39 ? 144 PHE A C   1 
ATOM   1096 O O   . PHE A 1 144 ? -4.047  1.284   -8.014  1.00 12.64 ? 144 PHE A O   1 
ATOM   1097 C CB  . PHE A 1 144 ? -3.269  3.118   -5.493  1.00 13.46 ? 144 PHE A CB  1 
ATOM   1098 C CG  . PHE A 1 144 ? -2.633  4.466   -5.294  1.00 13.41 ? 144 PHE A CG  1 
ATOM   1099 C CD1 . PHE A 1 144 ? -1.967  5.093   -6.344  1.00 16.29 ? 144 PHE A CD1 1 
ATOM   1100 C CD2 . PHE A 1 144 ? -2.711  5.117   -4.070  1.00 14.41 ? 144 PHE A CD2 1 
ATOM   1101 C CE1 . PHE A 1 144 ? -1.389  6.351   -6.173  1.00 16.15 ? 144 PHE A CE1 1 
ATOM   1102 C CE2 . PHE A 1 144 ? -2.136  6.376   -3.889  1.00 14.67 ? 144 PHE A CE2 1 
ATOM   1103 C CZ  . PHE A 1 144 ? -1.475  6.991   -4.943  1.00 14.92 ? 144 PHE A CZ  1 
ATOM   1104 N N   . TYR A 1 145 ? -5.623  1.015   -6.440  1.00 10.53 ? 145 TYR A N   1 
ATOM   1105 C CA  . TYR A 1 145 ? -5.989  -0.320  -6.909  1.00 11.49 ? 145 TYR A CA  1 
ATOM   1106 C C   . TYR A 1 145 ? -6.605  -0.140  -8.302  1.00 12.67 ? 145 TYR A C   1 
ATOM   1107 O O   . TYR A 1 145 ? -6.285  -0.877  -9.233  1.00 11.98 ? 145 TYR A O   1 
ATOM   1108 C CB  . TYR A 1 145 ? -6.991  -0.948  -5.935  1.00 12.95 ? 145 TYR A CB  1 
ATOM   1109 C CG  . TYR A 1 145 ? -7.376  -2.393  -6.204  1.00 10.49 ? 145 TYR A CG  1 
ATOM   1110 C CD1 . TYR A 1 145 ? -6.669  -3.189  -7.110  1.00 11.66 ? 145 TYR A CD1 1 
ATOM   1111 C CD2 . TYR A 1 145 ? -8.425  -2.981  -5.500  1.00 11.51 ? 145 TYR A CD2 1 
ATOM   1112 C CE1 . TYR A 1 145 ? -7.000  -4.540  -7.302  1.00 11.96 ? 145 TYR A CE1 1 
ATOM   1113 C CE2 . TYR A 1 145 ? -8.761  -4.318  -5.681  1.00 11.33 ? 145 TYR A CE2 1 
ATOM   1114 C CZ  . TYR A 1 145 ? -8.049  -5.092  -6.579  1.00 11.88 ? 145 TYR A CZ  1 
ATOM   1115 O OH  . TYR A 1 145 ? -8.388  -6.421  -6.735  1.00 11.99 ? 145 TYR A OH  1 
ATOM   1116 N N   . ALA A 1 146 ? -7.471  0.860   -8.446  1.00 12.60 ? 146 ALA A N   1 
ATOM   1117 C CA  . ALA A 1 146 ? -8.092  1.127   -9.738  1.00 14.03 ? 146 ALA A CA  1 
ATOM   1118 C C   . ALA A 1 146 ? -7.006  1.464   -10.770 1.00 15.25 ? 146 ALA A C   1 
ATOM   1119 O O   . ALA A 1 146 ? -7.072  1.023   -11.918 1.00 16.48 ? 146 ALA A O   1 
ATOM   1120 C CB  . ALA A 1 146 ? -9.085  2.279   -9.615  1.00 14.03 ? 146 ALA A CB  1 
ATOM   1121 N N   . ASP A 1 147 ? -6.005  2.242   -10.358 1.00 15.48 ? 147 ASP A N   1 
ATOM   1122 C CA  . ASP A 1 147 ? -4.916  2.604   -11.263 1.00 16.31 ? 147 ASP A CA  1 
ATOM   1123 C C   . ASP A 1 147 ? -4.185  1.340   -11.708 1.00 15.90 ? 147 ASP A C   1 
ATOM   1124 O O   . ASP A 1 147 ? -3.909  1.147   -12.892 1.00 16.27 ? 147 ASP A O   1 
ATOM   1125 C CB  . ASP A 1 147 ? -3.901  3.533   -10.579 1.00 18.03 ? 147 ASP A CB  1 
ATOM   1126 C CG  . ASP A 1 147 ? -4.469  4.901   -10.250 1.00 22.21 ? 147 ASP A CG  1 
ATOM   1127 O OD1 . ASP A 1 147 ? -5.249  5.438   -11.060 1.00 23.92 ? 147 ASP A OD1 1 
ATOM   1128 O OD2 . ASP A 1 147 ? -4.113  5.448   -9.185  1.00 25.29 ? 147 ASP A OD2 1 
ATOM   1129 N N   . ALA A 1 148 ? -3.874  0.483   -10.740 1.00 14.91 ? 148 ALA A N   1 
ATOM   1130 C CA  . ALA A 1 148 ? -3.163  -0.760  -11.007 1.00 14.60 ? 148 ALA A CA  1 
ATOM   1131 C C   . ALA A 1 148 ? -3.928  -1.670  -11.962 1.00 15.42 ? 148 ALA A C   1 
ATOM   1132 O O   . ALA A 1 148 ? -3.342  -2.251  -12.878 1.00 16.21 ? 148 ALA A O   1 
ATOM   1133 C CB  . ALA A 1 148 ? -2.886  -1.486  -9.699  1.00 14.70 ? 148 ALA A CB  1 
ATOM   1134 N N   . LEU A 1 149 ? -5.234  -1.799  -11.748 1.00 14.86 ? 149 LEU A N   1 
ATOM   1135 C CA  . LEU A 1 149 ? -6.050  -2.641  -12.614 1.00 16.10 ? 149 LEU A CA  1 
ATOM   1136 C C   . LEU A 1 149 ? -5.985  -2.141  -14.055 1.00 17.34 ? 149 LEU A C   1 
ATOM   1137 O O   . LEU A 1 149 ? -5.841  -2.934  -14.984 1.00 18.49 ? 149 LEU A O   1 
ATOM   1138 C CB  . LEU A 1 149 ? -7.499  -2.658  -12.119 1.00 16.05 ? 149 LEU A CB  1 
ATOM   1139 C CG  . LEU A 1 149 ? -7.720  -3.397  -10.795 1.00 15.83 ? 149 LEU A CG  1 
ATOM   1140 C CD1 . LEU A 1 149 ? -9.106  -3.097  -10.256 1.00 16.32 ? 149 LEU A CD1 1 
ATOM   1141 C CD2 . LEU A 1 149 ? -7.535  -4.894  -11.009 1.00 16.53 ? 149 LEU A CD2 1 
ATOM   1142 N N   . ARG A 1 150 ? -6.083  -0.826  -14.236 1.00 18.23 ? 150 ARG A N   1 
ATOM   1143 C CA  . ARG A 1 150 ? -6.017  -0.245  -15.575 1.00 20.29 ? 150 ARG A CA  1 
ATOM   1144 C C   . ARG A 1 150 ? -4.667  -0.535  -16.224 1.00 20.65 ? 150 ARG A C   1 
ATOM   1145 O O   . ARG A 1 150 ? -4.600  -0.934  -17.386 1.00 21.32 ? 150 ARG A O   1 
ATOM   1146 C CB  . ARG A 1 150 ? -6.234  1.269   -15.519 1.00 21.69 ? 150 ARG A CB  1 
ATOM   1147 C CG  . ARG A 1 150 ? -7.675  1.698   -15.304 1.00 24.20 ? 150 ARG A CG  1 
ATOM   1148 C CD  . ARG A 1 150 ? -7.850  3.182   -15.605 1.00 26.53 ? 150 ARG A CD  1 
ATOM   1149 N NE  . ARG A 1 150 ? -7.289  4.043   -14.568 1.00 28.61 ? 150 ARG A NE  1 
ATOM   1150 C CZ  . ARG A 1 150 ? -7.867  4.271   -13.394 1.00 29.10 ? 150 ARG A CZ  1 
ATOM   1151 N NH1 . ARG A 1 150 ? -9.029  3.701   -13.103 1.00 30.88 ? 150 ARG A NH1 1 
ATOM   1152 N NH2 . ARG A 1 150 ? -7.292  5.074   -12.513 1.00 30.52 ? 150 ARG A NH2 1 
ATOM   1153 N N   . GLU A 1 151 ? -3.595  -0.332  -15.464 1.00 20.66 ? 151 GLU A N   1 
ATOM   1154 C CA  . GLU A 1 151 ? -2.242  -0.571  -15.955 1.00 21.99 ? 151 GLU A CA  1 
ATOM   1155 C C   . GLU A 1 151 ? -2.044  -2.013  -16.416 1.00 22.68 ? 151 GLU A C   1 
ATOM   1156 O O   . GLU A 1 151 ? -1.424  -2.263  -17.451 1.00 22.59 ? 151 GLU A O   1 
ATOM   1157 C CB  . GLU A 1 151 ? -1.222  -0.247  -14.860 1.00 22.09 ? 151 GLU A CB  1 
ATOM   1158 C CG  . GLU A 1 151 ? -1.045  1.236   -14.577 1.00 23.87 ? 151 GLU A CG  1 
ATOM   1159 C CD  . GLU A 1 151 ? -0.220  1.941   -15.640 1.00 25.15 ? 151 GLU A CD  1 
ATOM   1160 O OE1 . GLU A 1 151 ? -0.079  3.177   -15.557 1.00 27.09 ? 151 GLU A OE1 1 
ATOM   1161 O OE2 . GLU A 1 151 ? 0.292   1.256   -16.551 1.00 26.87 ? 151 GLU A OE2 1 
ATOM   1162 N N   . LYS A 1 152 ? -2.572  -2.958  -15.645 1.00 22.07 ? 152 LYS A N   1 
ATOM   1163 C CA  . LYS A 1 152 ? -2.433  -4.374  -15.965 1.00 22.42 ? 152 LYS A CA  1 
ATOM   1164 C C   . LYS A 1 152 ? -3.496  -4.906  -16.924 1.00 23.87 ? 152 LYS A C   1 
ATOM   1165 O O   . LYS A 1 152 ? -3.456  -6.072  -17.315 1.00 25.39 ? 152 LYS A O   1 
ATOM   1166 C CB  . LYS A 1 152 ? -2.448  -5.199  -14.674 1.00 22.63 ? 152 LYS A CB  1 
ATOM   1167 C CG  . LYS A 1 152 ? -1.300  -4.883  -13.721 1.00 24.27 ? 152 LYS A CG  1 
ATOM   1168 C CD  . LYS A 1 152 ? 0.062   -5.185  -14.338 1.00 26.46 ? 152 LYS A CD  1 
ATOM   1169 C CE  . LYS A 1 152 ? 0.305   -6.681  -14.497 1.00 28.02 ? 152 LYS A CE  1 
ATOM   1170 N NZ  . LYS A 1 152 ? -0.665  -7.332  -15.417 1.00 31.33 ? 152 LYS A NZ  1 
ATOM   1171 N N   . GLY A 1 153 ? -4.446  -4.053  -17.296 1.00 23.44 ? 153 GLY A N   1 
ATOM   1172 C CA  . GLY A 1 153 ? -5.491  -4.472  -18.216 1.00 23.50 ? 153 GLY A CA  1 
ATOM   1173 C C   . GLY A 1 153 ? -6.581  -5.341  -17.615 1.00 24.19 ? 153 GLY A C   1 
ATOM   1174 O O   . GLY A 1 153 ? -7.252  -6.086  -18.332 1.00 25.16 ? 153 GLY A O   1 
ATOM   1175 N N   . PHE A 1 154 ? -6.763  -5.254  -16.300 1.00 23.85 ? 154 PHE A N   1 
ATOM   1176 C CA  . PHE A 1 154 ? -7.791  -6.032  -15.615 1.00 23.30 ? 154 PHE A CA  1 
ATOM   1177 C C   . PHE A 1 154 ? -9.106  -5.262  -15.608 1.00 23.01 ? 154 PHE A C   1 
ATOM   1178 O O   . PHE A 1 154 ? -9.135  -4.062  -15.872 1.00 23.41 ? 154 PHE A O   1 
ATOM   1179 C CB  . PHE A 1 154 ? -7.384  -6.309  -14.164 1.00 21.95 ? 154 PHE A CB  1 
ATOM   1180 C CG  . PHE A 1 154 ? -6.350  -7.385  -14.008 1.00 22.45 ? 154 PHE A CG  1 
ATOM   1181 C CD1 . PHE A 1 154 ? -6.646  -8.705  -14.330 1.00 22.53 ? 154 PHE A CD1 1 
ATOM   1182 C CD2 . PHE A 1 154 ? -5.087  -7.083  -13.518 1.00 21.00 ? 154 PHE A CD2 1 
ATOM   1183 C CE1 . PHE A 1 154 ? -5.695  -9.707  -14.165 1.00 21.81 ? 154 PHE A CE1 1 
ATOM   1184 C CE2 . PHE A 1 154 ? -4.129  -8.075  -13.350 1.00 22.07 ? 154 PHE A CE2 1 
ATOM   1185 C CZ  . PHE A 1 154 ? -4.434  -9.392  -13.673 1.00 22.26 ? 154 PHE A CZ  1 
ATOM   1186 N N   . PRO A 1 155 ? -10.218 -5.951  -15.311 1.00 23.72 ? 155 PRO A N   1 
ATOM   1187 C CA  . PRO A 1 155 ? -11.525 -5.292  -15.271 1.00 23.69 ? 155 PRO A CA  1 
ATOM   1188 C C   . PRO A 1 155 ? -11.551 -4.297  -14.112 1.00 22.62 ? 155 PRO A C   1 
ATOM   1189 O O   . PRO A 1 155 ? -10.884 -4.505  -13.098 1.00 22.06 ? 155 PRO A O   1 
ATOM   1190 C CB  . PRO A 1 155 ? -12.490 -6.455  -15.049 1.00 24.93 ? 155 PRO A CB  1 
ATOM   1191 C CG  . PRO A 1 155 ? -11.791 -7.603  -15.700 1.00 25.64 ? 155 PRO A CG  1 
ATOM   1192 C CD  . PRO A 1 155 ? -10.369 -7.415  -15.236 1.00 24.58 ? 155 PRO A CD  1 
ATOM   1193 N N   . ALA A 1 156 ? -12.312 -3.218  -14.260 1.00 22.12 ? 156 ALA A N   1 
ATOM   1194 C CA  . ALA A 1 156 ? -12.406 -2.210  -13.210 1.00 21.99 ? 156 ALA A CA  1 
ATOM   1195 C C   . ALA A 1 156 ? -13.217 -2.736  -12.032 1.00 22.55 ? 156 ALA A C   1 
ATOM   1196 O O   . ALA A 1 156 ? -13.961 -3.710  -12.163 1.00 22.80 ? 156 ALA A O   1 
ATOM   1197 C CB  . ALA A 1 156 ? -13.042 -0.941  -13.759 1.00 22.42 ? 156 ALA A CB  1 
ATOM   1198 N N   . LEU A 1 157 ? -13.065 -2.096  -10.878 1.00 21.89 ? 157 LEU A N   1 
ATOM   1199 C CA  . LEU A 1 157 ? -13.799 -2.496  -9.684  1.00 23.37 ? 157 LEU A CA  1 
ATOM   1200 C C   . LEU A 1 157 ? -15.303 -2.405  -9.937  1.00 26.41 ? 157 LEU A C   1 
ATOM   1201 O O   . LEU A 1 157 ? -15.763 -1.533  -10.673 1.00 27.40 ? 157 LEU A O   1 
ATOM   1202 C CB  . LEU A 1 157 ? -13.415 -1.602  -8.502  1.00 21.51 ? 157 LEU A CB  1 
ATOM   1203 C CG  . LEU A 1 157 ? -11.999 -1.801  -7.951  1.00 18.54 ? 157 LEU A CG  1 
ATOM   1204 C CD1 . LEU A 1 157 ? -11.701 -0.746  -6.900  1.00 19.22 ? 157 LEU A CD1 1 
ATOM   1205 C CD2 . LEU A 1 157 ? -11.871 -3.199  -7.355  1.00 20.00 ? 157 LEU A CD2 1 
ATOM   1206 N N   . PRO A 1 158 ? -16.083 -3.310  -9.321  1.00 28.97 ? 158 PRO A N   1 
ATOM   1207 C CA  . PRO A 1 158 ? -17.543 -3.401  -9.430  1.00 32.19 ? 158 PRO A CA  1 
ATOM   1208 C C   . PRO A 1 158 ? -18.289 -2.069  -9.433  1.00 34.89 ? 158 PRO A C   1 
ATOM   1209 O O   . PRO A 1 158 ? -18.649 -1.548  -8.375  1.00 36.58 ? 158 PRO A O   1 
ATOM   1210 C CB  . PRO A 1 158 ? -17.913 -4.270  -8.235  1.00 31.21 ? 158 PRO A CB  1 
ATOM   1211 C CG  . PRO A 1 158 ? -16.780 -5.232  -8.192  1.00 29.44 ? 158 PRO A CG  1 
ATOM   1212 C CD  . PRO A 1 158 ? -15.574 -4.332  -8.387  1.00 29.29 ? 158 PRO A CD  1 
ATOM   1213 N N   . VAL A 1 159 ? -18.520 -1.541  -10.633 1.00 36.90 ? 159 VAL A N   1 
ATOM   1214 C CA  . VAL A 1 159 ? -19.231 -0.280  -10.841 1.00 38.48 ? 159 VAL A CA  1 
ATOM   1215 C C   . VAL A 1 159 ? -18.840 0.335   -12.181 1.00 39.36 ? 159 VAL A C   1 
ATOM   1216 O O   . VAL A 1 159 ? -17.737 0.108   -12.682 1.00 40.39 ? 159 VAL A O   1 
ATOM   1217 C CB  . VAL A 1 159 ? -18.932 0.754   -9.730  1.00 38.72 ? 159 VAL A CB  1 
ATOM   1218 C CG1 . VAL A 1 159 ? -17.443 1.055   -9.680  1.00 39.74 ? 159 VAL A CG1 1 
ATOM   1219 C CG2 . VAL A 1 159 ? -19.732 2.023   -9.975  1.00 39.31 ? 159 VAL A CG2 1 
HETATM 1220 O O   . HOH B 2 .   ? -5.967  1.454   3.430   1.00 14.63 ? 701 HOH A O   1 
HETATM 1221 O O   . HOH B 2 .   ? -13.569 1.661   3.318   1.00 12.52 ? 702 HOH A O   1 
HETATM 1222 O O   . HOH B 2 .   ? -11.828 3.954   2.749   1.00 12.65 ? 703 HOH A O   1 
HETATM 1223 O O   . HOH B 2 .   ? 10.411  8.201   7.408   1.00 15.78 ? 704 HOH A O   1 
HETATM 1224 O O   . HOH B 2 .   ? -1.844  19.771  12.234  1.00 17.59 ? 705 HOH A O   1 
HETATM 1225 O O   . HOH B 2 .   ? -12.259 -7.653  8.147   1.00 17.79 ? 706 HOH A O   1 
HETATM 1226 O O   . HOH B 2 .   ? -11.935 -4.882  8.766   1.00 17.27 ? 707 HOH A O   1 
HETATM 1227 O O   . HOH B 2 .   ? 14.731  -3.534  -0.979  1.00 24.36 ? 708 HOH A O   1 
HETATM 1228 O O   . HOH B 2 .   ? 3.023   2.840   5.875   1.00 21.53 ? 709 HOH A O   1 
HETATM 1229 O O   . HOH B 2 .   ? -13.974 -3.099  11.729  1.00 27.09 ? 710 HOH A O   1 
HETATM 1230 O O   . HOH B 2 .   ? -6.001  -0.437  14.170  1.00 23.72 ? 711 HOH A O   1 
HETATM 1231 O O   . HOH B 2 .   ? 4.445   -4.633  12.264  1.00 29.46 ? 712 HOH A O   1 
HETATM 1232 O O   . HOH B 2 .   ? -20.084 1.864   5.543   1.00 29.37 ? 713 HOH A O   1 
HETATM 1233 O O   . HOH B 2 .   ? -19.750 -0.102  8.114   1.00 27.12 ? 714 HOH A O   1 
HETATM 1234 O O   . HOH B 2 .   ? -14.639 -12.272 -6.223  1.00 12.03 ? 715 HOH A O   1 
HETATM 1235 O O   . HOH B 2 .   ? 10.686  11.035  -1.639  1.00 11.59 ? 716 HOH A O   1 
HETATM 1236 O O   . HOH B 2 .   ? 6.064   30.090  -0.065  1.00 13.12 ? 717 HOH A O   1 
HETATM 1237 O O   . HOH B 2 .   ? -17.388 -9.831  0.831   1.00 13.25 ? 718 HOH A O   1 
HETATM 1238 O O   . HOH B 2 .   ? -10.036 6.671   4.435   1.00 14.88 ? 719 HOH A O   1 
HETATM 1239 O O   . HOH B 2 .   ? -9.842  -10.026 -8.455  1.00 14.68 ? 720 HOH A O   1 
HETATM 1240 O O   . HOH B 2 .   ? 6.702   21.232  7.114   1.00 15.66 ? 721 HOH A O   1 
HETATM 1241 O O   . HOH B 2 .   ? -9.702  -14.262 -7.579  1.00 15.00 ? 722 HOH A O   1 
HETATM 1242 O O   . HOH B 2 .   ? -17.904 -10.188 -3.471  1.00 15.86 ? 723 HOH A O   1 
HETATM 1243 O O   . HOH B 2 .   ? -12.291 -11.229 -9.541  1.00 20.10 ? 724 HOH A O   1 
HETATM 1244 O O   . HOH B 2 .   ? 5.943   20.118  9.853   1.00 16.15 ? 725 HOH A O   1 
HETATM 1245 O O   . HOH B 2 .   ? -1.104  -4.386  -2.389  1.00 16.88 ? 726 HOH A O   1 
HETATM 1246 O O   . HOH B 2 .   ? 12.612  9.072   4.820   1.00 18.11 ? 727 HOH A O   1 
HETATM 1247 O O   . HOH B 2 .   ? -11.646 -9.768  10.104  1.00 22.80 ? 728 HOH A O   1 
HETATM 1248 O O   . HOH B 2 .   ? 0.632   10.681  3.187   1.00 15.52 ? 729 HOH A O   1 
HETATM 1249 O O   . HOH B 2 .   ? -1.554  14.963  -0.993  1.00 18.24 ? 730 HOH A O   1 
HETATM 1250 O O   . HOH B 2 .   ? 3.148   4.455   1.474   1.00 16.91 ? 731 HOH A O   1 
HETATM 1251 O O   . HOH B 2 .   ? 11.472  12.479  5.135   1.00 22.36 ? 732 HOH A O   1 
HETATM 1252 O O   . HOH B 2 .   ? -4.440  -17.015 -4.068  1.00 47.32 ? 733 HOH A O   1 
HETATM 1253 O O   . HOH B 2 .   ? -4.728  -14.811 0.785   1.00 20.42 ? 734 HOH A O   1 
HETATM 1254 O O   . HOH B 2 .   ? 7.442   0.926   9.190   1.00 18.92 ? 735 HOH A O   1 
HETATM 1255 O O   . HOH B 2 .   ? -11.332 0.068   -10.661 1.00 19.21 ? 736 HOH A O   1 
HETATM 1256 O O   . HOH B 2 .   ? 7.214   -16.882 2.304   1.00 27.55 ? 737 HOH A O   1 
HETATM 1257 O O   . HOH B 2 .   ? -9.471  -1.346  -15.343 1.00 23.50 ? 738 HOH A O   1 
HETATM 1258 O O   . HOH B 2 .   ? 4.607   -16.159 -5.802  1.00 21.78 ? 739 HOH A O   1 
HETATM 1259 O O   . HOH B 2 .   ? -9.502  0.384   -12.921 1.00 20.17 ? 740 HOH A O   1 
HETATM 1260 O O   . HOH B 2 .   ? -18.790 -6.388  -4.931  1.00 22.13 ? 741 HOH A O   1 
HETATM 1261 O O   . HOH B 2 .   ? 9.776   -7.762  -1.404  1.00 21.65 ? 742 HOH A O   1 
HETATM 1262 O O   . HOH B 2 .   ? 13.562  -1.341  -5.882  1.00 21.48 ? 743 HOH A O   1 
HETATM 1263 O O   . HOH B 2 .   ? 14.516  0.028   -10.381 1.00 27.56 ? 744 HOH A O   1 
HETATM 1264 O O   . HOH B 2 .   ? -15.943 5.091   -4.562  1.00 27.69 ? 745 HOH A O   1 
HETATM 1265 O O   . HOH B 2 .   ? 9.437   34.367  -8.682  1.00 27.62 ? 746 HOH A O   1 
HETATM 1266 O O   . HOH B 2 .   ? -22.053 1.083   1.963   1.00 27.41 ? 747 HOH A O   1 
HETATM 1267 O O   . HOH B 2 .   ? 14.150  18.704  3.863   1.00 25.29 ? 748 HOH A O   1 
HETATM 1268 O O   . HOH B 2 .   ? -1.012  -8.878  -12.070 1.00 30.97 ? 749 HOH A O   1 
HETATM 1269 O O   . HOH B 2 .   ? -4.011  19.865  14.837  1.00 31.03 ? 750 HOH A O   1 
HETATM 1270 O O   . HOH B 2 .   ? 6.887   32.582  -7.481  1.00 23.03 ? 751 HOH A O   1 
HETATM 1271 O O   . HOH B 2 .   ? -8.023  5.889   -9.572  1.00 26.96 ? 752 HOH A O   1 
HETATM 1272 O O   . HOH B 2 .   ? 12.811  -6.490  -6.046  1.00 33.52 ? 753 HOH A O   1 
HETATM 1273 O O   . HOH B 2 .   ? 10.920  0.854   8.308   1.00 29.67 ? 754 HOH A O   1 
HETATM 1274 O O   . HOH B 2 .   ? 1.511   -16.085 -2.570  1.00 32.08 ? 755 HOH A O   1 
HETATM 1275 O O   . HOH B 2 .   ? -0.981  10.412  -6.035  1.00 34.37 ? 756 HOH A O   1 
HETATM 1276 O O   . HOH B 2 .   ? 7.874   26.923  3.124   1.00 10.39 ? 757 HOH A O   1 
HETATM 1277 O O   . HOH B 2 .   ? -7.007  8.518   3.828   1.00 29.03 ? 758 HOH A O   1 
HETATM 1278 O O   . HOH B 2 .   ? 10.051  23.353  -5.547  1.00 17.48 ? 759 HOH A O   1 
HETATM 1279 O O   . HOH B 2 .   ? -2.988  1.742   2.745   1.00 16.14 ? 760 HOH A O   1 
HETATM 1280 O O   . HOH B 2 .   ? -2.710  15.652  -3.638  1.00 21.35 ? 761 HOH A O   1 
HETATM 1281 O O   . HOH B 2 .   ? -2.010  -15.262 -5.459  1.00 23.78 ? 762 HOH A O   1 
HETATM 1282 O O   . HOH B 2 .   ? 13.104  10.929  7.266   1.00 32.31 ? 763 HOH A O   1 
HETATM 1283 O O   . HOH B 2 .   ? 15.144  9.954   -1.836  1.00 35.40 ? 764 HOH A O   1 
HETATM 1284 O O   . HOH B 2 .   ? 7.786   7.151   8.566   1.00 24.42 ? 765 HOH A O   1 
HETATM 1285 O O   . HOH B 2 .   ? 0.437   14.167  16.264  1.00 26.39 ? 766 HOH A O   1 
HETATM 1286 O O   . HOH B 2 .   ? -12.948 2.682   -10.016 1.00 37.69 ? 767 HOH A O   1 
HETATM 1287 O O   . HOH B 2 .   ? 5.165   4.311   7.867   1.00 33.03 ? 768 HOH A O   1 
HETATM 1288 O O   . HOH B 2 .   ? -0.744  -2.506  10.327  1.00 27.02 ? 769 HOH A O   1 
HETATM 1289 O O   . HOH B 2 .   ? 12.921  -8.285  -1.346  1.00 36.72 ? 770 HOH A O   1 
HETATM 1290 O O   . HOH B 2 .   ? -20.136 -3.834  -3.367  1.00 35.98 ? 771 HOH A O   1 
HETATM 1291 O O   . HOH B 2 .   ? -6.007  -15.923 3.428   1.00 30.03 ? 772 HOH A O   1 
HETATM 1292 O O   . HOH B 2 .   ? 14.137  -6.313  6.053   1.00 29.35 ? 773 HOH A O   1 
HETATM 1293 O O   . HOH B 2 .   ? 9.224   -9.678  9.239   1.00 34.31 ? 774 HOH A O   1 
HETATM 1294 O O   . HOH B 2 .   ? 8.869   -2.345  -15.013 1.00 34.88 ? 775 HOH A O   1 
HETATM 1295 O O   . HOH B 2 .   ? 8.595   -15.981 4.941   1.00 25.94 ? 776 HOH A O   1 
HETATM 1296 O O   . HOH B 2 .   ? -0.296  1.229   4.427   1.00 22.41 ? 777 HOH A O   1 
HETATM 1297 O O   . HOH B 2 .   ? 1.842   -14.398 -5.333  1.00 48.06 ? 778 HOH A O   1 
HETATM 1298 O O   . HOH B 2 .   ? 0.213   -18.176 -0.497  1.00 27.03 ? 779 HOH A O   1 
HETATM 1299 O O   . HOH B 2 .   ? 4.795   -0.700  8.529   1.00 32.88 ? 780 HOH A O   1 
HETATM 1300 O O   . HOH B 2 .   ? -13.804 -2.942  -16.913 1.00 28.87 ? 781 HOH A O   1 
HETATM 1301 O O   . HOH B 2 .   ? 7.406   -14.180 7.349   1.00 41.36 ? 782 HOH A O   1 
HETATM 1302 O O   . HOH B 2 .   ? -0.594  6.603   -11.761 1.00 29.57 ? 783 HOH A O   1 
HETATM 1303 O O   . HOH B 2 .   ? 0.883   -6.314  -11.092 1.00 35.95 ? 784 HOH A O   1 
HETATM 1304 O O   . HOH B 2 .   ? 20.083  10.015  7.977   1.00 34.20 ? 785 HOH A O   1 
HETATM 1305 O O   . HOH B 2 .   ? -10.263 3.151   13.763  1.00 46.03 ? 786 HOH A O   1 
HETATM 1306 O O   . HOH B 2 .   ? 1.195   -11.153 -10.651 1.00 28.04 ? 787 HOH A O   1 
HETATM 1307 O O   . HOH B 2 .   ? -15.495 1.885   -13.015 1.00 45.89 ? 788 HOH A O   1 
HETATM 1308 O O   . HOH B 2 .   ? 6.174   -6.104  9.993   1.00 42.42 ? 789 HOH A O   1 
HETATM 1309 O O   . HOH B 2 .   ? -6.727  -0.952  -19.132 1.00 31.48 ? 790 HOH A O   1 
HETATM 1310 O O   . HOH B 2 .   ? 16.842  -5.294  4.625   1.00 41.94 ? 791 HOH A O   1 
HETATM 1311 O O   . HOH B 2 .   ? 12.967  29.154  -5.499  1.00 34.54 ? 792 HOH A O   1 
HETATM 1312 O O   . HOH B 2 .   ? 5.016   -5.726  17.417  1.00 48.85 ? 793 HOH A O   1 
HETATM 1313 O O   . HOH B 2 .   ? -9.441  -2.856  -18.431 1.00 44.91 ? 794 HOH A O   1 
HETATM 1314 O O   . HOH B 2 .   ? -5.549  -18.367 -11.067 1.00 39.81 ? 795 HOH A O   1 
HETATM 1315 O O   . HOH B 2 .   ? 16.535  -0.432  1.245   1.00 30.91 ? 796 HOH A O   1 
HETATM 1316 O O   . HOH B 2 .   ? -2.217  -12.047 14.520  1.00 33.21 ? 797 HOH A O   1 
HETATM 1317 O O   . HOH B 2 .   ? 9.485   -16.105 -0.086  1.00 31.03 ? 798 HOH A O   1 
HETATM 1318 O O   . HOH B 2 .   ? -0.845  -10.353 -14.877 1.00 36.59 ? 799 HOH A O   1 
HETATM 1319 O O   . HOH B 2 .   ? -17.302 4.764   -7.715  1.00 48.57 ? 800 HOH A O   1 
HETATM 1320 O O   . HOH B 2 .   ? -1.998  -0.505  -19.750 1.00 37.67 ? 801 HOH A O   1 
HETATM 1321 O O   . HOH B 2 .   ? -6.111  8.471   -11.641 1.00 42.31 ? 802 HOH A O   1 
# 
